data_1NGS
#
_entry.id   1NGS
#
_cell.length_a   76.500
_cell.length_b   113.300
_cell.length_c   160.900
_cell.angle_alpha   90.00
_cell.angle_beta   90.00
_cell.angle_gamma   90.00
#
_symmetry.space_group_name_H-M   'P 21 21 21'
#
loop_
_entity.id
_entity.type
_entity.pdbx_description
1 polymer TRANSKETOLASE
2 non-polymer 'CALCIUM ION'
3 non-polymer ERYTHOSE-4-PHOSPHATE
4 non-polymer 'THIAMINE DIPHOSPHATE'
5 water water
#
_entity_poly.entity_id   1
_entity_poly.type   'polypeptide(L)'
_entity_poly.pdbx_seq_one_letter_code
;MTQFTDIDKLAVSTIRILAVDTVSKANSGHPGAPLGMAPAAHVLWSQMRMNPTNPDWINRDRFVLSNGHAVALLYSMLHL
TGYDLSIEDLKQFRQLGSRTPGHPEFELPGVEVTTGPLGQGISNAVGMAMAQANLAATYNKPGFTLSDNYTYVFLGDGCL
QEGISSEASSLAGHLKLGNLIAIYDDNKITIDGATSISFDEDVAKRYEAYGWEVLYVENGNEDLAGIAKAIAQAKLSKDK
PTLIKMTTTIGYGSLHAGSHSVHGAPLKADDVKQLKSKFGFNPDKSFVVPQEVYDHYQKTILKPGVEANNKWNKLFSEYQ
KKFPELGAELARRLSGQLPANWESKLPTYTAKDSAVATRKLSETVLEDVYNQLPELIGGSADLTPSNLTRWKEALDFQPP
SSGSGNYSGRYIRYGIREHAMGAIMNGISAFGANYKPYGGTFLNFVSYAAGAVRLSALSGHPVIWVATHDSIGVGEDGPT
HQPIETLAHFRSLPNIQVWRPADGNEVSAAYKNSLESKHTPSIIALSRQNLPQLEGSSIESASKGGYVLQDVANPDIILV
ATGSEVSLSVEAAKTLAAKNIKARVVSLPDFFTFDKQPLEYRLSVLPDNVPIMSVEVLATTCWGKYAHQSFGIDRFGASG
KAPEVFKFFGFTPEGVAERAQKTIAFYKGDKLISPLKKAF
;
_entity_poly.pdbx_strand_id   A,B
#
# COMPACT_ATOMS: atom_id res chain seq x y z
N GLN A 3 3.27 2.06 44.87
CA GLN A 3 4.39 2.14 45.85
C GLN A 3 5.55 1.24 45.38
N PHE A 4 6.67 1.84 44.96
CA PHE A 4 7.81 1.06 44.47
C PHE A 4 8.98 1.02 45.43
N THR A 5 9.72 -0.07 45.39
CA THR A 5 10.88 -0.26 46.26
C THR A 5 12.14 -0.70 45.50
N ASP A 6 13.19 -1.02 46.24
CA ASP A 6 14.45 -1.45 45.69
C ASP A 6 14.36 -2.66 44.76
N ILE A 7 13.40 -3.53 45.01
CA ILE A 7 13.21 -4.71 44.19
C ILE A 7 12.68 -4.32 42.81
N ASP A 8 11.81 -3.32 42.78
CA ASP A 8 11.26 -2.79 41.55
C ASP A 8 12.41 -2.21 40.78
N LYS A 9 13.29 -1.52 41.49
CA LYS A 9 14.47 -0.95 40.86
C LYS A 9 15.46 -2.04 40.48
N LEU A 10 15.54 -3.14 41.23
CA LEU A 10 16.45 -4.21 40.85
C LEU A 10 15.89 -4.86 39.58
N ALA A 11 14.56 -5.01 39.52
CA ALA A 11 13.88 -5.61 38.36
C ALA A 11 14.14 -4.82 37.07
N VAL A 12 14.07 -3.50 37.15
CA VAL A 12 14.28 -2.65 35.98
C VAL A 12 15.69 -2.77 35.39
N SER A 13 16.71 -2.96 36.22
CA SER A 13 18.07 -3.07 35.70
C SER A 13 18.30 -4.43 35.05
N THR A 14 17.62 -5.44 35.58
CA THR A 14 17.70 -6.80 35.09
C THR A 14 17.14 -6.87 33.67
N ILE A 15 16.09 -6.09 33.43
CA ILE A 15 15.43 -6.01 32.12
C ILE A 15 16.32 -5.29 31.13
N ARG A 16 16.92 -4.17 31.56
CA ARG A 16 17.77 -3.41 30.65
C ARG A 16 19.01 -4.20 30.31
N ILE A 17 19.56 -4.90 31.29
CA ILE A 17 20.76 -5.66 31.02
C ILE A 17 20.47 -6.94 30.25
N LEU A 18 19.36 -7.60 30.56
CA LEU A 18 19.03 -8.84 29.85
C LEU A 18 18.84 -8.56 28.36
N ALA A 19 18.11 -7.50 28.05
CA ALA A 19 17.86 -7.09 26.67
C ALA A 19 19.15 -6.71 25.97
N VAL A 20 20.07 -6.05 26.69
CA VAL A 20 21.35 -5.65 26.12
C VAL A 20 22.20 -6.89 25.85
N ASP A 21 22.21 -7.83 26.79
CA ASP A 21 23.00 -9.06 26.64
C ASP A 21 22.55 -9.84 25.43
N THR A 22 21.24 -9.85 25.22
CA THR A 22 20.59 -10.54 24.11
C THR A 22 20.94 -9.91 22.75
N VAL A 23 21.04 -8.59 22.69
CA VAL A 23 21.38 -7.91 21.43
C VAL A 23 22.86 -8.09 21.12
N SER A 24 23.70 -7.98 22.14
CA SER A 24 25.12 -8.14 21.96
C SER A 24 25.51 -9.57 21.54
N LYS A 25 24.92 -10.58 22.18
CA LYS A 25 25.24 -11.97 21.81
C LYS A 25 24.92 -12.29 20.34
N ALA A 26 23.90 -11.65 19.79
CA ALA A 26 23.50 -11.88 18.39
C ALA A 26 24.29 -10.98 17.43
N ASN A 27 24.93 -9.97 18.00
CA ASN A 27 25.71 -8.99 17.25
C ASN A 27 24.85 -8.44 16.11
N SER A 28 23.57 -8.26 16.43
CA SER A 28 22.57 -7.73 15.51
C SER A 28 21.43 -7.35 16.42
N GLY A 29 20.84 -6.18 16.21
CA GLY A 29 19.74 -5.81 17.07
C GLY A 29 19.61 -4.37 17.46
N HIS A 30 18.51 -4.07 18.14
CA HIS A 30 18.18 -2.72 18.58
C HIS A 30 18.18 -2.61 20.08
N PRO A 31 19.23 -2.02 20.67
CA PRO A 31 19.39 -1.83 22.12
C PRO A 31 18.72 -0.58 22.70
N GLY A 32 18.64 0.48 21.88
CA GLY A 32 18.07 1.75 22.29
C GLY A 32 16.72 1.82 23.00
N ALA A 33 15.65 1.53 22.28
CA ALA A 33 14.30 1.58 22.85
C ALA A 33 14.14 0.66 24.06
N PRO A 34 14.62 -0.60 23.98
CA PRO A 34 14.49 -1.50 25.12
C PRO A 34 15.06 -0.88 26.40
N LEU A 35 16.16 -0.16 26.26
CA LEU A 35 16.81 0.51 27.39
C LEU A 35 16.01 1.69 27.93
N GLY A 36 15.31 2.39 27.05
CA GLY A 36 14.54 3.55 27.47
C GLY A 36 13.13 3.21 27.92
N MET A 37 12.61 2.11 27.40
CA MET A 37 11.27 1.68 27.74
C MET A 37 11.17 0.66 28.86
N ALA A 38 12.30 0.25 29.42
CA ALA A 38 12.30 -0.74 30.50
C ALA A 38 11.49 -0.33 31.73
N PRO A 39 11.66 0.91 32.23
CA PRO A 39 10.88 1.29 33.40
C PRO A 39 9.36 1.17 33.14
N ALA A 40 8.93 1.62 31.96
CA ALA A 40 7.52 1.57 31.58
C ALA A 40 7.00 0.13 31.54
N ALA A 41 7.80 -0.76 30.98
CA ALA A 41 7.42 -2.18 30.88
C ALA A 41 7.21 -2.74 32.28
N HIS A 42 8.21 -2.59 33.14
CA HIS A 42 8.10 -3.09 34.49
C HIS A 42 6.79 -2.60 35.13
N VAL A 43 6.60 -1.30 35.16
CA VAL A 43 5.41 -0.71 35.74
C VAL A 43 4.10 -1.24 35.13
N LEU A 44 4.04 -1.24 33.81
CA LEU A 44 2.87 -1.71 33.08
C LEU A 44 2.53 -3.20 33.29
N TRP A 45 3.50 -4.06 33.02
CA TRP A 45 3.32 -5.51 33.17
C TRP A 45 2.92 -5.90 34.58
N SER A 46 3.47 -5.20 35.56
CA SER A 46 3.18 -5.48 36.95
C SER A 46 1.73 -5.23 37.32
N GLN A 47 1.11 -4.39 36.52
CA GLN A 47 -0.24 -3.96 36.74
C GLN A 47 -1.26 -4.61 35.75
N MET A 48 -0.76 -5.45 34.84
CA MET A 48 -1.59 -6.17 33.87
C MET A 48 -2.15 -7.49 34.42
N ARG A 49 -3.37 -7.81 34.04
CA ARG A 49 -4.04 -9.03 34.46
C ARG A 49 -3.81 -10.05 33.35
N MET A 50 -2.95 -11.02 33.63
CA MET A 50 -2.59 -12.03 32.65
C MET A 50 -2.10 -13.27 33.34
N ASN A 51 -2.29 -14.40 32.67
CA ASN A 51 -1.87 -15.67 33.20
C ASN A 51 -0.75 -16.21 32.31
N PRO A 52 0.52 -16.01 32.73
CA PRO A 52 1.62 -16.51 31.89
C PRO A 52 1.48 -18.01 31.54
N THR A 53 0.70 -18.76 32.33
CA THR A 53 0.48 -20.19 32.07
C THR A 53 -0.68 -20.48 31.13
N ASN A 54 -1.43 -19.45 30.78
CA ASN A 54 -2.51 -19.56 29.80
C ASN A 54 -2.55 -18.25 29.04
N PRO A 55 -1.71 -18.11 28.00
CA PRO A 55 -1.66 -16.89 27.19
C PRO A 55 -2.86 -16.72 26.29
N ASP A 56 -3.80 -17.67 26.38
CA ASP A 56 -5.03 -17.69 25.59
C ASP A 56 -6.28 -17.27 26.36
N TRP A 57 -6.16 -17.09 27.68
CA TRP A 57 -7.29 -16.66 28.49
C TRP A 57 -7.95 -15.49 27.75
N ILE A 58 -9.22 -15.62 27.41
CA ILE A 58 -9.89 -14.59 26.71
C ILE A 58 -9.97 -13.19 27.39
N ASN A 59 -10.03 -13.20 28.70
CA ASN A 59 -10.14 -11.95 29.42
C ASN A 59 -8.82 -11.41 29.97
N ARG A 60 -7.74 -11.79 29.30
CA ARG A 60 -6.41 -11.34 29.67
C ARG A 60 -6.24 -9.91 29.17
N ASP A 61 -5.53 -9.08 29.94
CA ASP A 61 -5.22 -7.72 29.50
C ASP A 61 -4.25 -8.00 28.33
N ARG A 62 -4.39 -7.27 27.22
CA ARG A 62 -3.53 -7.49 26.05
C ARG A 62 -2.49 -6.39 25.84
N PHE A 63 -1.28 -6.78 25.41
CA PHE A 63 -0.21 -5.82 25.21
C PHE A 63 0.42 -5.94 23.82
N VAL A 64 0.48 -4.83 23.10
CA VAL A 64 1.07 -4.83 21.77
C VAL A 64 2.34 -3.98 21.72
N LEU A 65 3.40 -4.53 21.14
CA LEU A 65 4.63 -3.76 21.01
C LEU A 65 4.60 -3.24 19.56
N SER A 66 3.98 -2.10 19.33
CA SER A 66 3.91 -1.56 17.97
C SER A 66 5.31 -1.33 17.37
N ASN A 67 6.22 -0.78 18.16
CA ASN A 67 7.60 -0.55 17.73
C ASN A 67 8.36 -1.88 17.87
N GLY A 68 8.02 -2.81 16.99
CA GLY A 68 8.59 -4.15 16.99
C GLY A 68 10.10 -4.35 17.10
N HIS A 69 10.86 -3.41 16.56
CA HIS A 69 12.31 -3.49 16.60
C HIS A 69 12.83 -3.64 18.02
N ALA A 70 12.03 -3.20 18.99
CA ALA A 70 12.39 -3.30 20.40
C ALA A 70 12.11 -4.68 20.99
N VAL A 71 11.96 -5.72 20.16
CA VAL A 71 11.66 -7.07 20.67
C VAL A 71 12.44 -7.56 21.87
N ALA A 72 13.73 -7.23 21.94
CA ALA A 72 14.56 -7.68 23.05
C ALA A 72 13.89 -7.34 24.38
N LEU A 73 13.12 -6.24 24.42
CA LEU A 73 12.38 -5.87 25.64
C LEU A 73 11.22 -6.86 25.82
N LEU A 74 10.50 -7.14 24.73
CA LEU A 74 9.36 -8.05 24.84
C LEU A 74 9.79 -9.45 25.28
N TYR A 75 10.86 -9.96 24.68
CA TYR A 75 11.37 -11.27 25.03
C TYR A 75 11.86 -11.33 26.48
N SER A 76 12.52 -10.26 26.94
CA SER A 76 12.99 -10.23 28.32
C SER A 76 11.80 -10.38 29.28
N MET A 77 10.75 -9.58 29.08
CA MET A 77 9.56 -9.61 29.92
C MET A 77 8.93 -10.99 29.95
N LEU A 78 8.82 -11.61 28.78
CA LEU A 78 8.22 -12.93 28.64
C LEU A 78 8.94 -13.96 29.50
N HIS A 79 10.26 -13.90 29.50
CA HIS A 79 11.00 -14.86 30.28
C HIS A 79 10.86 -14.57 31.76
N LEU A 80 11.09 -13.32 32.13
CA LEU A 80 11.03 -12.92 33.53
C LEU A 80 9.70 -13.16 34.22
N THR A 81 8.60 -12.89 33.53
CA THR A 81 7.27 -13.05 34.11
C THR A 81 6.71 -14.49 34.05
N GLY A 82 7.51 -15.41 33.52
CA GLY A 82 7.07 -16.79 33.47
C GLY A 82 6.41 -17.43 32.26
N TYR A 83 6.56 -16.83 31.07
CA TYR A 83 6.00 -17.44 29.87
C TYR A 83 6.99 -18.51 29.41
N ASP A 84 6.63 -19.19 28.33
CA ASP A 84 7.48 -20.25 27.80
C ASP A 84 8.64 -19.65 27.00
N LEU A 85 9.61 -19.07 27.68
CA LEU A 85 10.75 -18.50 27.00
C LEU A 85 11.95 -18.60 27.92
N SER A 86 12.93 -19.42 27.56
CA SER A 86 14.10 -19.59 28.41
C SER A 86 15.29 -18.76 28.02
N ILE A 87 16.28 -18.72 28.92
CA ILE A 87 17.50 -17.98 28.68
C ILE A 87 18.17 -18.56 27.46
N GLU A 88 17.99 -19.86 27.26
CA GLU A 88 18.61 -20.48 26.10
C GLU A 88 17.98 -19.89 24.85
N ASP A 89 16.66 -19.70 24.88
CA ASP A 89 15.99 -19.12 23.73
C ASP A 89 16.52 -17.72 23.45
N LEU A 90 16.71 -16.93 24.49
CA LEU A 90 17.20 -15.57 24.32
C LEU A 90 18.62 -15.57 23.73
N LYS A 91 19.40 -16.60 24.07
CA LYS A 91 20.77 -16.72 23.58
C LYS A 91 20.88 -17.07 22.10
N GLN A 92 19.74 -17.30 21.46
CA GLN A 92 19.70 -17.62 20.02
C GLN A 92 18.85 -16.61 19.29
N PHE A 93 18.78 -15.40 19.84
CA PHE A 93 18.02 -14.30 19.27
C PHE A 93 18.57 -14.09 17.87
N ARG A 94 17.67 -13.86 16.91
CA ARG A 94 18.03 -13.64 15.51
C ARG A 94 18.78 -14.75 14.79
N GLN A 95 18.85 -15.92 15.41
CA GLN A 95 19.52 -17.09 14.84
C GLN A 95 18.57 -17.98 14.08
N LEU A 96 19.04 -18.49 12.94
CA LEU A 96 18.21 -19.35 12.09
C LEU A 96 17.62 -20.52 12.87
N GLY A 97 16.30 -20.51 13.00
CA GLY A 97 15.58 -21.57 13.69
C GLY A 97 15.18 -21.34 15.14
N SER A 98 15.62 -20.24 15.72
CA SER A 98 15.30 -19.94 17.11
C SER A 98 13.84 -19.55 17.30
N ARG A 99 13.41 -19.46 18.56
CA ARG A 99 12.05 -19.03 18.87
C ARG A 99 12.12 -17.53 19.14
N THR A 100 13.31 -17.00 18.91
CA THR A 100 13.59 -15.60 19.15
C THR A 100 14.05 -14.85 17.88
N PRO A 101 13.14 -14.68 16.90
CA PRO A 101 13.44 -13.98 15.64
C PRO A 101 13.67 -12.48 15.85
N GLY A 102 14.24 -11.82 14.85
CA GLY A 102 14.52 -10.39 14.90
C GLY A 102 13.36 -9.44 15.16
N HIS A 103 12.13 -9.91 14.91
CA HIS A 103 10.91 -9.12 15.14
C HIS A 103 9.82 -10.06 15.66
N PRO A 104 8.99 -9.58 16.61
CA PRO A 104 7.95 -10.44 17.17
C PRO A 104 6.96 -11.03 16.15
N GLU A 105 6.68 -12.32 16.31
CA GLU A 105 5.76 -13.05 15.44
C GLU A 105 4.62 -13.65 16.24
N PHE A 106 3.39 -13.34 15.81
CA PHE A 106 2.10 -13.82 16.37
C PHE A 106 2.18 -15.21 16.97
N GLU A 107 2.81 -16.06 16.18
CA GLU A 107 3.03 -17.47 16.42
C GLU A 107 3.52 -17.87 17.81
N LEU A 108 4.29 -17.00 18.47
CA LEU A 108 4.83 -17.33 19.80
C LEU A 108 3.89 -17.00 20.92
N PRO A 109 3.83 -17.71 22.03
CA PRO A 109 2.93 -17.41 23.14
C PRO A 109 3.36 -16.12 23.86
N GLY A 110 2.42 -15.21 24.06
CA GLY A 110 2.78 -13.96 24.70
C GLY A 110 2.92 -12.87 23.66
N VAL A 111 3.07 -13.25 22.39
CA VAL A 111 3.17 -12.28 21.30
C VAL A 111 1.80 -12.28 20.64
N GLU A 112 1.10 -11.15 20.80
CA GLU A 112 -0.27 -10.97 20.32
C GLU A 112 -0.49 -10.75 18.83
N VAL A 113 0.52 -10.25 18.13
CA VAL A 113 0.44 -10.00 16.70
C VAL A 113 1.89 -9.85 16.21
N THR A 114 2.12 -10.04 14.92
CA THR A 114 3.50 -9.87 14.42
C THR A 114 3.67 -8.42 14.03
N THR A 115 4.82 -7.86 14.40
CA THR A 115 5.15 -6.49 14.09
C THR A 115 6.59 -6.41 13.59
N GLY A 116 6.94 -5.27 13.03
CA GLY A 116 8.24 -5.05 12.43
C GLY A 116 7.90 -3.84 11.60
N PRO A 117 6.91 -3.96 10.68
CA PRO A 117 6.47 -2.86 9.83
C PRO A 117 5.84 -1.82 10.76
N LEU A 118 6.34 -0.60 10.71
CA LEU A 118 5.83 0.44 11.59
C LEU A 118 4.39 0.81 11.25
N GLY A 119 3.65 1.18 12.31
CA GLY A 119 2.27 1.59 12.16
C GLY A 119 1.22 0.51 12.32
N GLN A 120 1.63 -0.75 12.19
CA GLN A 120 0.74 -1.92 12.28
C GLN A 120 0.24 -2.32 13.65
N GLY A 121 1.11 -2.31 14.65
CA GLY A 121 0.69 -2.69 15.99
C GLY A 121 -0.33 -1.80 16.69
N ILE A 122 -0.24 -0.49 16.50
CA ILE A 122 -1.19 0.43 17.13
C ILE A 122 -2.57 0.23 16.51
N SER A 123 -2.59 0.05 15.19
CA SER A 123 -3.84 -0.17 14.47
C SER A 123 -4.43 -1.55 14.83
N ASN A 124 -3.58 -2.56 15.02
CA ASN A 124 -4.07 -3.89 15.42
C ASN A 124 -4.73 -3.78 16.78
N ALA A 125 -4.07 -3.07 17.70
CA ALA A 125 -4.62 -2.92 19.05
C ALA A 125 -5.99 -2.26 19.04
N VAL A 126 -6.27 -1.45 18.01
CA VAL A 126 -7.56 -0.79 17.89
C VAL A 126 -8.60 -1.86 17.59
N GLY A 127 -8.28 -2.78 16.69
CA GLY A 127 -9.21 -3.84 16.38
C GLY A 127 -9.46 -4.68 17.63
N MET A 128 -8.40 -4.94 18.39
CA MET A 128 -8.52 -5.74 19.61
C MET A 128 -9.49 -5.11 20.63
N ALA A 129 -9.50 -3.79 20.71
CA ALA A 129 -10.36 -3.07 21.65
C ALA A 129 -11.82 -3.02 21.17
N MET A 130 -11.99 -3.00 19.86
CA MET A 130 -13.32 -3.00 19.23
C MET A 130 -13.91 -4.37 19.50
N ALA A 131 -13.11 -5.41 19.29
CA ALA A 131 -13.54 -6.77 19.52
C ALA A 131 -13.91 -6.99 21.00
N GLN A 132 -13.18 -6.36 21.93
CA GLN A 132 -13.50 -6.49 23.37
C GLN A 132 -14.85 -5.82 23.61
N ALA A 133 -14.99 -4.60 23.11
CA ALA A 133 -16.23 -3.85 23.28
C ALA A 133 -17.40 -4.67 22.79
N ASN A 134 -17.21 -5.37 21.67
CA ASN A 134 -18.28 -6.18 21.12
C ASN A 134 -18.59 -7.39 21.99
N LEU A 135 -17.54 -8.10 22.42
CA LEU A 135 -17.73 -9.28 23.25
C LEU A 135 -18.48 -8.96 24.51
N ALA A 136 -18.02 -7.93 25.23
CA ALA A 136 -18.64 -7.52 26.48
C ALA A 136 -20.11 -7.12 26.33
N ALA A 137 -20.42 -6.39 25.26
CA ALA A 137 -21.80 -5.96 25.03
C ALA A 137 -22.73 -7.10 24.63
N THR A 138 -22.14 -8.19 24.13
CA THR A 138 -22.91 -9.33 23.68
C THR A 138 -23.12 -10.43 24.75
N TYR A 139 -22.14 -10.65 25.62
CA TYR A 139 -22.27 -11.70 26.63
C TYR A 139 -22.38 -11.27 28.07
N ASN A 140 -21.81 -10.11 28.41
CA ASN A 140 -21.91 -9.64 29.76
C ASN A 140 -23.35 -9.53 30.15
N LYS A 141 -23.64 -9.98 31.36
CA LYS A 141 -24.97 -9.95 31.91
C LYS A 141 -24.76 -9.47 33.34
N PRO A 142 -25.78 -8.85 33.94
CA PRO A 142 -25.56 -8.39 35.32
C PRO A 142 -25.26 -9.55 36.24
N GLY A 143 -24.09 -9.46 36.88
CA GLY A 143 -23.62 -10.49 37.77
C GLY A 143 -22.49 -11.23 37.09
N PHE A 144 -22.47 -11.17 35.76
CA PHE A 144 -21.45 -11.84 34.97
C PHE A 144 -20.68 -10.94 34.04
N THR A 145 -19.60 -10.36 34.54
CA THR A 145 -18.76 -9.51 33.72
C THR A 145 -17.67 -10.43 33.17
N LEU A 146 -18.01 -11.11 32.08
CA LEU A 146 -17.11 -12.05 31.42
C LEU A 146 -16.00 -11.37 30.64
N SER A 147 -16.26 -10.14 30.20
CA SER A 147 -15.28 -9.38 29.43
C SER A 147 -15.10 -7.96 29.91
N ASP A 148 -13.85 -7.61 30.21
CA ASP A 148 -13.51 -6.26 30.63
C ASP A 148 -12.01 -5.95 30.55
N ASN A 149 -11.26 -6.71 29.76
CA ASN A 149 -9.82 -6.47 29.66
C ASN A 149 -9.42 -5.14 28.98
N TYR A 150 -8.18 -4.71 29.25
CA TYR A 150 -7.62 -3.49 28.65
C TYR A 150 -6.68 -3.88 27.52
N THR A 151 -6.40 -2.94 26.63
CA THR A 151 -5.49 -3.14 25.50
C THR A 151 -4.39 -2.06 25.57
N TYR A 152 -3.19 -2.49 25.93
CA TYR A 152 -2.02 -1.64 26.07
C TYR A 152 -1.12 -1.70 24.84
N VAL A 153 -0.48 -0.58 24.51
CA VAL A 153 0.38 -0.50 23.33
C VAL A 153 1.57 0.39 23.64
N PHE A 154 2.71 0.04 23.05
CA PHE A 154 3.96 0.80 23.16
C PHE A 154 4.22 1.28 21.74
N LEU A 155 4.55 2.55 21.56
CA LEU A 155 4.82 3.04 20.21
C LEU A 155 5.89 4.11 20.14
N GLY A 156 6.50 4.28 18.97
CA GLY A 156 7.53 5.26 18.81
C GLY A 156 7.21 6.33 17.79
N ASP A 157 8.18 7.16 17.49
CA ASP A 157 7.96 8.22 16.53
C ASP A 157 7.65 7.65 15.14
N GLY A 158 8.25 6.52 14.80
CA GLY A 158 8.01 5.89 13.51
C GLY A 158 6.56 5.50 13.30
N CYS A 159 5.96 4.90 14.33
CA CYS A 159 4.55 4.49 14.26
C CYS A 159 3.64 5.71 14.08
N LEU A 160 3.98 6.82 14.72
CA LEU A 160 3.20 8.05 14.64
C LEU A 160 3.37 8.79 13.33
N GLN A 161 4.38 8.42 12.55
CA GLN A 161 4.61 9.06 11.26
C GLN A 161 3.89 8.39 10.11
N GLU A 162 3.63 7.10 10.24
CA GLU A 162 2.94 6.30 9.23
C GLU A 162 1.44 6.60 9.18
N GLY A 163 0.93 6.90 7.98
CA GLY A 163 -0.47 7.25 7.83
C GLY A 163 -1.48 6.30 8.43
N ILE A 164 -1.14 5.01 8.48
CA ILE A 164 -2.04 3.99 9.01
C ILE A 164 -2.42 4.17 10.47
N SER A 165 -1.49 4.70 11.27
CA SER A 165 -1.79 4.90 12.67
C SER A 165 -2.69 6.12 12.79
N SER A 166 -2.60 7.04 11.84
CA SER A 166 -3.48 8.21 11.88
C SER A 166 -4.89 7.73 11.56
N GLU A 167 -5.03 6.93 10.51
CA GLU A 167 -6.35 6.40 10.14
C GLU A 167 -6.99 5.71 11.35
N ALA A 168 -6.25 4.78 11.97
CA ALA A 168 -6.72 4.04 13.14
C ALA A 168 -7.03 4.89 14.36
N SER A 169 -6.23 5.91 14.62
CA SER A 169 -6.44 6.80 15.77
C SER A 169 -7.66 7.68 15.55
N SER A 170 -7.92 8.02 14.30
CA SER A 170 -9.08 8.82 13.96
C SER A 170 -10.30 7.98 14.30
N LEU A 171 -10.30 6.76 13.79
CA LEU A 171 -11.37 5.80 14.02
C LEU A 171 -11.50 5.50 15.52
N ALA A 172 -10.38 5.18 16.17
CA ALA A 172 -10.34 4.88 17.60
C ALA A 172 -11.06 5.94 18.44
N GLY A 173 -10.79 7.21 18.11
CA GLY A 173 -11.42 8.32 18.82
C GLY A 173 -12.90 8.42 18.52
N HIS A 174 -13.30 8.16 17.26
CA HIS A 174 -14.72 8.24 16.94
C HIS A 174 -15.49 7.19 17.72
N LEU A 175 -14.92 6.00 17.81
CA LEU A 175 -15.58 4.92 18.53
C LEU A 175 -15.52 5.01 20.03
N LYS A 176 -14.75 5.97 20.52
CA LYS A 176 -14.62 6.21 21.95
C LYS A 176 -14.14 4.98 22.73
N LEU A 177 -13.05 4.39 22.26
CA LEU A 177 -12.49 3.18 22.87
C LEU A 177 -11.66 3.46 24.11
N GLY A 178 -12.31 3.78 25.22
CA GLY A 178 -11.63 4.11 26.47
C GLY A 178 -10.71 3.10 27.16
N ASN A 179 -10.80 1.84 26.75
CA ASN A 179 -9.98 0.77 27.31
C ASN A 179 -8.65 0.58 26.54
N LEU A 180 -8.45 1.40 25.50
CA LEU A 180 -7.24 1.36 24.68
C LEU A 180 -6.31 2.42 25.24
N ILE A 181 -5.16 1.98 25.74
CA ILE A 181 -4.14 2.83 26.35
C ILE A 181 -2.82 2.63 25.62
N ALA A 182 -2.32 3.71 25.05
CA ALA A 182 -1.08 3.72 24.30
C ALA A 182 -0.03 4.56 25.02
N ILE A 183 1.17 4.01 25.20
CA ILE A 183 2.28 4.69 25.85
C ILE A 183 3.30 4.97 24.75
N TYR A 184 3.54 6.25 24.50
CA TYR A 184 4.45 6.70 23.45
C TYR A 184 5.86 7.04 23.93
N ASP A 185 6.82 6.36 23.33
CA ASP A 185 8.24 6.52 23.59
C ASP A 185 8.72 7.79 22.90
N ASP A 186 8.58 8.90 23.61
CA ASP A 186 8.98 10.20 23.07
C ASP A 186 10.45 10.43 23.37
N ASN A 187 11.32 9.84 22.56
CA ASN A 187 12.76 9.97 22.77
C ASN A 187 13.54 10.92 21.87
N LYS A 188 12.87 11.53 20.91
CA LYS A 188 13.49 12.50 20.00
C LYS A 188 14.49 11.97 18.98
N ILE A 189 14.49 10.66 18.76
CA ILE A 189 15.45 10.06 17.83
C ILE A 189 14.78 9.02 16.95
N THR A 190 15.23 8.96 15.70
CA THR A 190 14.79 7.97 14.74
C THR A 190 16.08 7.64 13.98
N ILE A 191 16.02 6.77 12.98
CA ILE A 191 17.21 6.40 12.24
C ILE A 191 18.05 7.55 11.65
N ASP A 192 17.43 8.43 10.86
CA ASP A 192 18.15 9.55 10.24
C ASP A 192 18.77 10.50 11.24
N GLY A 193 18.20 10.56 12.44
CA GLY A 193 18.74 11.46 13.43
C GLY A 193 17.66 12.00 14.33
N ALA A 194 17.75 13.29 14.65
CA ALA A 194 16.78 13.94 15.52
C ALA A 194 15.43 14.12 14.83
N THR A 195 14.34 14.05 15.60
CA THR A 195 13.01 14.19 15.03
C THR A 195 12.79 15.53 14.36
N SER A 196 13.31 16.60 14.95
CA SER A 196 13.14 17.93 14.39
C SER A 196 13.55 18.06 12.92
N ILE A 197 14.32 17.09 12.44
CA ILE A 197 14.77 17.08 11.08
C ILE A 197 13.63 16.80 10.10
N SER A 198 12.52 16.27 10.61
CA SER A 198 11.40 15.97 9.73
C SER A 198 10.09 15.69 10.44
N PHE A 199 10.08 15.73 11.76
CA PHE A 199 8.87 15.41 12.52
C PHE A 199 8.80 16.36 13.71
N ASP A 200 8.29 17.56 13.49
CA ASP A 200 8.19 18.52 14.58
C ASP A 200 6.76 18.97 14.92
N GLU A 201 5.81 18.14 14.53
CA GLU A 201 4.39 18.40 14.78
C GLU A 201 3.99 18.24 16.26
N ASP A 202 2.83 18.78 16.61
CA ASP A 202 2.33 18.67 17.97
C ASP A 202 1.45 17.42 18.05
N VAL A 203 2.04 16.30 18.45
CA VAL A 203 1.34 15.01 18.57
C VAL A 203 0.20 15.11 19.58
N ALA A 204 0.48 15.75 20.71
CA ALA A 204 -0.52 15.92 21.76
C ALA A 204 -1.77 16.60 21.22
N LYS A 205 -1.57 17.69 20.49
CA LYS A 205 -2.70 18.43 19.94
C LYS A 205 -3.39 17.67 18.82
N ARG A 206 -2.63 16.91 18.06
CA ARG A 206 -3.22 16.15 16.98
C ARG A 206 -4.09 15.04 17.54
N TYR A 207 -3.65 14.43 18.64
CA TYR A 207 -4.42 13.34 19.23
C TYR A 207 -5.71 13.78 19.94
N GLU A 208 -5.72 14.99 20.50
CA GLU A 208 -6.89 15.54 21.17
C GLU A 208 -7.96 15.84 20.11
N ALA A 209 -7.50 16.21 18.92
CA ALA A 209 -8.38 16.49 17.80
C ALA A 209 -9.13 15.22 17.36
N TYR A 210 -8.56 14.04 17.62
CA TYR A 210 -9.19 12.76 17.28
C TYR A 210 -10.23 12.38 18.31
N GLY A 211 -10.12 12.96 19.49
CA GLY A 211 -11.07 12.66 20.54
C GLY A 211 -10.40 11.86 21.65
N TRP A 212 -9.08 11.74 21.56
CA TRP A 212 -8.27 11.01 22.53
C TRP A 212 -7.91 11.90 23.73
N GLU A 213 -7.52 11.26 24.81
CA GLU A 213 -7.09 11.91 26.04
C GLU A 213 -5.57 11.80 26.01
N VAL A 214 -4.86 12.86 26.36
CA VAL A 214 -3.40 12.79 26.38
C VAL A 214 -2.88 13.15 27.76
N LEU A 215 -2.05 12.27 28.29
CA LEU A 215 -1.42 12.45 29.59
C LEU A 215 0.06 12.55 29.28
N TYR A 216 0.84 13.12 30.19
CA TYR A 216 2.27 13.24 29.93
C TYR A 216 3.05 12.71 31.10
N VAL A 217 4.24 12.18 30.84
CA VAL A 217 5.17 11.67 31.87
C VAL A 217 6.47 12.32 31.45
N GLU A 218 6.95 13.30 32.21
CA GLU A 218 8.19 13.92 31.78
C GLU A 218 9.47 13.11 32.05
N ASN A 219 9.51 12.31 33.12
CA ASN A 219 10.70 11.53 33.38
C ASN A 219 10.52 10.02 33.27
N GLY A 220 10.37 9.54 32.04
CA GLY A 220 10.18 8.12 31.82
C GLY A 220 11.41 7.28 32.10
N ASN A 221 12.57 7.92 32.28
CA ASN A 221 13.82 7.22 32.55
C ASN A 221 13.88 6.75 34.01
N GLU A 222 13.14 7.39 34.91
CA GLU A 222 13.21 7.01 36.32
C GLU A 222 11.96 7.15 37.18
N ASP A 223 10.97 7.90 36.71
CA ASP A 223 9.76 8.15 37.49
C ASP A 223 8.75 7.00 37.48
N LEU A 224 9.03 5.95 38.25
CA LEU A 224 8.14 4.80 38.28
C LEU A 224 6.75 5.13 38.79
N ALA A 225 6.67 5.97 39.81
CA ALA A 225 5.37 6.33 40.36
C ALA A 225 4.62 7.25 39.41
N GLY A 226 5.35 8.01 38.61
CA GLY A 226 4.71 8.91 37.67
C GLY A 226 4.09 8.11 36.54
N ILE A 227 4.82 7.12 36.06
CA ILE A 227 4.32 6.25 34.98
C ILE A 227 3.10 5.53 35.54
N ALA A 228 3.21 5.08 36.79
CA ALA A 228 2.12 4.36 37.46
C ALA A 228 0.85 5.19 37.56
N LYS A 229 1.01 6.49 37.82
CA LYS A 229 -0.11 7.41 37.97
C LYS A 229 -0.78 7.71 36.63
N ALA A 230 0.03 7.82 35.59
CA ALA A 230 -0.45 8.10 34.25
C ALA A 230 -1.24 6.92 33.73
N ILE A 231 -0.79 5.70 34.03
CA ILE A 231 -1.52 4.54 33.59
C ILE A 231 -2.84 4.44 34.35
N ALA A 232 -2.80 4.72 35.65
CA ALA A 232 -3.99 4.68 36.51
C ALA A 232 -5.04 5.68 36.05
N GLN A 233 -4.62 6.92 35.80
CA GLN A 233 -5.54 7.94 35.37
C GLN A 233 -6.11 7.57 34.01
N ALA A 234 -5.25 6.96 33.20
CA ALA A 234 -5.62 6.51 31.87
C ALA A 234 -6.79 5.54 31.96
N LYS A 235 -6.80 4.68 32.98
CA LYS A 235 -7.86 3.69 33.13
C LYS A 235 -9.20 4.28 33.54
N LEU A 236 -9.19 5.53 33.96
CA LEU A 236 -10.44 6.18 34.35
C LEU A 236 -11.16 6.72 33.10
N SER A 237 -10.40 6.97 32.03
CA SER A 237 -10.86 7.46 30.70
C SER A 237 -11.82 6.44 30.07
N LYS A 238 -13.06 6.32 30.54
CA LYS A 238 -13.95 5.32 29.96
C LYS A 238 -14.37 5.54 28.51
N ASP A 239 -14.69 6.79 28.17
CA ASP A 239 -15.15 7.12 26.82
C ASP A 239 -14.12 7.78 25.89
N LYS A 240 -12.86 7.68 26.27
CA LYS A 240 -11.76 8.24 25.49
C LYS A 240 -10.55 7.34 25.52
N PRO A 241 -9.98 7.05 24.34
CA PRO A 241 -8.79 6.21 24.36
C PRO A 241 -7.69 7.14 24.87
N THR A 242 -6.67 6.59 25.54
CA THR A 242 -5.62 7.45 26.08
C THR A 242 -4.23 7.32 25.46
N LEU A 243 -3.55 8.45 25.25
CA LEU A 243 -2.17 8.45 24.76
C LEU A 243 -1.39 9.07 25.92
N ILE A 244 -0.32 8.40 26.32
CA ILE A 244 0.53 8.89 27.39
C ILE A 244 1.85 9.20 26.71
N LYS A 245 2.14 10.48 26.54
CA LYS A 245 3.38 10.90 25.91
C LYS A 245 4.45 10.89 26.99
N MET A 246 5.19 9.79 27.05
CA MET A 246 6.24 9.61 28.03
C MET A 246 7.61 9.87 27.44
N THR A 247 8.29 10.88 27.95
CA THR A 247 9.61 11.24 27.47
C THR A 247 10.72 10.37 28.10
N THR A 248 11.62 9.86 27.26
CA THR A 248 12.73 9.02 27.69
C THR A 248 13.97 9.37 26.90
N THR A 249 15.06 8.68 27.19
CA THR A 249 16.32 8.87 26.50
C THR A 249 16.71 7.54 25.85
N ILE A 250 16.81 7.55 24.52
CA ILE A 250 17.16 6.35 23.77
C ILE A 250 18.51 5.85 24.28
N GLY A 251 18.60 4.56 24.61
CA GLY A 251 19.84 3.98 25.08
C GLY A 251 20.30 4.36 26.48
N TYR A 252 19.36 4.78 27.32
CA TYR A 252 19.61 5.18 28.69
C TYR A 252 20.61 4.27 29.41
N GLY A 253 21.67 4.86 29.96
CA GLY A 253 22.68 4.08 30.65
C GLY A 253 23.91 3.87 29.79
N SER A 254 23.69 3.82 28.48
CA SER A 254 24.77 3.64 27.53
C SER A 254 25.64 4.89 27.49
N LEU A 255 26.86 4.68 27.03
CA LEU A 255 27.86 5.71 26.87
C LEU A 255 27.42 6.63 25.75
N HIS A 256 26.58 6.11 24.85
CA HIS A 256 26.08 6.88 23.70
C HIS A 256 24.57 7.07 23.74
N ALA A 257 24.06 7.28 24.95
CA ALA A 257 22.66 7.49 25.21
C ALA A 257 22.21 8.81 24.61
N GLY A 258 21.05 8.80 23.93
CA GLY A 258 20.54 10.01 23.31
C GLY A 258 21.00 10.18 21.88
N SER A 259 21.86 9.28 21.43
CA SER A 259 22.38 9.32 20.07
C SER A 259 21.65 8.29 19.24
N HIS A 260 21.52 8.57 17.94
CA HIS A 260 20.84 7.63 17.06
C HIS A 260 21.74 6.43 16.76
N SER A 261 22.97 6.47 17.26
CA SER A 261 23.90 5.38 17.07
C SER A 261 23.48 4.17 17.90
N VAL A 262 22.71 4.42 18.95
CA VAL A 262 22.24 3.36 19.82
C VAL A 262 20.87 2.84 19.35
N HIS A 263 20.38 3.31 18.21
CA HIS A 263 19.09 2.83 17.71
C HIS A 263 19.13 1.37 17.25
N GLY A 264 19.99 1.05 16.28
CA GLY A 264 20.01 -0.31 15.78
C GLY A 264 21.31 -1.09 15.66
N ALA A 265 22.19 -0.95 16.65
CA ALA A 265 23.47 -1.66 16.65
C ALA A 265 23.78 -2.14 18.06
N PRO A 266 24.39 -3.33 18.19
CA PRO A 266 24.71 -3.81 19.53
C PRO A 266 25.70 -2.85 20.18
N LEU A 267 25.50 -2.54 21.44
CA LEU A 267 26.41 -1.63 22.13
C LEU A 267 27.84 -2.22 22.16
N LYS A 268 28.85 -1.35 22.16
CA LYS A 268 30.25 -1.80 22.20
C LYS A 268 30.52 -2.44 23.56
N ALA A 269 31.29 -3.53 23.55
CA ALA A 269 31.61 -4.31 24.75
C ALA A 269 31.95 -3.56 26.03
N ASP A 270 32.82 -2.57 25.90
CA ASP A 270 33.22 -1.80 27.07
C ASP A 270 32.06 -0.96 27.57
N ASP A 271 31.21 -0.52 26.64
CA ASP A 271 30.02 0.25 26.95
C ASP A 271 29.07 -0.65 27.77
N VAL A 272 28.99 -1.93 27.38
CA VAL A 272 28.15 -2.90 28.07
C VAL A 272 28.66 -3.13 29.50
N LYS A 273 29.98 -3.21 29.65
CA LYS A 273 30.60 -3.43 30.96
C LYS A 273 30.28 -2.26 31.90
N GLN A 274 30.46 -1.04 31.42
CA GLN A 274 30.21 0.11 32.26
C GLN A 274 28.74 0.21 32.66
N LEU A 275 27.86 -0.23 31.76
CA LEU A 275 26.43 -0.22 32.01
C LEU A 275 26.12 -1.20 33.15
N LYS A 276 26.61 -2.42 33.02
CA LYS A 276 26.39 -3.42 34.06
C LYS A 276 26.87 -2.88 35.40
N SER A 277 28.13 -2.43 35.46
CA SER A 277 28.69 -1.88 36.69
C SER A 277 27.82 -0.79 37.28
N LYS A 278 27.47 0.20 36.46
CA LYS A 278 26.63 1.33 36.86
C LYS A 278 25.38 0.83 37.55
N PHE A 279 24.82 -0.25 37.00
CA PHE A 279 23.60 -0.88 37.49
C PHE A 279 23.83 -1.89 38.63
N GLY A 280 25.08 -2.00 39.08
CA GLY A 280 25.39 -2.91 40.16
C GLY A 280 25.55 -4.36 39.75
N PHE A 281 25.77 -4.59 38.45
CA PHE A 281 25.95 -5.93 37.91
C PHE A 281 27.39 -6.20 37.56
N ASN A 282 27.77 -7.48 37.61
CA ASN A 282 29.14 -7.86 37.29
C ASN A 282 29.33 -7.73 35.80
N PRO A 283 30.19 -6.79 35.39
CA PRO A 283 30.49 -6.53 33.98
C PRO A 283 31.01 -7.73 33.20
N ASP A 284 31.39 -8.79 33.91
CA ASP A 284 31.93 -10.01 33.28
C ASP A 284 30.93 -11.16 33.10
N LYS A 285 29.72 -11.04 33.61
CA LYS A 285 28.77 -12.12 33.44
C LYS A 285 27.59 -11.72 32.58
N SER A 286 26.99 -12.69 31.89
CA SER A 286 25.85 -12.39 31.03
C SER A 286 24.62 -13.28 31.19
N PHE A 287 23.46 -12.68 30.91
CA PHE A 287 22.17 -13.35 31.01
C PHE A 287 21.94 -13.76 32.48
N VAL A 288 22.18 -12.81 33.39
CA VAL A 288 22.02 -13.02 34.83
C VAL A 288 20.69 -12.50 35.33
N VAL A 289 19.92 -13.37 35.99
CA VAL A 289 18.65 -12.95 36.52
C VAL A 289 18.61 -13.19 38.04
N PRO A 290 18.72 -12.11 38.83
CA PRO A 290 18.69 -12.24 40.30
C PRO A 290 17.44 -13.00 40.73
N GLN A 291 17.63 -13.97 41.63
CA GLN A 291 16.52 -14.77 42.11
C GLN A 291 15.38 -13.90 42.59
N GLU A 292 15.74 -12.81 43.27
CA GLU A 292 14.76 -11.86 43.80
C GLU A 292 13.83 -11.34 42.70
N VAL A 293 14.32 -11.28 41.47
CA VAL A 293 13.46 -10.82 40.40
C VAL A 293 12.47 -11.91 40.01
N TYR A 294 12.92 -13.17 39.90
CA TYR A 294 12.00 -14.24 39.55
C TYR A 294 10.94 -14.35 40.64
N ASP A 295 11.36 -14.22 41.89
CA ASP A 295 10.47 -14.29 43.03
C ASP A 295 9.44 -13.18 43.02
N HIS A 296 9.86 -11.99 42.59
CA HIS A 296 8.99 -10.84 42.55
C HIS A 296 7.86 -11.00 41.56
N TYR A 297 8.22 -11.31 40.31
CA TYR A 297 7.23 -11.50 39.26
C TYR A 297 6.32 -12.67 39.55
N GLN A 298 6.85 -13.68 40.21
CA GLN A 298 6.04 -14.83 40.55
C GLN A 298 4.90 -14.36 41.45
N LYS A 299 5.21 -13.55 42.46
CA LYS A 299 4.16 -13.08 43.37
C LYS A 299 3.26 -11.97 42.87
N THR A 300 3.83 -11.02 42.14
CA THR A 300 3.11 -9.87 41.61
C THR A 300 2.28 -10.16 40.37
N ILE A 301 2.73 -11.09 39.54
CA ILE A 301 2.07 -11.38 38.27
C ILE A 301 1.55 -12.81 38.08
N LEU A 302 2.47 -13.76 38.04
CA LEU A 302 2.12 -15.14 37.81
C LEU A 302 1.00 -15.66 38.71
N LYS A 303 1.25 -15.69 40.02
CA LYS A 303 0.22 -16.20 40.91
C LYS A 303 -1.08 -15.42 40.96
N PRO A 304 -1.04 -14.06 41.02
CA PRO A 304 -2.35 -13.41 41.05
C PRO A 304 -3.11 -13.68 39.73
N GLY A 305 -2.37 -13.72 38.62
CA GLY A 305 -2.96 -13.97 37.31
C GLY A 305 -3.62 -15.34 37.24
N VAL A 306 -2.91 -16.37 37.68
CA VAL A 306 -3.46 -17.71 37.70
C VAL A 306 -4.75 -17.67 38.50
N GLU A 307 -4.70 -17.02 39.65
CA GLU A 307 -5.87 -16.90 40.54
C GLU A 307 -7.04 -16.22 39.81
N ALA A 308 -6.74 -15.15 39.08
CA ALA A 308 -7.77 -14.43 38.35
C ALA A 308 -8.39 -15.32 37.26
N ASN A 309 -7.55 -16.07 36.57
CA ASN A 309 -8.00 -16.96 35.50
C ASN A 309 -8.89 -18.03 36.11
N ASN A 310 -8.60 -18.41 37.35
CA ASN A 310 -9.41 -19.41 38.02
C ASN A 310 -10.79 -18.88 38.38
N LYS A 311 -10.87 -17.67 38.92
CA LYS A 311 -12.15 -17.06 39.27
C LYS A 311 -12.96 -16.98 37.98
N TRP A 312 -12.32 -16.43 36.95
CA TRP A 312 -12.99 -16.26 35.67
C TRP A 312 -13.66 -17.54 35.18
N ASN A 313 -12.97 -18.68 35.30
CA ASN A 313 -13.51 -19.96 34.89
C ASN A 313 -14.71 -20.39 35.71
N LYS A 314 -14.75 -20.04 36.99
CA LYS A 314 -15.88 -20.45 37.83
C LYS A 314 -17.11 -19.65 37.46
N LEU A 315 -16.91 -18.35 37.34
CA LEU A 315 -17.97 -17.45 36.97
C LEU A 315 -18.53 -17.85 35.61
N PHE A 316 -17.65 -18.26 34.70
CA PHE A 316 -18.12 -18.66 33.39
C PHE A 316 -18.97 -19.92 33.49
N SER A 317 -18.54 -20.90 34.28
CA SER A 317 -19.33 -22.12 34.44
C SER A 317 -20.71 -21.79 35.00
N GLU A 318 -20.78 -20.82 35.90
CA GLU A 318 -22.06 -20.40 36.48
C GLU A 318 -22.94 -19.81 35.39
N TYR A 319 -22.33 -18.97 34.56
CA TYR A 319 -22.98 -18.29 33.45
C TYR A 319 -23.66 -19.27 32.49
N GLN A 320 -22.96 -20.35 32.16
CA GLN A 320 -23.45 -21.40 31.28
C GLN A 320 -24.68 -22.09 31.90
N LYS A 321 -24.80 -21.97 33.22
CA LYS A 321 -25.92 -22.55 33.94
C LYS A 321 -27.11 -21.62 33.82
N LYS A 322 -26.87 -20.34 34.12
CA LYS A 322 -27.90 -19.29 34.07
C LYS A 322 -28.40 -18.96 32.68
N PHE A 323 -27.48 -18.86 31.73
CA PHE A 323 -27.80 -18.51 30.34
C PHE A 323 -27.22 -19.60 29.46
N PRO A 324 -27.96 -20.69 29.28
CA PRO A 324 -27.55 -21.84 28.47
C PRO A 324 -27.25 -21.56 26.99
N GLU A 325 -28.08 -20.77 26.33
CA GLU A 325 -27.87 -20.45 24.92
C GLU A 325 -26.58 -19.66 24.70
N LEU A 326 -26.46 -18.54 25.41
CA LEU A 326 -25.29 -17.65 25.34
C LEU A 326 -24.01 -18.36 25.79
N GLY A 327 -24.11 -19.11 26.88
CA GLY A 327 -22.95 -19.83 27.38
C GLY A 327 -22.47 -20.86 26.37
N ALA A 328 -23.40 -21.59 25.75
CA ALA A 328 -23.03 -22.61 24.77
C ALA A 328 -22.30 -22.03 23.55
N GLU A 329 -22.78 -20.86 23.14
CA GLU A 329 -22.29 -20.08 22.03
C GLU A 329 -20.89 -19.59 22.35
N LEU A 330 -20.75 -18.92 23.49
CA LEU A 330 -19.45 -18.43 23.90
C LEU A 330 -18.48 -19.61 24.03
N ALA A 331 -18.95 -20.73 24.58
CA ALA A 331 -18.11 -21.92 24.74
C ALA A 331 -17.61 -22.41 23.38
N ARG A 332 -18.50 -22.38 22.40
CA ARG A 332 -18.20 -22.84 21.05
C ARG A 332 -17.23 -21.91 20.34
N ARG A 333 -17.49 -20.61 20.44
CA ARG A 333 -16.63 -19.62 19.83
C ARG A 333 -15.26 -19.76 20.46
N LEU A 334 -15.23 -19.89 21.78
CA LEU A 334 -13.96 -20.05 22.49
C LEU A 334 -13.24 -21.34 22.09
N SER A 335 -13.98 -22.37 21.74
CA SER A 335 -13.34 -23.61 21.33
C SER A 335 -12.92 -23.48 19.87
N GLY A 336 -13.37 -22.39 19.23
CA GLY A 336 -13.00 -22.15 17.86
C GLY A 336 -13.68 -22.98 16.78
N GLN A 337 -14.92 -23.38 17.04
CA GLN A 337 -15.69 -24.16 16.08
C GLN A 337 -16.79 -23.28 15.53
N LEU A 338 -17.14 -23.56 14.29
CA LEU A 338 -18.19 -22.86 13.60
C LEU A 338 -19.44 -23.68 13.94
N PRO A 339 -20.62 -23.04 14.00
CA PRO A 339 -21.84 -23.77 14.32
C PRO A 339 -21.96 -25.01 13.44
N ALA A 340 -22.56 -26.06 14.00
CA ALA A 340 -22.73 -27.32 13.29
C ALA A 340 -23.60 -27.23 12.03
N ASN A 341 -23.04 -27.66 10.90
CA ASN A 341 -23.72 -27.67 9.61
C ASN A 341 -24.26 -26.29 9.20
N TRP A 342 -23.45 -25.26 9.46
CA TRP A 342 -23.83 -23.90 9.11
C TRP A 342 -23.86 -23.81 7.58
N GLU A 343 -23.00 -24.59 6.91
CA GLU A 343 -22.90 -24.57 5.44
C GLU A 343 -24.21 -24.87 4.76
N SER A 344 -25.18 -25.32 5.53
CA SER A 344 -26.48 -25.65 5.00
C SER A 344 -27.25 -24.40 4.59
N LYS A 345 -26.97 -23.28 5.25
CA LYS A 345 -27.69 -22.07 4.88
C LYS A 345 -27.13 -21.31 3.70
N LEU A 346 -26.03 -21.82 3.15
CA LEU A 346 -25.38 -21.23 1.99
C LEU A 346 -26.25 -21.52 0.77
N PRO A 347 -26.49 -20.51 -0.06
CA PRO A 347 -27.30 -20.61 -1.27
C PRO A 347 -26.71 -21.41 -2.42
N THR A 348 -27.57 -22.12 -3.16
CA THR A 348 -27.16 -22.88 -4.34
C THR A 348 -28.07 -22.47 -5.50
N TYR A 349 -27.56 -22.52 -6.72
CA TYR A 349 -28.30 -22.12 -7.92
C TYR A 349 -28.24 -23.14 -9.04
N THR A 350 -28.96 -22.84 -10.13
CA THR A 350 -29.02 -23.68 -11.32
C THR A 350 -28.97 -22.71 -12.48
N ALA A 351 -28.62 -23.20 -13.66
CA ALA A 351 -28.56 -22.32 -14.81
C ALA A 351 -29.91 -21.67 -15.12
N LYS A 352 -30.98 -22.13 -14.47
CA LYS A 352 -32.33 -21.62 -14.65
C LYS A 352 -32.55 -20.25 -14.03
N ASP A 353 -31.77 -19.97 -12.99
CA ASP A 353 -31.91 -18.70 -12.30
C ASP A 353 -31.29 -17.55 -13.07
N SER A 354 -31.67 -16.35 -12.67
CA SER A 354 -31.22 -15.12 -13.31
C SER A 354 -29.74 -14.81 -13.20
N ALA A 355 -29.29 -13.94 -14.10
CA ALA A 355 -27.91 -13.46 -14.13
C ALA A 355 -27.79 -12.38 -13.05
N VAL A 356 -26.81 -12.54 -12.17
CA VAL A 356 -26.60 -11.61 -11.07
C VAL A 356 -25.13 -11.25 -11.01
N ALA A 357 -24.83 -10.04 -10.55
CA ALA A 357 -23.45 -9.60 -10.39
C ALA A 357 -22.96 -10.40 -9.21
N THR A 358 -21.76 -10.92 -9.28
CA THR A 358 -21.20 -11.70 -8.19
C THR A 358 -21.17 -10.85 -6.91
N ARG A 359 -21.24 -9.54 -7.11
CA ARG A 359 -21.25 -8.58 -6.02
C ARG A 359 -22.58 -8.64 -5.25
N LYS A 360 -23.67 -8.95 -5.96
CA LYS A 360 -24.98 -9.04 -5.33
C LYS A 360 -25.20 -10.45 -4.78
N LEU A 361 -24.59 -11.44 -5.41
CA LEU A 361 -24.73 -12.81 -4.93
C LEU A 361 -24.04 -12.90 -3.57
N SER A 362 -23.01 -12.07 -3.40
CA SER A 362 -22.21 -11.97 -2.19
C SER A 362 -23.13 -11.48 -1.07
N GLU A 363 -23.85 -10.40 -1.36
CA GLU A 363 -24.77 -9.81 -0.40
C GLU A 363 -25.77 -10.86 0.09
N THR A 364 -26.29 -11.64 -0.85
CA THR A 364 -27.25 -12.68 -0.53
C THR A 364 -26.67 -13.65 0.46
N VAL A 365 -25.41 -14.03 0.25
CA VAL A 365 -24.74 -14.94 1.16
C VAL A 365 -24.75 -14.32 2.55
N LEU A 366 -24.32 -13.06 2.65
CA LEU A 366 -24.27 -12.35 3.93
C LEU A 366 -25.61 -12.37 4.66
N GLU A 367 -26.69 -12.06 3.93
CA GLU A 367 -28.01 -12.07 4.54
C GLU A 367 -28.37 -13.45 5.06
N ASP A 368 -27.84 -14.48 4.40
CA ASP A 368 -28.13 -15.85 4.78
C ASP A 368 -27.37 -16.42 5.97
N VAL A 369 -26.12 -16.01 6.15
CA VAL A 369 -25.33 -16.58 7.23
C VAL A 369 -25.09 -15.69 8.45
N TYR A 370 -25.48 -14.42 8.37
CA TYR A 370 -25.24 -13.52 9.48
C TYR A 370 -25.91 -13.95 10.76
N ASN A 371 -27.06 -14.59 10.64
CA ASN A 371 -27.78 -15.05 11.81
C ASN A 371 -27.23 -16.36 12.34
N GLN A 372 -26.51 -17.08 11.48
CA GLN A 372 -25.93 -18.36 11.83
C GLN A 372 -24.61 -18.17 12.57
N LEU A 373 -23.88 -17.13 12.18
CA LEU A 373 -22.56 -16.80 12.73
C LEU A 373 -22.52 -15.50 13.54
N PRO A 374 -22.75 -15.58 14.86
CA PRO A 374 -22.71 -14.37 15.67
C PRO A 374 -21.30 -13.77 15.77
N GLU A 375 -20.31 -14.55 15.37
CA GLU A 375 -18.93 -14.10 15.38
C GLU A 375 -18.56 -13.32 14.11
N LEU A 376 -19.50 -13.22 13.17
CA LEU A 376 -19.33 -12.48 11.91
C LEU A 376 -19.56 -10.99 12.14
N ILE A 377 -18.53 -10.18 11.88
CA ILE A 377 -18.62 -8.74 12.07
C ILE A 377 -18.08 -8.11 10.78
N GLY A 378 -18.97 -7.44 10.05
CA GLY A 378 -18.56 -6.86 8.78
C GLY A 378 -18.38 -5.37 8.72
N GLY A 379 -18.04 -4.87 7.54
CA GLY A 379 -17.86 -3.45 7.38
C GLY A 379 -17.39 -3.07 6.00
N SER A 380 -17.27 -1.78 5.79
CA SER A 380 -16.84 -1.26 4.51
C SER A 380 -16.11 0.02 4.78
N ALA A 381 -15.19 0.35 3.89
CA ALA A 381 -14.42 1.57 3.97
C ALA A 381 -15.12 2.58 3.06
N ASP A 382 -16.28 3.04 3.54
CA ASP A 382 -17.13 4.02 2.87
C ASP A 382 -17.72 3.58 1.53
N LEU A 383 -18.01 2.29 1.35
CA LEU A 383 -18.58 1.83 0.08
C LEU A 383 -19.69 0.81 0.28
N THR A 384 -20.34 0.88 1.44
CA THR A 384 -21.42 -0.02 1.83
C THR A 384 -22.38 -0.34 0.68
N PRO A 385 -22.87 0.70 -0.03
CA PRO A 385 -23.80 0.47 -1.14
C PRO A 385 -23.20 0.03 -2.49
N SER A 386 -21.88 0.12 -2.65
CA SER A 386 -21.23 -0.32 -3.89
C SER A 386 -20.74 -1.77 -3.68
N ASN A 387 -20.28 -2.06 -2.47
CA ASN A 387 -19.80 -3.40 -2.11
C ASN A 387 -20.95 -4.31 -1.74
N LEU A 388 -22.07 -3.70 -1.35
CA LEU A 388 -23.28 -4.42 -0.93
C LEU A 388 -22.94 -5.30 0.26
N THR A 389 -22.15 -4.75 1.17
CA THR A 389 -21.67 -5.50 2.31
C THR A 389 -22.50 -5.47 3.62
N ARG A 390 -23.65 -4.81 3.62
CA ARG A 390 -24.47 -4.75 4.83
C ARG A 390 -25.74 -5.59 4.76
N TRP A 391 -26.00 -6.38 5.81
CA TRP A 391 -27.22 -7.17 5.85
C TRP A 391 -28.30 -6.19 6.33
N LYS A 392 -29.54 -6.44 5.93
CA LYS A 392 -30.66 -5.55 6.25
C LYS A 392 -30.95 -5.34 7.74
N GLU A 393 -30.89 -6.41 8.52
CA GLU A 393 -31.20 -6.31 9.95
C GLU A 393 -30.01 -5.90 10.85
N ALA A 394 -28.91 -5.46 10.25
CA ALA A 394 -27.73 -5.07 11.01
C ALA A 394 -27.82 -3.79 11.82
N LEU A 395 -27.13 -3.80 12.95
CA LEU A 395 -27.06 -2.66 13.82
C LEU A 395 -25.59 -2.31 13.74
N ASP A 396 -25.29 -1.03 13.60
CA ASP A 396 -23.91 -0.58 13.50
C ASP A 396 -23.14 -0.60 14.82
N PHE A 397 -21.85 -0.87 14.72
CA PHE A 397 -20.97 -0.87 15.88
C PHE A 397 -20.63 0.61 16.02
N GLN A 398 -21.12 1.23 17.08
CA GLN A 398 -20.90 2.65 17.36
C GLN A 398 -21.00 2.80 18.87
N PRO A 399 -20.56 3.93 19.43
CA PRO A 399 -20.65 4.15 20.88
C PRO A 399 -22.15 4.32 21.13
N PRO A 400 -22.67 3.92 22.30
CA PRO A 400 -24.11 4.08 22.55
C PRO A 400 -24.63 5.51 22.44
N SER A 401 -23.79 6.46 22.81
CA SER A 401 -24.18 7.87 22.78
C SER A 401 -24.38 8.44 21.38
N SER A 402 -24.05 7.66 20.36
CA SER A 402 -24.19 8.10 18.97
C SER A 402 -25.63 8.11 18.45
N GLY A 403 -26.44 7.16 18.92
CA GLY A 403 -27.80 7.05 18.46
C GLY A 403 -27.88 6.32 17.12
N SER A 404 -26.72 6.06 16.52
CA SER A 404 -26.63 5.36 15.25
C SER A 404 -26.41 3.87 15.48
N GLY A 405 -26.10 3.51 16.72
CA GLY A 405 -25.89 2.12 17.04
C GLY A 405 -25.33 1.96 18.41
N ASN A 406 -24.64 0.85 18.63
CA ASN A 406 -24.02 0.55 19.91
C ASN A 406 -22.96 -0.51 19.69
N TYR A 407 -22.17 -0.76 20.71
CA TYR A 407 -21.08 -1.73 20.69
C TYR A 407 -21.43 -3.19 20.41
N SER A 408 -22.70 -3.56 20.55
CA SER A 408 -23.09 -4.95 20.26
C SER A 408 -23.33 -5.06 18.76
N GLY A 409 -23.32 -3.91 18.10
CA GLY A 409 -23.52 -3.85 16.66
C GLY A 409 -22.45 -4.69 15.97
N ARG A 410 -22.80 -5.19 14.79
CA ARG A 410 -21.93 -6.03 14.01
C ARG A 410 -21.58 -5.52 12.62
N TYR A 411 -21.74 -4.22 12.40
CA TYR A 411 -21.40 -3.64 11.12
C TYR A 411 -20.54 -2.43 11.41
N ILE A 412 -19.33 -2.40 10.87
CA ILE A 412 -18.44 -1.28 11.12
C ILE A 412 -18.30 -0.31 9.97
N ARG A 413 -18.38 0.97 10.28
CA ARG A 413 -18.24 2.02 9.27
C ARG A 413 -16.78 2.48 9.31
N TYR A 414 -15.92 1.88 8.49
CA TYR A 414 -14.50 2.23 8.49
C TYR A 414 -14.03 3.59 7.95
N GLY A 415 -14.86 4.23 7.12
CA GLY A 415 -14.47 5.51 6.53
C GLY A 415 -13.53 5.18 5.39
N ILE A 416 -12.96 6.20 4.74
CA ILE A 416 -12.05 5.96 3.65
C ILE A 416 -10.67 5.68 4.27
N ARG A 417 -10.51 4.49 4.83
CA ARG A 417 -9.26 4.10 5.49
C ARG A 417 -8.99 2.62 5.24
N GLU A 418 -8.64 2.27 4.00
CA GLU A 418 -8.38 0.87 3.66
C GLU A 418 -7.27 0.20 4.47
N HIS A 419 -6.11 0.84 4.58
CA HIS A 419 -5.00 0.24 5.33
C HIS A 419 -5.33 0.00 6.80
N ALA A 420 -5.98 0.95 7.46
CA ALA A 420 -6.36 0.76 8.86
C ALA A 420 -7.39 -0.36 8.96
N MET A 421 -8.32 -0.41 8.01
CA MET A 421 -9.33 -1.48 8.02
C MET A 421 -8.61 -2.83 8.01
N GLY A 422 -7.61 -2.96 7.14
CA GLY A 422 -6.85 -4.19 7.05
C GLY A 422 -6.22 -4.60 8.37
N ALA A 423 -5.63 -3.64 9.08
CA ALA A 423 -4.97 -3.86 10.37
C ALA A 423 -5.95 -4.06 11.53
N ILE A 424 -7.09 -3.35 11.49
CA ILE A 424 -8.08 -3.46 12.55
C ILE A 424 -8.69 -4.85 12.45
N MET A 425 -8.87 -5.32 11.22
CA MET A 425 -9.42 -6.66 11.01
C MET A 425 -8.48 -7.71 11.57
N ASN A 426 -7.18 -7.49 11.42
CA ASN A 426 -6.20 -8.43 11.96
C ASN A 426 -6.30 -8.45 13.48
N GLY A 427 -6.47 -7.29 14.10
CA GLY A 427 -6.62 -7.24 15.55
C GLY A 427 -7.89 -7.93 16.04
N ILE A 428 -9.01 -7.71 15.34
CA ILE A 428 -10.28 -8.35 15.71
C ILE A 428 -10.10 -9.86 15.58
N SER A 429 -9.46 -10.30 14.49
CA SER A 429 -9.22 -11.71 14.31
C SER A 429 -8.31 -12.21 15.44
N ALA A 430 -7.23 -11.46 15.69
CA ALA A 430 -6.25 -11.79 16.73
C ALA A 430 -6.78 -11.82 18.17
N PHE A 431 -7.91 -11.17 18.41
CA PHE A 431 -8.52 -11.12 19.74
C PHE A 431 -8.95 -12.50 20.26
N GLY A 432 -9.57 -13.30 19.39
CA GLY A 432 -10.03 -14.63 19.79
C GLY A 432 -11.54 -14.78 19.65
N ALA A 433 -12.13 -15.65 20.45
CA ALA A 433 -13.57 -15.95 20.45
C ALA A 433 -14.13 -16.13 19.05
N ASN A 434 -13.30 -16.72 18.20
CA ASN A 434 -13.67 -17.05 16.83
C ASN A 434 -14.19 -15.93 15.94
N TYR A 435 -13.77 -14.71 16.20
CA TYR A 435 -14.19 -13.57 15.39
C TYR A 435 -13.85 -13.79 13.93
N LYS A 436 -14.83 -13.56 13.07
CA LYS A 436 -14.68 -13.71 11.63
C LYS A 436 -14.90 -12.36 10.96
N PRO A 437 -13.89 -11.47 11.00
CA PRO A 437 -14.03 -10.15 10.37
C PRO A 437 -13.89 -10.14 8.84
N TYR A 438 -14.62 -9.24 8.19
CA TYR A 438 -14.51 -9.05 6.75
C TYR A 438 -14.77 -7.57 6.52
N GLY A 439 -14.14 -7.03 5.48
CA GLY A 439 -14.31 -5.63 5.17
C GLY A 439 -14.38 -5.48 3.67
N GLY A 440 -15.09 -4.46 3.22
CA GLY A 440 -15.21 -4.27 1.78
C GLY A 440 -14.61 -3.00 1.23
N THR A 441 -14.11 -3.10 0.01
CA THR A 441 -13.55 -1.97 -0.72
C THR A 441 -13.50 -2.44 -2.18
N PHE A 442 -13.08 -1.56 -3.08
CA PHE A 442 -12.98 -1.94 -4.49
C PHE A 442 -11.65 -2.66 -4.57
N LEU A 443 -11.62 -3.76 -5.31
CA LEU A 443 -10.40 -4.56 -5.49
C LEU A 443 -9.13 -3.73 -5.72
N ASN A 444 -9.24 -2.65 -6.50
CA ASN A 444 -8.10 -1.80 -6.81
C ASN A 444 -7.52 -1.05 -5.63
N PHE A 445 -8.34 -0.87 -4.60
CA PHE A 445 -7.87 -0.12 -3.46
C PHE A 445 -7.43 -1.00 -2.30
N VAL A 446 -7.52 -2.31 -2.48
CA VAL A 446 -7.01 -3.19 -1.45
C VAL A 446 -5.49 -3.00 -1.45
N SER A 447 -4.95 -2.53 -2.58
CA SER A 447 -3.52 -2.26 -2.74
C SER A 447 -3.04 -1.20 -1.75
N TYR A 448 -3.95 -0.30 -1.37
CA TYR A 448 -3.67 0.75 -0.42
C TYR A 448 -3.36 0.13 0.95
N ALA A 449 -3.83 -1.10 1.13
CA ALA A 449 -3.70 -1.85 2.37
C ALA A 449 -2.70 -3.01 2.32
N ALA A 450 -1.86 -3.04 1.30
CA ALA A 450 -0.85 -4.07 1.12
C ALA A 450 0.02 -4.32 2.34
N GLY A 451 0.24 -3.28 3.15
CA GLY A 451 1.08 -3.46 4.32
C GLY A 451 0.43 -4.39 5.33
N ALA A 452 -0.85 -4.20 5.53
CA ALA A 452 -1.58 -5.01 6.47
C ALA A 452 -1.90 -6.39 5.93
N VAL A 453 -2.28 -6.45 4.65
CA VAL A 453 -2.64 -7.71 4.02
C VAL A 453 -1.50 -8.73 4.04
N ARG A 454 -0.28 -8.28 3.77
CA ARG A 454 0.86 -9.18 3.78
C ARG A 454 1.07 -9.81 5.16
N LEU A 455 0.68 -9.06 6.19
CA LEU A 455 0.78 -9.52 7.56
C LEU A 455 -0.35 -10.51 7.92
N SER A 456 -1.48 -10.42 7.21
CA SER A 456 -2.58 -11.36 7.44
C SER A 456 -2.10 -12.73 6.94
N ALA A 457 -1.30 -12.71 5.87
CA ALA A 457 -0.71 -13.90 5.25
C ALA A 457 0.45 -14.42 6.09
N LEU A 458 1.39 -13.54 6.46
CA LEU A 458 2.54 -13.92 7.28
C LEU A 458 2.17 -14.58 8.62
N SER A 459 1.24 -13.94 9.32
CA SER A 459 0.77 -14.42 10.63
C SER A 459 -0.28 -15.51 10.55
N GLY A 460 -1.04 -15.51 9.46
CA GLY A 460 -2.12 -16.48 9.30
C GLY A 460 -3.42 -16.02 9.96
N HIS A 461 -3.81 -14.75 9.80
CA HIS A 461 -5.09 -14.32 10.38
C HIS A 461 -6.10 -14.57 9.26
N PRO A 462 -7.10 -15.46 9.47
CA PRO A 462 -8.08 -15.70 8.38
C PRO A 462 -9.13 -14.61 8.13
N VAL A 463 -8.67 -13.38 7.86
CA VAL A 463 -9.57 -12.25 7.57
C VAL A 463 -10.12 -12.33 6.15
N ILE A 464 -11.26 -11.67 5.91
CA ILE A 464 -11.86 -11.71 4.58
C ILE A 464 -12.07 -10.35 3.94
N TRP A 465 -11.55 -10.19 2.73
CA TRP A 465 -11.71 -8.95 1.98
C TRP A 465 -12.76 -9.20 0.93
N VAL A 466 -13.77 -8.36 0.92
CA VAL A 466 -14.86 -8.43 -0.04
C VAL A 466 -14.47 -7.34 -1.02
N ALA A 467 -13.66 -7.71 -1.99
CA ALA A 467 -13.15 -6.79 -3.00
C ALA A 467 -14.03 -6.71 -4.26
N THR A 468 -14.93 -5.74 -4.31
CA THR A 468 -15.80 -5.62 -5.49
C THR A 468 -15.15 -4.84 -6.62
N HIS A 469 -15.86 -4.73 -7.74
CA HIS A 469 -15.39 -3.98 -8.92
C HIS A 469 -14.01 -4.52 -9.37
N ASP A 470 -13.97 -5.81 -9.68
CA ASP A 470 -12.74 -6.53 -10.04
C ASP A 470 -12.03 -6.31 -11.36
N SER A 471 -12.61 -5.54 -12.28
CA SER A 471 -11.96 -5.36 -13.57
C SER A 471 -12.49 -4.18 -14.34
N ILE A 472 -12.15 -4.18 -15.61
CA ILE A 472 -12.58 -3.17 -16.56
C ILE A 472 -14.10 -3.21 -16.71
N GLY A 473 -14.72 -4.23 -16.09
CA GLY A 473 -16.16 -4.36 -16.09
C GLY A 473 -16.72 -3.20 -15.27
N VAL A 474 -15.82 -2.56 -14.53
CA VAL A 474 -16.10 -1.38 -13.71
C VAL A 474 -16.62 -0.27 -14.64
N GLY A 475 -16.01 -0.17 -15.81
CA GLY A 475 -16.47 0.78 -16.81
C GLY A 475 -15.98 2.21 -16.88
N GLU A 476 -16.95 3.12 -16.86
CA GLU A 476 -16.73 4.56 -16.95
C GLU A 476 -15.79 5.22 -15.94
N ASP A 477 -15.66 4.63 -14.75
CA ASP A 477 -14.78 5.21 -13.75
C ASP A 477 -13.36 5.27 -14.29
N GLY A 478 -13.03 4.34 -15.17
CA GLY A 478 -11.72 4.36 -15.79
C GLY A 478 -10.58 3.63 -15.16
N PRO A 479 -9.39 3.79 -15.75
CA PRO A 479 -8.11 3.19 -15.35
C PRO A 479 -7.66 3.39 -13.93
N THR A 480 -8.00 4.53 -13.34
CA THR A 480 -7.61 4.78 -11.96
C THR A 480 -8.37 3.83 -11.02
N HIS A 481 -9.42 3.20 -11.53
CA HIS A 481 -10.28 2.32 -10.73
C HIS A 481 -10.30 0.84 -11.10
N GLN A 482 -9.89 0.54 -12.32
CA GLN A 482 -9.85 -0.80 -12.90
C GLN A 482 -8.57 -1.55 -12.56
N PRO A 483 -8.69 -2.68 -11.84
CA PRO A 483 -7.51 -3.47 -11.47
C PRO A 483 -6.89 -4.13 -12.69
N ILE A 484 -5.56 -4.23 -12.70
CA ILE A 484 -4.79 -4.89 -13.78
C ILE A 484 -3.79 -5.90 -13.20
N GLU A 485 -3.01 -5.43 -12.23
CA GLU A 485 -1.96 -6.21 -11.59
C GLU A 485 -2.34 -6.78 -10.24
N THR A 486 -3.48 -6.37 -9.75
CA THR A 486 -3.92 -6.76 -8.42
C THR A 486 -3.86 -8.23 -7.99
N LEU A 487 -4.51 -9.09 -8.76
CA LEU A 487 -4.55 -10.52 -8.45
C LEU A 487 -3.19 -11.17 -8.62
N ALA A 488 -2.48 -10.80 -9.68
CA ALA A 488 -1.15 -11.33 -9.96
C ALA A 488 -0.29 -11.04 -8.74
N HIS A 489 -0.42 -9.83 -8.20
CA HIS A 489 0.32 -9.47 -7.00
C HIS A 489 -0.01 -10.43 -5.85
N PHE A 490 -1.28 -10.46 -5.46
CA PHE A 490 -1.72 -11.28 -4.33
C PHE A 490 -1.60 -12.78 -4.45
N ARG A 491 -1.51 -13.24 -5.70
CA ARG A 491 -1.33 -14.66 -5.97
C ARG A 491 0.17 -15.01 -5.90
N SER A 492 1.03 -14.00 -5.70
CA SER A 492 2.50 -14.16 -5.58
C SER A 492 2.88 -14.16 -4.09
N LEU A 493 1.92 -13.74 -3.27
CA LEU A 493 2.07 -13.66 -1.82
C LEU A 493 1.71 -15.01 -1.19
N PRO A 494 2.62 -15.56 -0.38
CA PRO A 494 2.30 -16.86 0.23
C PRO A 494 1.16 -16.81 1.25
N ASN A 495 0.40 -17.89 1.34
CA ASN A 495 -0.67 -18.00 2.32
C ASN A 495 -1.83 -17.02 2.24
N ILE A 496 -2.49 -16.99 1.10
CA ILE A 496 -3.66 -16.13 0.93
C ILE A 496 -4.47 -16.64 -0.25
N GLN A 497 -5.75 -16.89 -0.01
CA GLN A 497 -6.66 -17.35 -1.05
C GLN A 497 -7.07 -16.12 -1.83
N VAL A 498 -7.11 -16.21 -3.15
CA VAL A 498 -7.53 -15.07 -3.96
C VAL A 498 -8.62 -15.63 -4.86
N TRP A 499 -9.83 -15.67 -4.32
CA TRP A 499 -11.04 -16.18 -4.97
C TRP A 499 -11.61 -15.19 -5.98
N ARG A 500 -12.06 -15.69 -7.12
CA ARG A 500 -12.68 -14.86 -8.13
C ARG A 500 -13.80 -15.70 -8.75
N PRO A 501 -14.85 -15.96 -7.95
CA PRO A 501 -16.03 -16.75 -8.30
C PRO A 501 -16.75 -16.25 -9.53
N ALA A 502 -17.25 -17.21 -10.32
CA ALA A 502 -17.93 -16.90 -11.57
C ALA A 502 -19.44 -16.76 -11.51
N ASP A 503 -20.06 -17.49 -10.58
CA ASP A 503 -21.50 -17.45 -10.48
C ASP A 503 -21.92 -17.72 -9.02
N GLY A 504 -23.21 -17.90 -8.80
CA GLY A 504 -23.73 -18.13 -7.47
C GLY A 504 -23.13 -19.27 -6.68
N ASN A 505 -22.94 -20.43 -7.31
CA ASN A 505 -22.38 -21.59 -6.64
C ASN A 505 -20.94 -21.41 -6.26
N GLU A 506 -20.22 -20.69 -7.10
CA GLU A 506 -18.82 -20.41 -6.85
C GLU A 506 -18.64 -19.39 -5.74
N VAL A 507 -19.61 -18.49 -5.55
CA VAL A 507 -19.51 -17.50 -4.47
C VAL A 507 -19.70 -18.21 -3.12
N SER A 508 -20.59 -19.20 -3.09
CA SER A 508 -20.82 -19.95 -1.86
C SER A 508 -19.59 -20.77 -1.46
N ALA A 509 -18.87 -21.27 -2.44
CA ALA A 509 -17.65 -22.04 -2.20
C ALA A 509 -16.55 -21.09 -1.73
N ALA A 510 -16.56 -19.88 -2.29
CA ALA A 510 -15.56 -18.88 -1.92
C ALA A 510 -15.78 -18.56 -0.45
N TYR A 511 -17.03 -18.36 -0.06
CA TYR A 511 -17.36 -18.06 1.32
C TYR A 511 -17.21 -19.23 2.30
N LYS A 512 -17.46 -20.46 1.87
CA LYS A 512 -17.33 -21.58 2.78
C LYS A 512 -15.86 -21.85 3.07
N ASN A 513 -15.01 -21.76 2.06
CA ASN A 513 -13.59 -21.98 2.27
C ASN A 513 -12.94 -20.86 3.09
N SER A 514 -13.36 -19.63 2.85
CA SER A 514 -12.81 -18.47 3.56
C SER A 514 -13.18 -18.48 5.04
N LEU A 515 -14.46 -18.77 5.32
CA LEU A 515 -14.94 -18.81 6.69
C LEU A 515 -14.44 -20.01 7.47
N GLU A 516 -14.31 -21.15 6.79
CA GLU A 516 -13.80 -22.35 7.43
C GLU A 516 -12.29 -22.27 7.67
N SER A 517 -11.62 -21.32 7.03
CA SER A 517 -10.19 -21.16 7.19
C SER A 517 -9.77 -20.66 8.56
N LYS A 518 -8.73 -21.30 9.11
CA LYS A 518 -8.22 -20.95 10.41
C LYS A 518 -6.89 -20.21 10.42
N HIS A 519 -6.15 -20.30 9.31
CA HIS A 519 -4.83 -19.67 9.21
C HIS A 519 -4.52 -18.99 7.88
N THR A 520 -5.51 -18.86 7.01
CA THR A 520 -5.29 -18.25 5.72
C THR A 520 -6.34 -17.18 5.44
N PRO A 521 -5.89 -15.93 5.21
CA PRO A 521 -6.81 -14.83 4.91
C PRO A 521 -7.35 -15.06 3.51
N SER A 522 -8.28 -14.22 3.09
CA SER A 522 -8.89 -14.35 1.79
C SER A 522 -9.34 -13.03 1.21
N ILE A 523 -9.40 -12.99 -0.12
CA ILE A 523 -9.82 -11.82 -0.90
C ILE A 523 -10.80 -12.43 -1.91
N ILE A 524 -12.03 -11.96 -1.92
CA ILE A 524 -13.03 -12.44 -2.85
C ILE A 524 -13.30 -11.31 -3.83
N ALA A 525 -12.78 -11.46 -5.05
CA ALA A 525 -12.95 -10.48 -6.12
C ALA A 525 -14.31 -10.70 -6.78
N LEU A 526 -15.17 -9.70 -6.66
CA LEU A 526 -16.53 -9.75 -7.16
C LEU A 526 -16.78 -8.76 -8.30
N SER A 527 -17.65 -9.13 -9.23
CA SER A 527 -17.96 -8.29 -10.39
C SER A 527 -18.97 -7.18 -10.08
N ARG A 528 -18.95 -6.13 -10.88
CA ARG A 528 -19.91 -5.04 -10.75
C ARG A 528 -21.08 -5.46 -11.64
N GLN A 529 -20.75 -5.90 -12.84
CA GLN A 529 -21.70 -6.36 -13.86
C GLN A 529 -22.33 -7.74 -13.63
N ASN A 530 -23.43 -8.00 -14.36
CA ASN A 530 -24.18 -9.26 -14.29
C ASN A 530 -23.48 -10.37 -15.04
N LEU A 531 -23.42 -11.53 -14.38
CA LEU A 531 -22.81 -12.72 -14.93
C LEU A 531 -23.91 -13.77 -14.73
N PRO A 532 -24.10 -14.67 -15.71
CA PRO A 532 -25.12 -15.70 -15.63
C PRO A 532 -24.71 -16.85 -14.73
N GLN A 533 -25.65 -17.76 -14.50
CA GLN A 533 -25.44 -18.95 -13.71
C GLN A 533 -24.97 -20.03 -14.70
N LEU A 534 -23.84 -20.67 -14.39
CA LEU A 534 -23.26 -21.71 -15.24
C LEU A 534 -23.85 -23.07 -15.03
N GLU A 535 -23.97 -23.82 -16.13
CA GLU A 535 -24.48 -25.18 -16.07
C GLU A 535 -23.24 -26.05 -15.85
N GLY A 536 -23.05 -26.50 -14.61
CA GLY A 536 -21.90 -27.33 -14.32
C GLY A 536 -21.13 -26.91 -13.09
N SER A 537 -21.49 -25.78 -12.52
CA SER A 537 -20.79 -25.32 -11.34
C SER A 537 -21.42 -25.97 -10.13
N SER A 538 -20.73 -25.85 -9.00
CA SER A 538 -21.23 -26.40 -7.76
C SER A 538 -20.32 -26.00 -6.61
N ILE A 539 -20.88 -25.98 -5.41
CA ILE A 539 -20.10 -25.64 -4.25
C ILE A 539 -19.00 -26.69 -4.04
N GLU A 540 -19.37 -27.97 -4.17
CA GLU A 540 -18.38 -29.05 -3.96
C GLU A 540 -17.21 -28.94 -4.91
N SER A 541 -17.50 -28.74 -6.19
CA SER A 541 -16.42 -28.63 -7.16
C SER A 541 -15.67 -27.30 -7.03
N ALA A 542 -16.37 -26.19 -6.86
CA ALA A 542 -15.67 -24.92 -6.73
C ALA A 542 -14.78 -24.90 -5.47
N SER A 543 -15.18 -25.66 -4.46
CA SER A 543 -14.40 -25.75 -3.22
C SER A 543 -12.98 -26.28 -3.42
N LYS A 544 -12.78 -26.97 -4.54
CA LYS A 544 -11.49 -27.55 -4.89
C LYS A 544 -10.54 -26.53 -5.51
N GLY A 545 -11.02 -25.30 -5.67
CA GLY A 545 -10.20 -24.25 -6.25
C GLY A 545 -10.14 -24.25 -7.76
N GLY A 546 -10.35 -25.42 -8.38
CA GLY A 546 -10.31 -25.51 -9.83
C GLY A 546 -10.98 -26.80 -10.25
N TYR A 547 -11.78 -26.79 -11.30
CA TYR A 547 -12.47 -28.00 -11.73
C TYR A 547 -12.89 -27.93 -13.20
N VAL A 548 -13.20 -29.08 -13.80
CA VAL A 548 -13.63 -29.12 -15.19
C VAL A 548 -15.09 -28.73 -15.18
N LEU A 549 -15.41 -27.55 -15.74
CA LEU A 549 -16.80 -27.06 -15.82
C LEU A 549 -17.58 -27.79 -16.92
N GLN A 550 -17.00 -27.87 -18.11
CA GLN A 550 -17.60 -28.54 -19.26
C GLN A 550 -16.53 -29.45 -19.83
N ASP A 551 -16.89 -30.69 -20.12
CA ASP A 551 -15.93 -31.66 -20.62
C ASP A 551 -16.26 -32.20 -22.02
N VAL A 552 -15.24 -32.66 -22.73
CA VAL A 552 -15.42 -33.27 -24.05
C VAL A 552 -14.41 -34.38 -24.12
N ALA A 553 -14.65 -35.34 -25.00
CA ALA A 553 -13.71 -36.41 -25.16
C ALA A 553 -12.72 -35.93 -26.21
N ASN A 554 -11.44 -36.08 -25.89
CA ASN A 554 -10.37 -35.68 -26.80
C ASN A 554 -10.47 -34.20 -27.13
N PRO A 555 -10.33 -33.33 -26.12
CA PRO A 555 -10.43 -31.89 -26.40
C PRO A 555 -9.26 -31.49 -27.29
N ASP A 556 -9.48 -30.49 -28.14
CA ASP A 556 -8.43 -29.98 -29.00
C ASP A 556 -7.73 -28.87 -28.23
N ILE A 557 -8.39 -28.33 -27.20
CA ILE A 557 -7.82 -27.27 -26.40
C ILE A 557 -8.55 -27.23 -25.06
N ILE A 558 -7.85 -26.78 -24.02
CA ILE A 558 -8.45 -26.66 -22.70
C ILE A 558 -8.48 -25.14 -22.47
N LEU A 559 -9.66 -24.61 -22.19
CA LEU A 559 -9.79 -23.19 -21.94
C LEU A 559 -9.93 -23.00 -20.44
N VAL A 560 -8.96 -22.32 -19.81
CA VAL A 560 -9.01 -22.05 -18.36
C VAL A 560 -9.33 -20.59 -18.12
N ALA A 561 -10.36 -20.33 -17.32
CA ALA A 561 -10.76 -18.97 -17.03
C ALA A 561 -11.13 -18.79 -15.56
N THR A 562 -11.30 -17.54 -15.15
CA THR A 562 -11.68 -17.19 -13.78
C THR A 562 -12.76 -16.11 -13.86
N GLY A 563 -13.50 -15.92 -12.78
CA GLY A 563 -14.52 -14.89 -12.71
C GLY A 563 -15.42 -14.69 -13.91
N SER A 564 -15.51 -13.44 -14.38
CA SER A 564 -16.35 -13.11 -15.51
C SER A 564 -15.98 -13.75 -16.84
N GLU A 565 -14.79 -14.33 -16.95
CA GLU A 565 -14.37 -14.93 -18.21
C GLU A 565 -14.76 -16.38 -18.43
N VAL A 566 -15.27 -17.03 -17.38
CA VAL A 566 -15.68 -18.43 -17.50
C VAL A 566 -16.84 -18.46 -18.49
N SER A 567 -17.84 -17.62 -18.27
CA SER A 567 -18.99 -17.57 -19.16
C SER A 567 -18.57 -17.27 -20.60
N LEU A 568 -17.74 -16.26 -20.78
CA LEU A 568 -17.24 -15.88 -22.11
C LEU A 568 -16.54 -17.08 -22.78
N SER A 569 -15.78 -17.83 -21.99
CA SER A 569 -15.06 -19.01 -22.49
C SER A 569 -16.07 -20.08 -22.86
N VAL A 570 -17.15 -20.16 -22.09
CA VAL A 570 -18.22 -21.12 -22.35
C VAL A 570 -18.81 -20.80 -23.71
N GLU A 571 -18.96 -19.51 -23.97
CA GLU A 571 -19.51 -19.01 -25.21
C GLU A 571 -18.54 -19.28 -26.37
N ALA A 572 -17.25 -19.05 -26.11
CA ALA A 572 -16.23 -19.27 -27.13
C ALA A 572 -16.19 -20.75 -27.52
N ALA A 573 -16.45 -21.61 -26.55
CA ALA A 573 -16.45 -23.05 -26.80
C ALA A 573 -17.63 -23.45 -27.68
N LYS A 574 -18.73 -22.71 -27.59
CA LYS A 574 -19.92 -22.99 -28.41
C LYS A 574 -19.57 -22.63 -29.85
N THR A 575 -18.91 -21.50 -30.02
CA THR A 575 -18.48 -21.03 -31.31
C THR A 575 -17.52 -22.06 -31.90
N LEU A 576 -16.61 -22.54 -31.07
CA LEU A 576 -15.64 -23.52 -31.53
C LEU A 576 -16.25 -24.86 -31.91
N ALA A 577 -17.29 -25.27 -31.19
CA ALA A 577 -17.97 -26.54 -31.48
C ALA A 577 -18.55 -26.50 -32.87
N ALA A 578 -19.07 -25.32 -33.24
CA ALA A 578 -19.64 -25.09 -34.55
C ALA A 578 -18.62 -25.41 -35.66
N LYS A 579 -17.35 -25.13 -35.42
CA LYS A 579 -16.28 -25.40 -36.39
C LYS A 579 -15.66 -26.78 -36.13
N ASN A 580 -16.35 -27.59 -35.33
CA ASN A 580 -15.88 -28.93 -35.03
C ASN A 580 -14.61 -29.00 -34.16
N ILE A 581 -14.38 -28.00 -33.31
CA ILE A 581 -13.22 -28.01 -32.41
C ILE A 581 -13.77 -28.28 -31.01
N LYS A 582 -13.24 -29.29 -30.35
CA LYS A 582 -13.69 -29.64 -29.01
C LYS A 582 -12.85 -28.95 -27.94
N ALA A 583 -13.49 -28.09 -27.17
CA ALA A 583 -12.83 -27.37 -26.10
C ALA A 583 -13.41 -27.75 -24.75
N ARG A 584 -12.53 -28.14 -23.86
CA ARG A 584 -12.94 -28.48 -22.52
C ARG A 584 -12.80 -27.12 -21.79
N VAL A 585 -13.73 -26.77 -20.91
CA VAL A 585 -13.64 -25.48 -20.20
C VAL A 585 -13.46 -25.68 -18.71
N VAL A 586 -12.33 -25.20 -18.20
CA VAL A 586 -11.99 -25.33 -16.78
C VAL A 586 -12.14 -24.01 -16.05
N SER A 587 -12.67 -24.10 -14.84
CA SER A 587 -12.84 -22.93 -14.02
C SER A 587 -11.83 -23.02 -12.88
N LEU A 588 -11.22 -21.89 -12.55
CA LEU A 588 -10.20 -21.85 -11.49
C LEU A 588 -10.44 -20.71 -10.50
N PRO A 589 -11.52 -20.78 -9.72
CA PRO A 589 -11.85 -19.73 -8.75
C PRO A 589 -10.75 -19.36 -7.74
N ASP A 590 -9.81 -20.26 -7.48
CA ASP A 590 -8.72 -19.96 -6.54
C ASP A 590 -7.44 -20.75 -6.77
N PHE A 591 -6.36 -20.03 -7.08
CA PHE A 591 -5.06 -20.65 -7.31
C PHE A 591 -4.65 -21.40 -6.06
N PHE A 592 -4.63 -20.70 -4.94
CA PHE A 592 -4.24 -21.28 -3.67
C PHE A 592 -4.91 -22.60 -3.34
N THR A 593 -6.23 -22.61 -3.33
CA THR A 593 -6.96 -23.82 -3.01
C THR A 593 -6.69 -24.95 -3.97
N PHE A 594 -6.62 -24.62 -5.25
CA PHE A 594 -6.35 -25.61 -6.29
C PHE A 594 -4.96 -26.23 -6.08
N ASP A 595 -3.97 -25.39 -5.83
CA ASP A 595 -2.59 -25.86 -5.62
C ASP A 595 -2.51 -26.81 -4.43
N LYS A 596 -3.39 -26.61 -3.47
CA LYS A 596 -3.43 -27.46 -2.29
C LYS A 596 -3.93 -28.87 -2.58
N GLN A 597 -4.57 -29.05 -3.73
CA GLN A 597 -5.09 -30.36 -4.09
C GLN A 597 -3.95 -31.31 -4.43
N PRO A 598 -4.22 -32.61 -4.37
CA PRO A 598 -3.22 -33.64 -4.69
C PRO A 598 -2.86 -33.58 -6.17
N LEU A 599 -1.60 -33.79 -6.49
CA LEU A 599 -1.15 -33.72 -7.87
C LEU A 599 -2.06 -34.44 -8.85
N GLU A 600 -2.45 -35.67 -8.55
CA GLU A 600 -3.30 -36.44 -9.46
C GLU A 600 -4.64 -35.76 -9.79
N TYR A 601 -5.14 -34.91 -8.91
CA TYR A 601 -6.37 -34.19 -9.16
C TYR A 601 -6.02 -33.04 -10.11
N ARG A 602 -5.05 -32.24 -9.71
CA ARG A 602 -4.62 -31.11 -10.51
C ARG A 602 -4.27 -31.54 -11.94
N LEU A 603 -3.56 -32.66 -12.07
CA LEU A 603 -3.20 -33.18 -13.39
C LEU A 603 -4.39 -33.78 -14.13
N SER A 604 -5.52 -33.94 -13.45
CA SER A 604 -6.69 -34.45 -14.13
C SER A 604 -7.40 -33.22 -14.69
N VAL A 605 -7.23 -32.07 -14.04
CA VAL A 605 -7.87 -30.86 -14.55
C VAL A 605 -7.00 -30.24 -15.65
N LEU A 606 -5.67 -30.27 -15.45
CA LEU A 606 -4.72 -29.71 -16.44
C LEU A 606 -3.76 -30.79 -16.92
N PRO A 607 -4.21 -31.59 -17.88
CA PRO A 607 -3.34 -32.66 -18.39
C PRO A 607 -2.29 -32.36 -19.44
N ASP A 608 -1.55 -33.41 -19.75
CA ASP A 608 -0.51 -33.41 -20.75
C ASP A 608 -1.16 -33.62 -22.11
N ASN A 609 -0.40 -33.29 -23.14
CA ASN A 609 -0.79 -33.44 -24.53
C ASN A 609 -2.01 -32.63 -24.99
N VAL A 610 -2.28 -31.49 -24.36
CA VAL A 610 -3.41 -30.65 -24.81
C VAL A 610 -3.02 -29.21 -24.58
N PRO A 611 -3.09 -28.36 -25.63
CA PRO A 611 -2.72 -26.96 -25.37
C PRO A 611 -3.75 -26.37 -24.43
N ILE A 612 -3.25 -25.58 -23.49
CA ILE A 612 -4.08 -24.94 -22.50
C ILE A 612 -3.92 -23.45 -22.67
N MET A 613 -5.03 -22.75 -22.82
CA MET A 613 -4.99 -21.31 -22.99
C MET A 613 -5.86 -20.69 -21.91
N SER A 614 -5.33 -19.72 -21.18
CA SER A 614 -6.11 -19.10 -20.11
C SER A 614 -6.80 -17.83 -20.60
N VAL A 615 -7.87 -17.41 -19.91
CA VAL A 615 -8.65 -16.21 -20.28
C VAL A 615 -9.05 -15.43 -19.02
N GLU A 616 -8.51 -14.23 -18.88
CA GLU A 616 -8.79 -13.38 -17.73
C GLU A 616 -8.38 -11.95 -18.08
N VAL A 617 -9.31 -11.00 -17.95
CA VAL A 617 -9.04 -9.59 -18.28
C VAL A 617 -8.16 -8.81 -17.30
N LEU A 618 -7.07 -9.43 -16.87
CA LEU A 618 -6.11 -8.80 -15.95
C LEU A 618 -4.73 -9.28 -16.40
N ALA A 619 -3.70 -8.90 -15.67
CA ALA A 619 -2.32 -9.28 -15.96
C ALA A 619 -2.14 -10.77 -16.27
N THR A 620 -1.33 -11.06 -17.31
CA THR A 620 -1.08 -12.45 -17.72
C THR A 620 0.18 -13.01 -17.05
N THR A 621 0.99 -12.16 -16.43
CA THR A 621 2.24 -12.65 -15.84
C THR A 621 2.20 -13.80 -14.83
N CYS A 622 1.03 -14.12 -14.27
CA CYS A 622 0.96 -15.22 -13.31
C CYS A 622 0.44 -16.54 -13.91
N TRP A 623 -0.10 -16.48 -15.12
CA TRP A 623 -0.70 -17.63 -15.79
C TRP A 623 0.16 -18.76 -16.32
N GLY A 624 1.45 -18.49 -16.49
CA GLY A 624 2.35 -19.50 -16.99
C GLY A 624 2.44 -20.76 -16.16
N LYS A 625 1.88 -20.78 -14.96
CA LYS A 625 1.93 -22.00 -14.15
C LYS A 625 0.79 -22.98 -14.46
N TYR A 626 -0.19 -22.55 -15.24
CA TYR A 626 -1.31 -23.43 -15.59
C TYR A 626 -1.59 -23.49 -17.08
N ALA A 627 -1.17 -22.45 -17.80
CA ALA A 627 -1.45 -22.37 -19.23
C ALA A 627 -0.23 -22.31 -20.13
N HIS A 628 -0.44 -22.71 -21.38
CA HIS A 628 0.59 -22.68 -22.42
C HIS A 628 0.60 -21.30 -23.07
N GLN A 629 -0.60 -20.77 -23.30
CA GLN A 629 -0.77 -19.47 -23.93
C GLN A 629 -1.83 -18.70 -23.12
N SER A 630 -1.73 -17.37 -23.10
CA SER A 630 -2.66 -16.59 -22.31
C SER A 630 -3.30 -15.41 -22.99
N PHE A 631 -4.59 -15.25 -22.76
CA PHE A 631 -5.31 -14.13 -23.32
C PHE A 631 -5.66 -13.29 -22.09
N GLY A 632 -4.98 -12.16 -21.92
CA GLY A 632 -5.21 -11.28 -20.78
C GLY A 632 -5.01 -9.81 -21.15
N ILE A 633 -4.86 -8.92 -20.18
CA ILE A 633 -4.66 -7.49 -20.45
C ILE A 633 -3.42 -7.01 -19.72
N ASP A 634 -2.35 -6.75 -20.47
CA ASP A 634 -1.11 -6.29 -19.88
C ASP A 634 -0.88 -4.80 -20.06
N ARG A 635 -1.93 -4.01 -19.85
CA ARG A 635 -1.86 -2.55 -19.97
C ARG A 635 -3.04 -2.00 -19.18
N PHE A 636 -2.99 -0.72 -18.82
CA PHE A 636 -4.07 -0.12 -18.05
C PHE A 636 -5.36 -0.07 -18.86
N GLY A 637 -6.48 0.09 -18.17
CA GLY A 637 -7.78 0.10 -18.83
C GLY A 637 -8.23 1.35 -19.56
N ALA A 638 -9.54 1.55 -19.58
CA ALA A 638 -10.15 2.68 -20.28
C ALA A 638 -11.50 3.10 -19.71
N SER A 639 -11.83 4.38 -19.91
CA SER A 639 -13.08 4.94 -19.44
C SER A 639 -14.11 4.80 -20.56
N GLY A 640 -15.06 3.90 -20.38
CA GLY A 640 -16.08 3.69 -21.39
C GLY A 640 -17.11 2.73 -20.84
N LYS A 641 -18.20 2.51 -21.56
CA LYS A 641 -19.21 1.57 -21.08
C LYS A 641 -18.50 0.23 -21.04
N ALA A 642 -18.70 -0.49 -19.94
CA ALA A 642 -18.07 -1.78 -19.74
C ALA A 642 -18.13 -2.73 -20.96
N PRO A 643 -19.31 -2.90 -21.59
CA PRO A 643 -19.41 -3.79 -22.75
C PRO A 643 -18.46 -3.39 -23.86
N GLU A 644 -18.29 -2.08 -24.02
CA GLU A 644 -17.43 -1.52 -25.04
C GLU A 644 -15.97 -1.67 -24.69
N VAL A 645 -15.66 -1.56 -23.42
CA VAL A 645 -14.28 -1.71 -22.99
C VAL A 645 -13.82 -3.17 -23.23
N PHE A 646 -14.71 -4.13 -23.00
CA PHE A 646 -14.43 -5.56 -23.22
C PHE A 646 -14.16 -5.84 -24.69
N LYS A 647 -15.01 -5.27 -25.55
CA LYS A 647 -14.88 -5.43 -27.01
C LYS A 647 -13.56 -4.85 -27.50
N PHE A 648 -13.27 -3.65 -27.01
CA PHE A 648 -12.06 -2.92 -27.33
C PHE A 648 -10.81 -3.71 -26.99
N PHE A 649 -10.87 -4.54 -25.94
CA PHE A 649 -9.73 -5.34 -25.55
C PHE A 649 -9.77 -6.75 -26.16
N GLY A 650 -10.76 -6.99 -27.02
CA GLY A 650 -10.88 -8.28 -27.67
C GLY A 650 -11.62 -9.39 -26.93
N PHE A 651 -12.12 -9.09 -25.74
CA PHE A 651 -12.82 -10.11 -24.97
C PHE A 651 -14.26 -10.27 -25.37
N THR A 652 -14.36 -10.91 -26.53
CA THR A 652 -15.58 -11.19 -27.24
C THR A 652 -15.55 -12.72 -27.41
N PRO A 653 -16.72 -13.41 -27.50
CA PRO A 653 -16.69 -14.87 -27.66
C PRO A 653 -15.82 -15.27 -28.85
N GLU A 654 -16.15 -14.74 -30.02
CA GLU A 654 -15.36 -15.09 -31.20
C GLU A 654 -13.93 -14.55 -31.13
N GLY A 655 -13.71 -13.56 -30.26
CA GLY A 655 -12.38 -13.02 -30.07
C GLY A 655 -11.56 -14.08 -29.36
N VAL A 656 -12.17 -14.76 -28.40
CA VAL A 656 -11.52 -15.83 -27.66
C VAL A 656 -11.38 -17.07 -28.55
N ALA A 657 -12.43 -17.38 -29.31
CA ALA A 657 -12.40 -18.55 -30.17
C ALA A 657 -11.27 -18.47 -31.21
N GLU A 658 -11.08 -17.28 -31.80
CA GLU A 658 -10.02 -17.05 -32.77
C GLU A 658 -8.68 -17.39 -32.16
N ARG A 659 -8.46 -16.92 -30.93
CA ARG A 659 -7.22 -17.16 -30.22
C ARG A 659 -7.02 -18.63 -29.86
N ALA A 660 -8.12 -19.37 -29.62
CA ALA A 660 -7.97 -20.79 -29.33
C ALA A 660 -7.54 -21.49 -30.62
N GLN A 661 -8.14 -21.09 -31.73
CA GLN A 661 -7.80 -21.66 -33.03
C GLN A 661 -6.34 -21.38 -33.37
N LYS A 662 -5.86 -20.19 -33.01
CA LYS A 662 -4.46 -19.84 -33.30
C LYS A 662 -3.51 -20.69 -32.42
N THR A 663 -3.92 -20.99 -31.20
CA THR A 663 -3.12 -21.81 -30.27
C THR A 663 -3.05 -23.27 -30.76
N ILE A 664 -4.17 -23.79 -31.27
CA ILE A 664 -4.21 -25.17 -31.77
C ILE A 664 -3.27 -25.29 -32.98
N ALA A 665 -3.34 -24.35 -33.91
CA ALA A 665 -2.51 -24.35 -35.09
C ALA A 665 -1.03 -24.27 -34.72
N PHE A 666 -0.69 -23.34 -33.84
CA PHE A 666 0.68 -23.12 -33.37
C PHE A 666 1.31 -24.38 -32.81
N TYR A 667 0.53 -25.15 -32.07
CA TYR A 667 1.02 -26.37 -31.45
C TYR A 667 0.74 -27.65 -32.22
N LYS A 668 -0.06 -27.58 -33.27
CA LYS A 668 -0.41 -28.77 -34.03
C LYS A 668 0.83 -29.52 -34.47
N GLY A 669 0.96 -30.73 -33.94
CA GLY A 669 2.11 -31.54 -34.26
C GLY A 669 3.10 -31.72 -33.13
N ASP A 670 3.10 -30.82 -32.15
CA ASP A 670 4.03 -30.91 -31.03
C ASP A 670 3.41 -31.75 -29.92
N LYS A 671 4.25 -32.35 -29.09
CA LYS A 671 3.76 -33.13 -27.96
C LYS A 671 3.79 -32.09 -26.82
N LEU A 672 2.68 -31.95 -26.09
CA LEU A 672 2.68 -30.97 -25.01
C LEU A 672 2.60 -31.55 -23.61
N ILE A 673 3.27 -30.87 -22.68
CA ILE A 673 3.40 -31.21 -21.25
C ILE A 673 2.54 -30.28 -20.43
N SER A 674 1.81 -30.80 -19.44
CA SER A 674 1.03 -29.93 -18.58
C SER A 674 1.99 -28.96 -17.88
N PRO A 675 1.60 -27.69 -17.74
CA PRO A 675 2.49 -26.75 -17.07
C PRO A 675 2.73 -27.10 -15.60
N LEU A 676 1.84 -27.91 -15.02
CA LEU A 676 1.94 -28.34 -13.61
C LEU A 676 3.21 -29.10 -13.29
N LYS A 677 3.70 -29.86 -14.27
CA LYS A 677 4.87 -30.67 -14.09
C LYS A 677 6.19 -29.94 -13.88
N LYS A 678 6.81 -30.24 -12.74
CA LYS A 678 8.10 -29.67 -12.42
C LYS A 678 9.20 -30.72 -12.36
N ALA A 679 10.41 -30.29 -12.72
CA ALA A 679 11.58 -31.15 -12.78
C ALA A 679 12.24 -31.46 -11.44
N PHE A 680 12.15 -30.50 -10.53
CA PHE A 680 12.71 -30.62 -9.19
C PHE A 680 11.67 -29.90 -8.34
N GLN B 3 -14.20 42.36 -5.65
CA GLN B 3 -15.55 42.93 -5.97
C GLN B 3 -16.23 42.11 -7.05
N PHE B 4 -17.35 41.45 -6.72
CA PHE B 4 -18.04 40.67 -7.72
C PHE B 4 -19.35 41.27 -8.14
N THR B 5 -19.77 40.91 -9.34
CA THR B 5 -20.98 41.43 -9.96
C THR B 5 -21.88 40.34 -10.54
N ASP B 6 -22.95 40.77 -11.22
CA ASP B 6 -23.91 39.88 -11.85
C ASP B 6 -23.26 38.87 -12.81
N ILE B 7 -22.20 39.30 -13.47
CA ILE B 7 -21.48 38.43 -14.42
C ILE B 7 -20.81 37.29 -13.69
N ASP B 8 -20.22 37.59 -12.54
CA ASP B 8 -19.57 36.59 -11.74
C ASP B 8 -20.63 35.62 -11.31
N LYS B 9 -21.80 36.12 -10.96
CA LYS B 9 -22.91 35.28 -10.58
C LYS B 9 -23.46 34.53 -11.79
N LEU B 10 -23.41 35.14 -12.98
CA LEU B 10 -23.88 34.46 -14.18
C LEU B 10 -22.90 33.30 -14.44
N ALA B 11 -21.60 33.60 -14.31
CA ALA B 11 -20.54 32.62 -14.54
C ALA B 11 -20.64 31.36 -13.65
N VAL B 12 -20.98 31.55 -12.38
CA VAL B 12 -21.10 30.44 -11.43
C VAL B 12 -22.26 29.49 -11.75
N SER B 13 -23.35 30.04 -12.30
CA SER B 13 -24.52 29.25 -12.67
C SER B 13 -24.19 28.40 -13.88
N THR B 14 -23.47 29.00 -14.82
CA THR B 14 -23.05 28.32 -16.05
C THR B 14 -22.18 27.09 -15.75
N ILE B 15 -21.33 27.22 -14.73
CA ILE B 15 -20.42 26.15 -14.31
C ILE B 15 -21.20 25.01 -13.69
N ARG B 16 -22.14 25.37 -12.83
CA ARG B 16 -22.96 24.39 -12.13
C ARG B 16 -23.80 23.62 -13.11
N ILE B 17 -24.38 24.34 -14.05
CA ILE B 17 -25.24 23.72 -15.04
C ILE B 17 -24.46 22.95 -16.11
N LEU B 18 -23.30 23.46 -16.53
CA LEU B 18 -22.51 22.75 -17.54
C LEU B 18 -22.04 21.41 -16.97
N ALA B 19 -21.55 21.41 -15.73
CA ALA B 19 -21.08 20.18 -15.07
C ALA B 19 -22.23 19.17 -14.88
N VAL B 20 -23.43 19.67 -14.58
CA VAL B 20 -24.59 18.81 -14.41
C VAL B 20 -25.01 18.22 -15.77
N ASP B 21 -25.04 19.05 -16.81
CA ASP B 21 -25.40 18.61 -18.17
C ASP B 21 -24.48 17.48 -18.64
N THR B 22 -23.21 17.64 -18.32
CA THR B 22 -22.13 16.71 -18.64
C THR B 22 -22.32 15.36 -17.90
N VAL B 23 -22.76 15.40 -16.64
CA VAL B 23 -22.96 14.16 -15.89
C VAL B 23 -24.23 13.45 -16.35
N SER B 24 -25.28 14.23 -16.60
CA SER B 24 -26.53 13.66 -17.06
C SER B 24 -26.37 12.98 -18.44
N LYS B 25 -25.74 13.67 -19.39
CA LYS B 25 -25.51 13.15 -20.74
C LYS B 25 -24.84 11.75 -20.78
N ALA B 26 -23.89 11.55 -19.86
CA ALA B 26 -23.15 10.30 -19.76
C ALA B 26 -23.88 9.25 -18.93
N ASN B 27 -24.88 9.71 -18.19
CA ASN B 27 -25.68 8.88 -17.30
C ASN B 27 -24.79 8.10 -16.37
N SER B 28 -23.73 8.76 -15.98
CA SER B 28 -22.73 8.20 -15.12
C SER B 28 -21.97 9.40 -14.59
N GLY B 29 -21.67 9.43 -13.30
CA GLY B 29 -20.92 10.57 -12.80
C GLY B 29 -21.28 11.11 -11.44
N HIS B 30 -20.50 12.09 -11.01
CA HIS B 30 -20.71 12.71 -9.69
C HIS B 30 -21.07 14.19 -9.81
N PRO B 31 -22.37 14.51 -9.61
CA PRO B 31 -22.87 15.90 -9.69
C PRO B 31 -22.71 16.74 -8.43
N GLY B 32 -22.73 16.08 -7.28
CA GLY B 32 -22.65 16.74 -5.99
C GLY B 32 -21.56 17.75 -5.70
N ALA B 33 -20.30 17.31 -5.67
CA ALA B 33 -19.20 18.23 -5.38
C ALA B 33 -19.08 19.36 -6.39
N PRO B 34 -19.18 19.06 -7.71
CA PRO B 34 -19.07 20.16 -8.69
C PRO B 34 -20.08 21.27 -8.42
N LEU B 35 -21.28 20.92 -7.96
CA LEU B 35 -22.32 21.90 -7.67
C LEU B 35 -22.04 22.71 -6.40
N GLY B 36 -21.36 22.11 -5.43
CA GLY B 36 -21.08 22.84 -4.21
C GLY B 36 -19.76 23.60 -4.29
N MET B 37 -18.87 23.12 -5.15
CA MET B 37 -17.58 23.74 -5.30
C MET B 37 -17.48 24.77 -6.41
N ALA B 38 -18.56 24.94 -7.16
CA ALA B 38 -18.59 25.90 -8.27
C ALA B 38 -18.21 27.34 -7.91
N PRO B 39 -18.78 27.89 -6.81
CA PRO B 39 -18.39 29.27 -6.48
C PRO B 39 -16.89 29.38 -6.18
N ALA B 40 -16.35 28.42 -5.43
CA ALA B 40 -14.92 28.44 -5.10
C ALA B 40 -14.04 28.43 -6.35
N ALA B 41 -14.38 27.58 -7.32
CA ALA B 41 -13.58 27.49 -8.55
C ALA B 41 -13.61 28.79 -9.28
N HIS B 42 -14.80 29.34 -9.44
CA HIS B 42 -14.88 30.60 -10.12
C HIS B 42 -13.94 31.61 -9.47
N VAL B 43 -14.12 31.82 -8.16
CA VAL B 43 -13.29 32.76 -7.43
C VAL B 43 -11.81 32.48 -7.53
N LEU B 44 -11.41 31.22 -7.33
CA LEU B 44 -10.01 30.81 -7.39
C LEU B 44 -9.38 30.97 -8.78
N TRP B 45 -10.01 30.40 -9.80
CA TRP B 45 -9.46 30.47 -11.15
C TRP B 45 -9.31 31.87 -11.66
N SER B 46 -10.23 32.73 -11.25
CA SER B 46 -10.23 34.13 -11.63
C SER B 46 -9.03 34.89 -11.12
N GLN B 47 -8.45 34.39 -10.02
CA GLN B 47 -7.28 35.05 -9.47
C GLN B 47 -5.97 34.27 -9.68
N MET B 48 -6.02 33.16 -10.42
CA MET B 48 -4.84 32.36 -10.75
C MET B 48 -4.11 32.95 -11.96
N ARG B 49 -2.78 32.87 -11.93
CA ARG B 49 -1.95 33.36 -13.00
C ARG B 49 -1.65 32.14 -13.88
N MET B 50 -2.27 32.10 -15.05
CA MET B 50 -2.11 30.95 -15.94
C MET B 50 -2.38 31.38 -17.36
N ASN B 51 -1.76 30.68 -18.29
CA ASN B 51 -1.94 30.98 -19.68
C ASN B 51 -2.62 29.75 -20.31
N PRO B 52 -3.94 29.83 -20.53
CA PRO B 52 -4.66 28.70 -21.13
C PRO B 52 -4.06 28.28 -22.48
N THR B 53 -3.29 29.19 -23.07
CA THR B 53 -2.62 29.03 -24.36
C THR B 53 -1.24 28.31 -24.27
N ASN B 54 -0.73 28.20 -23.05
CA ASN B 54 0.53 27.52 -22.77
C ASN B 54 0.40 26.94 -21.37
N PRO B 55 -0.14 25.72 -21.30
CA PRO B 55 -0.35 25.01 -20.03
C PRO B 55 0.95 24.50 -19.44
N ASP B 56 2.06 24.76 -20.12
CA ASP B 56 3.38 24.32 -19.70
C ASP B 56 4.23 25.42 -19.11
N TRP B 57 3.76 26.65 -19.21
CA TRP B 57 4.52 27.75 -18.68
C TRP B 57 4.98 27.36 -17.27
N ILE B 58 6.28 27.36 -17.02
CA ILE B 58 6.80 26.94 -15.73
C ILE B 58 6.33 27.79 -14.52
N ASN B 59 6.09 29.08 -14.73
CA ASN B 59 5.69 29.93 -13.60
C ASN B 59 4.20 30.15 -13.48
N ARG B 60 3.44 29.20 -13.99
CA ARG B 60 2.00 29.28 -13.93
C ARG B 60 1.58 28.82 -12.53
N ASP B 61 0.53 29.43 -11.99
CA ASP B 61 -0.04 29.00 -10.70
C ASP B 61 -0.59 27.60 -11.01
N ARG B 62 -0.38 26.64 -10.12
CA ARG B 62 -0.87 25.27 -10.36
C ARG B 62 -2.08 24.89 -9.53
N PHE B 63 -3.01 24.15 -10.14
CA PHE B 63 -4.25 23.72 -9.47
C PHE B 63 -4.44 22.21 -9.48
N VAL B 64 -4.64 21.63 -8.31
CA VAL B 64 -4.88 20.20 -8.25
C VAL B 64 -6.28 19.85 -7.71
N LEU B 65 -6.99 18.96 -8.40
CA LEU B 65 -8.31 18.54 -7.94
C LEU B 65 -8.07 17.22 -7.19
N SER B 66 -7.75 17.27 -5.89
CA SER B 66 -7.50 16.04 -5.11
C SER B 66 -8.72 15.11 -5.13
N ASN B 67 -9.90 15.67 -4.95
CA ASN B 67 -11.14 14.90 -5.01
C ASN B 67 -11.52 14.74 -6.51
N GLY B 68 -10.75 13.90 -7.20
CA GLY B 68 -10.93 13.67 -8.63
C GLY B 68 -12.30 13.33 -9.19
N HIS B 69 -13.14 12.67 -8.40
CA HIS B 69 -14.46 12.29 -8.87
C HIS B 69 -15.29 13.51 -9.29
N ALA B 70 -14.87 14.70 -8.83
CA ALA B 70 -15.53 15.94 -9.17
C ALA B 70 -15.02 16.50 -10.51
N VAL B 71 -14.41 15.65 -11.34
CA VAL B 71 -13.87 16.07 -12.62
C VAL B 71 -14.79 16.92 -13.53
N ALA B 72 -16.11 16.71 -13.47
CA ALA B 72 -17.01 17.52 -14.30
C ALA B 72 -16.77 19.01 -14.05
N LEU B 73 -16.39 19.37 -12.82
CA LEU B 73 -16.10 20.76 -12.48
C LEU B 73 -14.79 21.15 -13.19
N LEU B 74 -13.78 20.30 -13.10
CA LEU B 74 -12.52 20.64 -13.74
C LEU B 74 -12.65 20.81 -15.24
N TYR B 75 -13.35 19.89 -15.91
CA TYR B 75 -13.52 20.01 -17.35
C TYR B 75 -14.31 21.27 -17.71
N SER B 76 -15.31 21.61 -16.92
CA SER B 76 -16.10 22.81 -17.18
C SER B 76 -15.20 24.04 -17.24
N MET B 77 -14.37 24.19 -16.21
CA MET B 77 -13.45 25.32 -16.10
C MET B 77 -12.49 25.39 -17.25
N LEU B 78 -11.92 24.25 -17.63
CA LEU B 78 -10.97 24.20 -18.73
C LEU B 78 -11.58 24.68 -20.04
N HIS B 79 -12.84 24.35 -20.27
CA HIS B 79 -13.49 24.78 -21.48
C HIS B 79 -13.76 26.29 -21.42
N LEU B 80 -14.41 26.70 -20.35
CA LEU B 80 -14.79 28.11 -20.15
C LEU B 80 -13.66 29.10 -20.16
N THR B 81 -12.54 28.72 -19.53
CA THR B 81 -11.39 29.61 -19.47
C THR B 81 -10.50 29.57 -20.71
N GLY B 82 -10.83 28.73 -21.67
CA GLY B 82 -10.05 28.71 -22.90
C GLY B 82 -9.00 27.66 -23.18
N TYR B 83 -8.99 26.56 -22.46
CA TYR B 83 -8.03 25.50 -22.75
C TYR B 83 -8.55 24.71 -23.93
N ASP B 84 -7.77 23.72 -24.39
CA ASP B 84 -8.18 22.89 -25.52
C ASP B 84 -9.24 21.86 -25.09
N LEU B 85 -10.45 22.30 -24.78
CA LEU B 85 -11.50 21.35 -24.40
C LEU B 85 -12.80 21.95 -24.90
N SER B 86 -13.41 21.31 -25.90
CA SER B 86 -14.65 21.81 -26.48
C SER B 86 -15.91 21.15 -25.91
N ILE B 87 -17.05 21.76 -26.23
CA ILE B 87 -18.36 21.27 -25.79
C ILE B 87 -18.51 19.85 -26.31
N GLU B 88 -17.98 19.60 -27.50
CA GLU B 88 -18.09 18.27 -28.06
C GLU B 88 -17.37 17.30 -27.15
N ASP B 89 -16.21 17.69 -26.63
CA ASP B 89 -15.46 16.84 -25.71
C ASP B 89 -16.26 16.54 -24.46
N LEU B 90 -16.90 17.57 -23.92
CA LEU B 90 -17.73 17.47 -22.72
C LEU B 90 -18.89 16.49 -22.97
N LYS B 91 -19.42 16.50 -24.20
CA LYS B 91 -20.53 15.62 -24.56
C LYS B 91 -20.16 14.14 -24.73
N GLN B 92 -18.88 13.81 -24.54
CA GLN B 92 -18.40 12.42 -24.63
C GLN B 92 -17.71 12.01 -23.34
N PHE B 93 -18.11 12.65 -22.25
CA PHE B 93 -17.61 12.40 -20.91
C PHE B 93 -17.78 10.90 -20.68
N ARG B 94 -16.80 10.27 -20.03
CA ARG B 94 -16.83 8.85 -19.70
C ARG B 94 -17.08 7.88 -20.85
N GLN B 95 -17.00 8.36 -22.08
CA GLN B 95 -17.22 7.49 -23.22
C GLN B 95 -15.90 6.97 -23.74
N LEU B 96 -15.90 5.72 -24.19
CA LEU B 96 -14.72 5.06 -24.70
C LEU B 96 -14.01 5.85 -25.81
N GLY B 97 -12.80 6.32 -25.51
CA GLY B 97 -12.01 7.07 -26.47
C GLY B 97 -12.06 8.58 -26.39
N SER B 98 -12.90 9.13 -25.53
CA SER B 98 -12.99 10.58 -25.44
C SER B 98 -11.80 11.18 -24.70
N ARG B 99 -11.75 12.50 -24.70
CA ARG B 99 -10.71 13.24 -24.04
C ARG B 99 -11.21 13.57 -22.64
N THR B 100 -12.42 13.12 -22.37
CA THR B 100 -13.06 13.35 -21.09
C THR B 100 -13.38 12.07 -20.29
N PRO B 101 -12.35 11.39 -19.78
CA PRO B 101 -12.53 10.16 -19.00
C PRO B 101 -13.17 10.44 -17.61
N GLY B 102 -13.64 9.38 -16.96
CA GLY B 102 -14.30 9.47 -15.66
C GLY B 102 -13.54 10.14 -14.53
N HIS B 103 -12.22 10.15 -14.63
CA HIS B 103 -11.35 10.81 -13.65
C HIS B 103 -10.21 11.49 -14.39
N PRO B 104 -9.79 12.66 -13.89
CA PRO B 104 -8.71 13.43 -14.49
C PRO B 104 -7.40 12.66 -14.71
N GLU B 105 -6.83 12.75 -15.91
CA GLU B 105 -5.56 12.09 -16.24
C GLU B 105 -4.54 13.13 -16.66
N PHE B 106 -3.41 13.14 -15.98
CA PHE B 106 -2.29 14.03 -16.22
C PHE B 106 -2.04 14.38 -17.70
N GLU B 107 -2.22 13.36 -18.51
CA GLU B 107 -2.06 13.36 -19.94
C GLU B 107 -2.73 14.51 -20.70
N LEU B 108 -3.79 15.08 -20.12
CA LEU B 108 -4.55 16.19 -20.75
C LEU B 108 -4.02 17.56 -20.37
N PRO B 109 -4.05 18.54 -21.26
CA PRO B 109 -3.57 19.91 -20.99
C PRO B 109 -4.48 20.56 -19.94
N GLY B 110 -3.88 21.11 -18.87
CA GLY B 110 -4.68 21.72 -17.83
C GLY B 110 -4.90 20.77 -16.66
N VAL B 111 -4.61 19.49 -16.84
CA VAL B 111 -4.75 18.48 -15.77
C VAL B 111 -3.30 18.19 -15.37
N GLU B 112 -2.96 18.66 -14.17
CA GLU B 112 -1.63 18.59 -13.55
C GLU B 112 -1.12 17.24 -13.07
N VAL B 113 -2.04 16.35 -12.74
CA VAL B 113 -1.70 15.02 -12.25
C VAL B 113 -2.97 14.19 -12.38
N THR B 114 -2.83 12.87 -12.38
CA THR B 114 -4.01 12.00 -12.47
C THR B 114 -4.51 11.78 -11.05
N THR B 115 -5.82 11.87 -10.87
CA THR B 115 -6.45 11.65 -9.58
C THR B 115 -7.65 10.74 -9.76
N GLY B 116 -8.13 10.20 -8.66
CA GLY B 116 -9.25 9.27 -8.68
C GLY B 116 -9.07 8.68 -7.31
N PRO B 117 -7.93 8.02 -7.05
CA PRO B 117 -7.62 7.42 -5.76
C PRO B 117 -7.50 8.59 -4.79
N LEU B 118 -8.29 8.54 -3.73
CA LEU B 118 -8.30 9.60 -2.74
C LEU B 118 -6.97 9.71 -2.01
N GLY B 119 -6.64 10.92 -1.57
CA GLY B 119 -5.42 11.18 -0.85
C GLY B 119 -4.19 11.51 -1.67
N GLN B 120 -4.21 11.16 -2.96
CA GLN B 120 -3.10 11.37 -3.89
C GLN B 120 -2.84 12.81 -4.36
N GLY B 121 -3.91 13.56 -4.66
CA GLY B 121 -3.74 14.92 -5.16
C GLY B 121 -3.12 15.93 -4.21
N ILE B 122 -3.54 15.84 -2.96
CA ILE B 122 -3.06 16.72 -1.90
C ILE B 122 -1.56 16.50 -1.70
N SER B 123 -1.16 15.24 -1.66
CA SER B 123 0.24 14.84 -1.49
C SER B 123 1.07 15.25 -2.71
N ASN B 124 0.51 15.11 -3.91
CA ASN B 124 1.18 15.51 -5.16
C ASN B 124 1.43 17.03 -5.11
N ALA B 125 0.42 17.77 -4.69
CA ALA B 125 0.52 19.22 -4.60
C ALA B 125 1.65 19.65 -3.66
N VAL B 126 1.96 18.83 -2.67
CA VAL B 126 3.03 19.13 -1.72
C VAL B 126 4.35 19.02 -2.45
N GLY B 127 4.51 17.99 -3.25
CA GLY B 127 5.73 17.84 -4.01
C GLY B 127 5.87 19.02 -4.95
N MET B 128 4.78 19.47 -5.56
CA MET B 128 4.87 20.60 -6.49
C MET B 128 5.38 21.88 -5.85
N ALA B 129 5.03 22.09 -4.59
CA ALA B 129 5.43 23.29 -3.86
C ALA B 129 6.88 23.18 -3.39
N MET B 130 7.32 21.96 -3.09
CA MET B 130 8.70 21.71 -2.67
C MET B 130 9.56 22.03 -3.90
N ALA B 131 9.15 21.51 -5.06
CA ALA B 131 9.86 21.75 -6.32
C ALA B 131 9.92 23.27 -6.64
N GLN B 132 8.83 23.99 -6.40
CA GLN B 132 8.79 25.44 -6.66
C GLN B 132 9.80 26.10 -5.75
N ALA B 133 9.73 25.79 -4.47
CA ALA B 133 10.63 26.38 -3.50
C ALA B 133 12.09 26.11 -3.85
N ASN B 134 12.35 24.95 -4.43
CA ASN B 134 13.71 24.62 -4.81
C ASN B 134 14.12 25.38 -6.08
N LEU B 135 13.22 25.46 -7.06
CA LEU B 135 13.54 26.18 -8.29
C LEU B 135 13.83 27.66 -8.01
N ALA B 136 13.00 28.28 -7.20
CA ALA B 136 13.17 29.68 -6.86
C ALA B 136 14.48 29.97 -6.14
N ALA B 137 14.82 29.14 -5.18
CA ALA B 137 16.04 29.32 -4.40
C ALA B 137 17.29 29.07 -5.21
N THR B 138 17.13 28.40 -6.35
CA THR B 138 18.26 28.05 -7.20
C THR B 138 18.50 29.00 -8.38
N TYR B 139 17.43 29.56 -8.94
CA TYR B 139 17.56 30.43 -10.10
C TYR B 139 17.26 31.90 -9.89
N ASN B 140 16.33 32.18 -9.00
CA ASN B 140 15.97 33.56 -8.74
C ASN B 140 17.22 34.30 -8.33
N LYS B 141 17.35 35.51 -8.86
CA LYS B 141 18.46 36.41 -8.58
C LYS B 141 17.80 37.76 -8.37
N PRO B 142 18.49 38.70 -7.72
CA PRO B 142 17.85 40.00 -7.50
C PRO B 142 17.60 40.65 -8.84
N GLY B 143 16.34 41.01 -9.08
CA GLY B 143 15.97 41.63 -10.34
C GLY B 143 15.25 40.63 -11.20
N PHE B 144 15.53 39.35 -10.97
CA PHE B 144 14.93 38.28 -11.76
C PHE B 144 14.19 37.23 -10.91
N THR B 145 12.91 37.44 -10.68
CA THR B 145 12.09 36.49 -9.94
C THR B 145 11.46 35.60 -11.00
N LEU B 146 12.21 34.58 -11.39
CA LEU B 146 11.78 33.65 -12.41
C LEU B 146 10.74 32.69 -11.89
N SER B 147 10.76 32.47 -10.59
CA SER B 147 9.83 31.54 -9.99
C SER B 147 9.17 32.05 -8.73
N ASP B 148 7.84 32.00 -8.71
CA ASP B 148 7.08 32.42 -7.55
C ASP B 148 5.61 31.95 -7.57
N ASN B 149 5.29 30.95 -8.38
CA ASN B 149 3.90 30.51 -8.44
C ASN B 149 3.32 29.89 -7.15
N TYR B 150 1.99 29.85 -7.08
CA TYR B 150 1.27 29.25 -5.95
C TYR B 150 0.77 27.88 -6.38
N THR B 151 0.47 27.02 -5.41
CA THR B 151 -0.06 25.68 -5.63
C THR B 151 -1.38 25.53 -4.88
N TYR B 152 -2.48 25.48 -5.63
CA TYR B 152 -3.82 25.38 -5.07
C TYR B 152 -4.37 23.98 -5.19
N VAL B 153 -5.18 23.59 -4.21
CA VAL B 153 -5.76 22.25 -4.16
C VAL B 153 -7.17 22.32 -3.63
N PHE B 154 -8.00 21.42 -4.14
CA PHE B 154 -9.40 21.26 -3.72
C PHE B 154 -9.43 19.85 -3.13
N LEU B 155 -9.99 19.68 -1.93
CA LEU B 155 -10.07 18.35 -1.31
C LEU B 155 -11.35 18.11 -0.51
N GLY B 156 -11.68 16.84 -0.31
CA GLY B 156 -12.87 16.49 0.43
C GLY B 156 -12.59 15.67 1.67
N ASP B 157 -13.66 15.20 2.30
CA ASP B 157 -13.54 14.39 3.50
C ASP B 157 -12.73 13.12 3.22
N GLY B 158 -12.95 12.53 2.04
CA GLY B 158 -12.25 11.31 1.65
C GLY B 158 -10.75 11.46 1.69
N CYS B 159 -10.28 12.58 1.14
CA CYS B 159 -8.86 12.89 1.09
C CYS B 159 -8.24 13.01 2.48
N LEU B 160 -8.97 13.67 3.37
CA LEU B 160 -8.53 13.88 4.74
C LEU B 160 -8.59 12.63 5.60
N GLN B 161 -9.27 11.60 5.12
CA GLN B 161 -9.37 10.36 5.87
C GLN B 161 -8.26 9.37 5.58
N GLU B 162 -7.70 9.45 4.36
CA GLU B 162 -6.60 8.58 3.93
C GLU B 162 -5.28 8.98 4.59
N GLY B 163 -4.60 8.01 5.19
CA GLY B 163 -3.34 8.25 5.88
C GLY B 163 -2.29 9.02 5.11
N ILE B 164 -2.27 8.85 3.80
CA ILE B 164 -1.29 9.50 2.95
C ILE B 164 -1.34 11.03 2.99
N SER B 165 -2.52 11.59 3.12
CA SER B 165 -2.64 13.02 3.18
C SER B 165 -2.17 13.53 4.54
N SER B 166 -2.24 12.68 5.56
CA SER B 166 -1.75 13.05 6.87
C SER B 166 -0.22 13.07 6.80
N GLU B 167 0.39 12.01 6.25
CA GLU B 167 1.86 11.98 6.12
C GLU B 167 2.34 13.26 5.42
N ALA B 168 1.78 13.54 4.25
CA ALA B 168 2.13 14.71 3.47
C ALA B 168 1.87 16.05 4.16
N SER B 169 0.78 16.16 4.90
CA SER B 169 0.46 17.41 5.60
C SER B 169 1.39 17.62 6.80
N SER B 170 1.90 16.52 7.35
CA SER B 170 2.82 16.62 8.48
C SER B 170 4.12 17.22 7.89
N LEU B 171 4.60 16.60 6.84
CA LEU B 171 5.81 17.05 6.16
C LEU B 171 5.63 18.48 5.65
N ALA B 172 4.52 18.75 4.97
CA ALA B 172 4.23 20.08 4.43
C ALA B 172 4.36 21.18 5.51
N GLY B 173 3.86 20.89 6.70
CA GLY B 173 3.96 21.83 7.81
C GLY B 173 5.38 21.93 8.31
N HIS B 174 6.12 20.83 8.29
CA HIS B 174 7.48 20.89 8.75
C HIS B 174 8.31 21.76 7.82
N LEU B 175 8.09 21.59 6.52
CA LEU B 175 8.84 22.33 5.50
C LEU B 175 8.42 23.77 5.36
N LYS B 176 7.33 24.13 6.02
CA LYS B 176 6.84 25.50 6.03
C LYS B 176 6.52 26.03 4.62
N LEU B 177 5.78 25.23 3.86
CA LEU B 177 5.43 25.57 2.49
C LEU B 177 4.25 26.55 2.36
N GLY B 178 4.52 27.83 2.64
CA GLY B 178 3.49 28.87 2.59
C GLY B 178 2.74 29.20 1.30
N ASN B 179 3.26 28.73 0.18
CA ASN B 179 2.63 28.94 -1.12
C ASN B 179 1.65 27.83 -1.48
N LEU B 180 1.49 26.87 -0.57
CA LEU B 180 0.57 25.76 -0.78
C LEU B 180 -0.71 26.13 -0.06
N ILE B 181 -1.78 26.24 -0.83
CA ILE B 181 -3.09 26.61 -0.32
C ILE B 181 -4.12 25.56 -0.72
N ALA B 182 -4.72 24.94 0.29
CA ALA B 182 -5.70 23.90 0.11
C ALA B 182 -7.09 24.38 0.54
N ILE B 183 -8.08 24.19 -0.33
CA ILE B 183 -9.45 24.56 -0.02
C ILE B 183 -10.26 23.27 0.18
N TYR B 184 -10.75 23.10 1.39
CA TYR B 184 -11.48 21.92 1.80
C TYR B 184 -13.01 22.05 1.73
N ASP B 185 -13.60 21.16 0.92
CA ASP B 185 -15.03 21.04 0.66
C ASP B 185 -15.65 20.34 1.88
N ASP B 186 -15.97 21.14 2.89
CA ASP B 186 -16.52 20.64 4.13
C ASP B 186 -18.05 20.54 4.01
N ASN B 187 -18.52 19.51 3.31
CA ASN B 187 -19.97 19.35 3.10
C ASN B 187 -20.75 18.35 3.93
N LYS B 188 -20.06 17.63 4.83
CA LYS B 188 -20.69 16.66 5.75
C LYS B 188 -21.23 15.37 5.16
N ILE B 189 -20.81 15.03 3.95
CA ILE B 189 -21.31 13.84 3.27
C ILE B 189 -20.21 13.07 2.58
N THR B 190 -20.30 11.76 2.60
CA THR B 190 -19.39 10.86 1.89
C THR B 190 -20.34 9.81 1.38
N ILE B 191 -19.82 8.75 0.76
CA ILE B 191 -20.68 7.70 0.23
C ILE B 191 -21.64 7.03 1.23
N ASP B 192 -21.10 6.50 2.32
CA ASP B 192 -21.92 5.82 3.32
C ASP B 192 -22.96 6.69 3.98
N GLY B 193 -22.78 8.00 3.95
CA GLY B 193 -23.75 8.87 4.55
C GLY B 193 -23.09 10.05 5.19
N ALA B 194 -23.57 10.44 6.36
CA ALA B 194 -23.04 11.59 7.08
C ALA B 194 -21.66 11.31 7.66
N THR B 195 -20.82 12.34 7.73
CA THR B 195 -19.48 12.18 8.25
C THR B 195 -19.47 11.71 9.70
N SER B 196 -20.41 12.21 10.50
CA SER B 196 -20.51 11.84 11.90
C SER B 196 -20.54 10.34 12.16
N ILE B 197 -20.89 9.58 11.13
CA ILE B 197 -20.96 8.15 11.24
C ILE B 197 -19.58 7.48 11.36
N SER B 198 -18.52 8.24 11.11
CA SER B 198 -17.17 7.68 11.20
C SER B 198 -16.06 8.70 11.12
N PHE B 199 -16.38 9.97 10.92
CA PHE B 199 -15.37 11.01 10.78
C PHE B 199 -15.81 12.25 11.52
N ASP B 200 -15.58 12.30 12.82
CA ASP B 200 -15.99 13.49 13.58
C ASP B 200 -14.85 14.19 14.31
N GLU B 201 -13.64 13.98 13.82
CA GLU B 201 -12.45 14.61 14.38
C GLU B 201 -12.45 16.12 14.08
N ASP B 202 -11.56 16.82 14.77
CA ASP B 202 -11.41 18.28 14.62
C ASP B 202 -10.26 18.50 13.63
N VAL B 203 -10.61 18.56 12.35
CA VAL B 203 -9.67 18.75 11.24
C VAL B 203 -8.85 20.03 11.41
N ALA B 204 -9.53 21.10 11.82
CA ALA B 204 -8.87 22.38 12.04
C ALA B 204 -7.77 22.27 13.08
N LYS B 205 -8.06 21.62 14.20
CA LYS B 205 -7.08 21.48 15.26
C LYS B 205 -5.97 20.52 14.87
N ARG B 206 -6.31 19.50 14.09
CA ARG B 206 -5.33 18.54 13.65
C ARG B 206 -4.35 19.23 12.69
N TYR B 207 -4.86 20.16 11.88
CA TYR B 207 -4.02 20.88 10.92
C TYR B 207 -3.06 21.89 11.55
N GLU B 208 -3.49 22.55 12.62
CA GLU B 208 -2.66 23.53 13.35
C GLU B 208 -1.52 22.80 14.00
N ALA B 209 -1.79 21.55 14.39
CA ALA B 209 -0.81 20.67 15.02
C ALA B 209 0.34 20.40 14.05
N TYR B 210 0.05 20.40 12.74
CA TYR B 210 1.09 20.17 11.73
C TYR B 210 1.92 21.40 11.46
N GLY B 211 1.42 22.55 11.88
CA GLY B 211 2.11 23.80 11.63
C GLY B 211 1.45 24.58 10.50
N TRP B 212 0.25 24.18 10.13
CA TRP B 212 -0.53 24.83 9.07
C TRP B 212 -1.38 25.96 9.64
N GLU B 213 -1.84 26.83 8.74
CA GLU B 213 -2.73 27.91 9.13
C GLU B 213 -4.08 27.46 8.61
N VAL B 214 -5.13 27.70 9.39
CA VAL B 214 -6.49 27.31 8.99
C VAL B 214 -7.40 28.53 9.03
N LEU B 215 -8.03 28.81 7.90
CA LEU B 215 -8.98 29.91 7.76
C LEU B 215 -10.32 29.22 7.54
N TYR B 216 -11.42 29.90 7.84
CA TYR B 216 -12.74 29.29 7.70
C TYR B 216 -13.59 30.14 6.78
N VAL B 217 -14.50 29.52 6.03
CA VAL B 217 -15.44 30.24 5.17
C VAL B 217 -16.75 29.51 5.45
N GLU B 218 -17.64 30.16 6.20
CA GLU B 218 -18.91 29.55 6.57
C GLU B 218 -19.92 29.39 5.44
N ASN B 219 -19.99 30.36 4.53
CA ASN B 219 -20.95 30.23 3.43
C ASN B 219 -20.35 30.01 2.04
N GLY B 220 -19.83 28.80 1.81
CA GLY B 220 -19.24 28.50 0.52
C GLY B 220 -20.23 28.40 -0.62
N ASN B 221 -21.52 28.31 -0.30
CA ASN B 221 -22.57 28.23 -1.30
C ASN B 221 -22.75 29.54 -2.02
N GLU B 222 -22.48 30.65 -1.32
CA GLU B 222 -22.67 31.93 -1.97
C GLU B 222 -21.81 33.14 -1.62
N ASP B 223 -20.99 33.06 -0.58
CA ASP B 223 -20.14 34.18 -0.16
C ASP B 223 -18.90 34.32 -1.05
N LEU B 224 -19.07 34.88 -2.25
CA LEU B 224 -17.94 35.04 -3.18
C LEU B 224 -16.82 35.88 -2.58
N ALA B 225 -17.22 36.97 -1.94
CA ALA B 225 -16.29 37.90 -1.31
C ALA B 225 -15.56 37.26 -0.14
N GLY B 226 -16.23 36.36 0.58
CA GLY B 226 -15.59 35.73 1.71
C GLY B 226 -14.57 34.71 1.26
N ILE B 227 -14.90 34.03 0.17
CA ILE B 227 -14.00 33.04 -0.38
C ILE B 227 -12.78 33.77 -0.89
N ALA B 228 -13.03 34.91 -1.52
CA ALA B 228 -11.96 35.73 -2.07
C ALA B 228 -11.02 36.25 -1.00
N LYS B 229 -11.57 36.58 0.18
CA LYS B 229 -10.80 37.10 1.31
C LYS B 229 -9.94 36.01 1.94
N ALA B 230 -10.53 34.83 2.04
CA ALA B 230 -9.90 33.64 2.59
C ALA B 230 -8.67 33.32 1.75
N ILE B 231 -8.83 33.36 0.43
CA ILE B 231 -7.71 33.08 -0.45
C ILE B 231 -6.63 34.15 -0.34
N ALA B 232 -7.03 35.42 -0.24
CA ALA B 232 -6.09 36.54 -0.13
C ALA B 232 -5.26 36.44 1.14
N GLN B 233 -5.95 36.26 2.26
CA GLN B 233 -5.31 36.11 3.56
C GLN B 233 -4.32 34.94 3.52
N ALA B 234 -4.75 33.86 2.87
CA ALA B 234 -3.95 32.66 2.71
C ALA B 234 -2.63 32.95 2.02
N LYS B 235 -2.66 33.86 1.05
CA LYS B 235 -1.47 34.23 0.29
C LYS B 235 -0.45 35.02 1.09
N LEU B 236 -0.87 35.56 2.23
CA LEU B 236 0.03 36.32 3.08
C LEU B 236 0.86 35.38 3.99
N SER B 237 0.32 34.20 4.29
CA SER B 237 1.04 33.22 5.13
C SER B 237 2.23 32.65 4.38
N LYS B 238 3.36 33.34 4.43
CA LYS B 238 4.52 32.86 3.70
C LYS B 238 5.22 31.65 4.30
N ASP B 239 5.23 31.57 5.63
CA ASP B 239 5.89 30.50 6.37
C ASP B 239 4.99 29.34 6.84
N LYS B 240 3.74 29.34 6.40
CA LYS B 240 2.77 28.31 6.78
C LYS B 240 1.88 27.91 5.63
N PRO B 241 1.71 26.60 5.43
CA PRO B 241 0.82 26.23 4.33
C PRO B 241 -0.58 26.55 4.87
N THR B 242 -1.55 26.86 4.01
CA THR B 242 -2.88 27.20 4.49
C THR B 242 -4.01 26.24 4.12
N LEU B 243 -4.88 25.97 5.08
CA LEU B 243 -6.03 25.11 4.85
C LEU B 243 -7.22 26.05 5.06
N ILE B 244 -8.15 26.06 4.12
CA ILE B 244 -9.33 26.89 4.21
C ILE B 244 -10.50 25.91 4.31
N LYS B 245 -11.06 25.78 5.50
CA LYS B 245 -12.20 24.89 5.73
C LYS B 245 -13.42 25.65 5.27
N MET B 246 -13.85 25.36 4.05
CA MET B 246 -14.99 26.03 3.46
C MET B 246 -16.21 25.12 3.49
N THR B 247 -17.25 25.57 4.18
CA THR B 247 -18.51 24.83 4.33
C THR B 247 -19.44 25.02 3.12
N THR B 248 -19.95 23.92 2.59
CA THR B 248 -20.85 23.98 1.46
C THR B 248 -21.92 22.89 1.58
N THR B 249 -22.88 22.87 0.66
CA THR B 249 -23.96 21.89 0.62
C THR B 249 -23.75 21.01 -0.63
N ILE B 250 -23.53 19.70 -0.44
CA ILE B 250 -23.33 18.82 -1.59
C ILE B 250 -24.59 18.87 -2.46
N GLY B 251 -24.41 19.06 -3.76
CA GLY B 251 -25.56 19.10 -4.67
C GLY B 251 -26.42 20.35 -4.61
N TYR B 252 -25.82 21.43 -4.12
CA TYR B 252 -26.48 22.73 -4.00
C TYR B 252 -27.35 23.06 -5.22
N GLY B 253 -28.62 23.37 -4.98
CA GLY B 253 -29.53 23.69 -6.07
C GLY B 253 -30.42 22.52 -6.46
N SER B 254 -29.90 21.32 -6.26
CA SER B 254 -30.63 20.10 -6.56
C SER B 254 -31.75 19.94 -5.55
N LEU B 255 -32.77 19.20 -5.96
CA LEU B 255 -33.91 18.91 -5.12
C LEU B 255 -33.45 17.98 -4.00
N HIS B 256 -32.32 17.30 -4.19
CA HIS B 256 -31.79 16.38 -3.19
C HIS B 256 -30.44 16.84 -2.64
N ALA B 257 -30.30 18.16 -2.50
CA ALA B 257 -29.10 18.80 -1.99
C ALA B 257 -28.89 18.45 -0.53
N GLY B 258 -27.66 18.09 -0.18
CA GLY B 258 -27.36 17.73 1.20
C GLY B 258 -27.49 16.25 1.48
N SER B 259 -27.97 15.50 0.50
CA SER B 259 -28.13 14.06 0.66
C SER B 259 -26.98 13.36 -0.06
N HIS B 260 -26.59 12.20 0.45
CA HIS B 260 -25.51 11.45 -0.18
C HIS B 260 -25.97 10.84 -1.50
N SER B 261 -27.26 11.01 -1.81
CA SER B 261 -27.80 10.50 -3.07
C SER B 261 -27.28 11.30 -4.26
N VAL B 262 -26.89 12.55 -4.01
CA VAL B 262 -26.35 13.40 -5.05
C VAL B 262 -24.83 13.24 -5.16
N HIS B 263 -24.26 12.31 -4.39
CA HIS B 263 -22.82 12.10 -4.46
C HIS B 263 -22.36 11.57 -5.81
N GLY B 264 -22.81 10.38 -6.18
CA GLY B 264 -22.35 9.79 -7.43
C GLY B 264 -23.34 9.23 -8.42
N ALA B 265 -24.41 9.97 -8.68
CA ALA B 265 -25.43 9.57 -9.63
C ALA B 265 -25.92 10.78 -10.38
N PRO B 266 -26.15 10.66 -11.70
CA PRO B 266 -26.63 11.85 -12.41
C PRO B 266 -28.00 12.23 -11.88
N LEU B 267 -28.22 13.52 -11.69
CA LEU B 267 -29.49 14.01 -11.19
C LEU B 267 -30.66 13.58 -12.08
N LYS B 268 -31.84 13.46 -11.48
CA LYS B 268 -33.05 13.08 -12.21
C LYS B 268 -33.45 14.24 -13.12
N ALA B 269 -33.84 13.92 -14.35
CA ALA B 269 -34.21 14.91 -15.36
C ALA B 269 -35.04 16.12 -14.90
N ASP B 270 -36.10 15.85 -14.16
CA ASP B 270 -36.98 16.89 -13.65
C ASP B 270 -36.22 17.78 -12.68
N ASP B 271 -35.33 17.16 -11.89
CA ASP B 271 -34.50 17.88 -10.93
C ASP B 271 -33.55 18.82 -11.70
N VAL B 272 -33.07 18.35 -12.86
CA VAL B 272 -32.19 19.15 -13.68
C VAL B 272 -32.95 20.35 -14.24
N LYS B 273 -34.18 20.12 -14.66
CA LYS B 273 -34.99 21.20 -15.20
C LYS B 273 -35.22 22.29 -14.17
N GLN B 274 -35.62 21.91 -12.96
CA GLN B 274 -35.87 22.90 -11.93
C GLN B 274 -34.62 23.69 -11.57
N LEU B 275 -33.47 23.02 -11.62
CA LEU B 275 -32.19 23.65 -11.30
C LEU B 275 -31.91 24.73 -12.33
N LYS B 276 -32.00 24.36 -13.60
CA LYS B 276 -31.77 25.32 -14.66
C LYS B 276 -32.69 26.51 -14.48
N SER B 277 -34.01 26.27 -14.37
CA SER B 277 -34.99 27.35 -14.19
C SER B 277 -34.59 28.24 -13.02
N LYS B 278 -34.33 27.60 -11.89
CA LYS B 278 -33.92 28.25 -10.65
C LYS B 278 -32.80 29.26 -10.94
N PHE B 279 -31.85 28.83 -11.76
CA PHE B 279 -30.71 29.67 -12.11
C PHE B 279 -30.91 30.53 -13.35
N GLY B 280 -32.16 30.67 -13.79
CA GLY B 280 -32.45 31.48 -14.95
C GLY B 280 -32.10 30.89 -16.30
N PHE B 281 -31.93 29.57 -16.37
CA PHE B 281 -31.61 28.91 -17.63
C PHE B 281 -32.81 28.16 -18.17
N ASN B 282 -32.86 28.00 -19.49
CA ASN B 282 -33.96 27.28 -20.15
C ASN B 282 -33.82 25.81 -19.80
N PRO B 283 -34.79 25.24 -19.05
CA PRO B 283 -34.72 23.84 -18.66
C PRO B 283 -34.71 22.85 -19.81
N ASP B 284 -34.96 23.33 -21.03
CA ASP B 284 -34.98 22.46 -22.20
C ASP B 284 -33.73 22.48 -23.08
N LYS B 285 -32.74 23.30 -22.73
CA LYS B 285 -31.54 23.34 -23.53
C LYS B 285 -30.35 22.85 -22.70
N SER B 286 -29.37 22.26 -23.38
CA SER B 286 -28.19 21.73 -22.72
C SER B 286 -26.86 22.21 -23.30
N PHE B 287 -25.85 22.24 -22.42
CA PHE B 287 -24.50 22.68 -22.77
C PHE B 287 -24.52 24.09 -23.34
N VAL B 288 -25.23 24.98 -22.63
CA VAL B 288 -25.35 26.38 -23.01
C VAL B 288 -24.37 27.28 -22.26
N VAL B 289 -23.56 28.01 -23.02
CA VAL B 289 -22.60 28.93 -22.41
C VAL B 289 -22.86 30.37 -22.87
N PRO B 290 -23.47 31.19 -21.99
CA PRO B 290 -23.75 32.58 -22.35
C PRO B 290 -22.50 33.27 -22.84
N GLN B 291 -22.62 34.01 -23.93
CA GLN B 291 -21.49 34.73 -24.51
C GLN B 291 -20.77 35.52 -23.45
N GLU B 292 -21.54 36.19 -22.60
CA GLU B 292 -20.95 37.03 -21.54
C GLU B 292 -19.99 36.28 -20.67
N VAL B 293 -20.19 34.98 -20.56
CA VAL B 293 -19.32 34.16 -19.78
C VAL B 293 -17.97 34.01 -20.51
N TYR B 294 -18.03 33.69 -21.81
CA TYR B 294 -16.81 33.53 -22.61
C TYR B 294 -16.02 34.81 -22.61
N ASP B 295 -16.74 35.92 -22.79
CA ASP B 295 -16.11 37.24 -22.83
C ASP B 295 -15.45 37.59 -21.49
N HIS B 296 -16.05 37.15 -20.39
CA HIS B 296 -15.54 37.45 -19.06
C HIS B 296 -14.22 36.77 -18.78
N TYR B 297 -14.17 35.46 -18.97
CA TYR B 297 -12.94 34.75 -18.73
C TYR B 297 -11.85 35.14 -19.69
N GLN B 298 -12.22 35.49 -20.91
CA GLN B 298 -11.24 35.91 -21.88
C GLN B 298 -10.50 37.13 -21.30
N LYS B 299 -11.27 38.06 -20.75
CA LYS B 299 -10.75 39.29 -20.17
C LYS B 299 -10.01 39.16 -18.85
N THR B 300 -10.60 38.44 -17.92
CA THR B 300 -10.02 38.28 -16.61
C THR B 300 -8.95 37.21 -16.47
N ILE B 301 -8.90 36.26 -17.40
CA ILE B 301 -7.92 35.20 -17.28
C ILE B 301 -7.02 34.98 -18.49
N LEU B 302 -7.61 34.64 -19.63
CA LEU B 302 -6.84 34.37 -20.84
C LEU B 302 -5.91 35.52 -21.23
N LYS B 303 -6.45 36.72 -21.44
CA LYS B 303 -5.61 37.85 -21.83
C LYS B 303 -4.56 38.24 -20.77
N PRO B 304 -4.97 38.40 -19.50
CA PRO B 304 -3.94 38.76 -18.52
C PRO B 304 -2.83 37.72 -18.50
N GLY B 305 -3.23 36.44 -18.48
CA GLY B 305 -2.28 35.34 -18.45
C GLY B 305 -1.32 35.32 -19.63
N VAL B 306 -1.84 35.49 -20.83
CA VAL B 306 -0.99 35.52 -22.01
C VAL B 306 0.03 36.64 -21.82
N GLU B 307 -0.42 37.79 -21.32
CA GLU B 307 0.44 38.95 -21.11
C GLU B 307 1.49 38.63 -20.03
N ALA B 308 1.09 37.92 -18.98
CA ALA B 308 2.00 37.56 -17.89
C ALA B 308 3.10 36.64 -18.42
N ASN B 309 2.70 35.70 -19.27
CA ASN B 309 3.62 34.74 -19.87
C ASN B 309 4.59 35.45 -20.79
N ASN B 310 4.13 36.54 -21.39
CA ASN B 310 4.96 37.32 -22.30
C ASN B 310 6.04 38.07 -21.53
N LYS B 311 5.67 38.76 -20.43
CA LYS B 311 6.65 39.47 -19.62
C LYS B 311 7.66 38.45 -19.11
N TRP B 312 7.16 37.34 -18.58
CA TRP B 312 8.02 36.30 -18.04
C TRP B 312 9.13 35.89 -19.03
N ASN B 313 8.75 35.66 -20.29
CA ASN B 313 9.71 35.30 -21.33
C ASN B 313 10.76 36.38 -21.60
N LYS B 314 10.38 37.65 -21.47
CA LYS B 314 11.34 38.74 -21.73
C LYS B 314 12.38 38.74 -20.60
N LEU B 315 11.89 38.68 -19.38
CA LEU B 315 12.68 38.65 -18.17
C LEU B 315 13.68 37.52 -18.26
N PHE B 316 13.18 36.37 -18.68
CA PHE B 316 14.02 35.20 -18.79
C PHE B 316 15.13 35.42 -19.80
N SER B 317 14.82 35.99 -20.96
CA SER B 317 15.86 36.23 -21.95
C SER B 317 16.90 37.20 -21.41
N GLU B 318 16.48 38.19 -20.61
CA GLU B 318 17.42 39.14 -20.03
C GLU B 318 18.34 38.38 -19.07
N TYR B 319 17.76 37.44 -18.34
CA TYR B 319 18.44 36.61 -17.35
C TYR B 319 19.58 35.82 -17.98
N GLN B 320 19.30 35.16 -19.11
CA GLN B 320 20.32 34.37 -19.79
C GLN B 320 21.43 35.24 -20.32
N LYS B 321 21.20 36.55 -20.35
CA LYS B 321 22.21 37.49 -20.79
C LYS B 321 23.10 37.79 -19.60
N LYS B 322 22.45 38.12 -18.49
CA LYS B 322 23.10 38.45 -17.23
C LYS B 322 23.82 37.31 -16.53
N PHE B 323 23.21 36.13 -16.57
CA PHE B 323 23.78 34.95 -15.93
C PHE B 323 23.73 33.83 -16.97
N PRO B 324 24.76 33.73 -17.80
CA PRO B 324 24.88 32.72 -18.86
C PRO B 324 24.82 31.26 -18.40
N GLU B 325 25.58 30.89 -17.37
CA GLU B 325 25.59 29.51 -16.87
C GLU B 325 24.22 29.06 -16.43
N LEU B 326 23.69 29.78 -15.45
CA LEU B 326 22.37 29.49 -14.91
C LEU B 326 21.27 29.54 -15.96
N GLY B 327 21.30 30.55 -16.83
CA GLY B 327 20.29 30.65 -17.86
C GLY B 327 20.33 29.46 -18.80
N ALA B 328 21.53 29.04 -19.21
CA ALA B 328 21.66 27.90 -20.11
C ALA B 328 21.13 26.60 -19.51
N GLU B 329 21.37 26.43 -18.21
CA GLU B 329 20.95 25.27 -17.44
C GLU B 329 19.45 25.29 -17.33
N LEU B 330 18.89 26.43 -16.92
CA LEU B 330 17.45 26.50 -16.82
C LEU B 330 16.83 26.25 -18.18
N ALA B 331 17.42 26.82 -19.23
CA ALA B 331 16.91 26.62 -20.58
C ALA B 331 16.92 25.14 -20.94
N ARG B 332 17.99 24.44 -20.58
CA ARG B 332 18.12 23.02 -20.86
C ARG B 332 17.13 22.17 -20.09
N ARG B 333 17.01 22.43 -18.80
CA ARG B 333 16.09 21.68 -17.97
C ARG B 333 14.70 21.94 -18.52
N LEU B 334 14.41 23.19 -18.84
CA LEU B 334 13.12 23.53 -19.41
C LEU B 334 12.86 22.82 -20.72
N SER B 335 13.90 22.64 -21.53
CA SER B 335 13.74 21.95 -22.80
C SER B 335 13.63 20.45 -22.53
N GLY B 336 13.92 20.04 -21.30
CA GLY B 336 13.83 18.64 -20.93
C GLY B 336 14.94 17.72 -21.39
N GLN B 337 16.15 18.26 -21.54
CA GLN B 337 17.30 17.48 -21.94
C GLN B 337 18.24 17.33 -20.77
N LEU B 338 18.95 16.21 -20.76
CA LEU B 338 19.92 15.90 -19.74
C LEU B 338 21.20 16.50 -20.28
N PRO B 339 22.13 16.89 -19.40
CA PRO B 339 23.39 17.46 -19.86
C PRO B 339 24.04 16.54 -20.88
N ALA B 340 24.71 17.12 -21.87
CA ALA B 340 25.36 16.34 -22.91
C ALA B 340 26.47 15.41 -22.42
N ASN B 341 26.32 14.15 -22.80
CA ASN B 341 27.26 13.10 -22.47
C ASN B 341 27.49 12.99 -20.96
N TRP B 342 26.42 13.15 -20.20
CA TRP B 342 26.50 13.05 -18.76
C TRP B 342 26.86 11.60 -18.41
N GLU B 343 26.40 10.65 -19.23
CA GLU B 343 26.67 9.23 -18.98
C GLU B 343 28.14 8.88 -18.91
N SER B 344 28.99 9.84 -19.24
CA SER B 344 30.43 9.64 -19.18
C SER B 344 30.91 9.55 -17.73
N LYS B 345 30.18 10.18 -16.82
CA LYS B 345 30.55 10.19 -15.39
C LYS B 345 30.21 8.90 -14.65
N LEU B 346 29.40 8.06 -15.30
CA LEU B 346 28.97 6.78 -14.73
C LEU B 346 30.12 5.82 -14.58
N PRO B 347 30.27 5.24 -13.39
CA PRO B 347 31.37 4.30 -13.15
C PRO B 347 31.27 2.95 -13.86
N THR B 348 32.42 2.44 -14.25
CA THR B 348 32.57 1.14 -14.93
C THR B 348 33.54 0.30 -14.08
N TYR B 349 33.39 -1.02 -14.13
CA TYR B 349 34.22 -1.96 -13.36
C TYR B 349 34.71 -3.16 -14.16
N THR B 350 35.59 -3.94 -13.56
CA THR B 350 36.11 -5.17 -14.17
C THR B 350 36.11 -6.18 -13.05
N ALA B 351 36.19 -7.46 -13.42
CA ALA B 351 36.20 -8.53 -12.45
C ALA B 351 37.35 -8.40 -11.44
N LYS B 352 38.35 -7.57 -11.74
CA LYS B 352 39.45 -7.44 -10.78
C LYS B 352 39.17 -6.53 -9.62
N ASP B 353 38.06 -5.80 -9.70
CA ASP B 353 37.63 -4.91 -8.64
C ASP B 353 37.02 -5.74 -7.52
N SER B 354 36.96 -5.13 -6.34
CA SER B 354 36.42 -5.75 -5.15
C SER B 354 34.91 -5.97 -5.14
N ALA B 355 34.46 -6.93 -4.32
CA ALA B 355 33.05 -7.24 -4.17
C ALA B 355 32.39 -6.16 -3.30
N VAL B 356 31.29 -5.61 -3.79
CA VAL B 356 30.58 -4.56 -3.06
C VAL B 356 29.09 -4.86 -3.15
N ALA B 357 28.36 -4.41 -2.14
CA ALA B 357 26.92 -4.57 -2.10
C ALA B 357 26.42 -3.60 -3.16
N THR B 358 25.47 -4.02 -3.97
CA THR B 358 24.98 -3.11 -4.99
C THR B 358 24.35 -1.85 -4.36
N ARG B 359 24.11 -1.91 -3.05
CA ARG B 359 23.58 -0.80 -2.28
C ARG B 359 24.67 0.29 -2.19
N LYS B 360 25.92 -0.13 -2.09
CA LYS B 360 27.04 0.79 -1.97
C LYS B 360 27.49 1.26 -3.35
N LEU B 361 27.33 0.39 -4.32
CA LEU B 361 27.69 0.73 -5.69
C LEU B 361 26.76 1.86 -6.13
N SER B 362 25.53 1.82 -5.65
CA SER B 362 24.51 2.82 -5.95
C SER B 362 24.96 4.16 -5.42
N GLU B 363 25.38 4.16 -4.16
CA GLU B 363 25.84 5.38 -3.51
C GLU B 363 26.93 6.05 -4.33
N THR B 364 27.84 5.22 -4.81
CA THR B 364 28.96 5.64 -5.63
C THR B 364 28.48 6.33 -6.88
N VAL B 365 27.43 5.81 -7.51
CA VAL B 365 26.89 6.47 -8.70
C VAL B 365 26.37 7.85 -8.32
N LEU B 366 25.59 7.94 -7.24
CA LEU B 366 25.03 9.22 -6.80
C LEU B 366 26.12 10.27 -6.58
N GLU B 367 27.19 9.86 -5.91
CA GLU B 367 28.31 10.75 -5.66
C GLU B 367 28.91 11.26 -6.97
N ASP B 368 28.86 10.42 -8.01
CA ASP B 368 29.42 10.75 -9.32
C ASP B 368 28.56 11.60 -10.26
N VAL B 369 27.23 11.49 -10.20
CA VAL B 369 26.42 12.28 -11.12
C VAL B 369 25.65 13.43 -10.51
N TYR B 370 25.72 13.56 -9.21
CA TYR B 370 25.04 14.62 -8.47
C TYR B 370 25.40 16.01 -8.94
N ASN B 371 26.67 16.23 -9.26
CA ASN B 371 27.06 17.56 -9.70
C ASN B 371 26.85 17.75 -11.19
N GLN B 372 26.59 16.65 -11.90
CA GLN B 372 26.36 16.69 -13.34
C GLN B 372 24.90 17.03 -13.58
N LEU B 373 24.03 16.58 -12.68
CA LEU B 373 22.59 16.75 -12.76
C LEU B 373 21.95 17.62 -11.66
N PRO B 374 21.92 18.95 -11.85
CA PRO B 374 21.32 19.86 -10.87
C PRO B 374 19.85 19.58 -10.61
N GLU B 375 19.21 18.90 -11.56
CA GLU B 375 17.80 18.56 -11.43
C GLU B 375 17.55 17.32 -10.56
N LEU B 376 18.63 16.68 -10.12
CA LEU B 376 18.55 15.47 -9.28
C LEU B 376 18.36 15.93 -7.83
N ILE B 377 17.27 15.44 -7.23
CA ILE B 377 16.90 15.78 -5.87
C ILE B 377 16.54 14.46 -5.19
N GLY B 378 17.35 14.04 -4.22
CA GLY B 378 17.11 12.77 -3.60
C GLY B 378 16.55 12.79 -2.20
N GLY B 379 16.40 11.61 -1.61
CA GLY B 379 15.88 11.54 -0.26
C GLY B 379 15.67 10.13 0.23
N SER B 380 15.29 10.02 1.49
CA SER B 380 15.04 8.71 2.04
C SER B 380 13.98 8.87 3.11
N ALA B 381 13.19 7.81 3.30
CA ALA B 381 12.13 7.76 4.30
C ALA B 381 12.75 7.21 5.59
N ASP B 382 13.57 8.04 6.23
CA ASP B 382 14.26 7.71 7.46
C ASP B 382 15.22 6.52 7.39
N LEU B 383 15.90 6.34 6.27
CA LEU B 383 16.84 5.22 6.13
C LEU B 383 18.10 5.60 5.38
N THR B 384 18.40 6.90 5.40
CA THR B 384 19.56 7.47 4.73
C THR B 384 20.83 6.62 4.83
N PRO B 385 21.16 6.12 6.04
CA PRO B 385 22.35 5.29 6.25
C PRO B 385 22.25 3.82 5.85
N SER B 386 21.02 3.30 5.66
CA SER B 386 20.83 1.91 5.25
C SER B 386 20.77 1.88 3.74
N ASN B 387 20.07 2.86 3.16
CA ASN B 387 19.92 2.96 1.71
C ASN B 387 21.15 3.55 1.06
N LEU B 388 21.92 4.29 1.84
CA LEU B 388 23.15 4.95 1.37
C LEU B 388 22.77 5.97 0.28
N THR B 389 21.65 6.65 0.47
CA THR B 389 21.12 7.61 -0.50
C THR B 389 21.63 9.06 -0.51
N ARG B 390 22.53 9.41 0.41
CA ARG B 390 23.06 10.77 0.52
C ARG B 390 24.45 10.97 -0.05
N TRP B 391 24.65 11.98 -0.90
CA TRP B 391 26.00 12.24 -1.36
C TRP B 391 26.61 13.10 -0.25
N LYS B 392 27.93 13.06 -0.12
CA LYS B 392 28.57 13.80 0.95
C LYS B 392 28.50 15.31 0.95
N GLU B 393 28.56 15.93 -0.22
CA GLU B 393 28.50 17.39 -0.30
C GLU B 393 27.06 17.94 -0.28
N ALA B 394 26.07 17.08 0.00
CA ALA B 394 24.66 17.51 0.00
C ALA B 394 24.22 18.46 1.11
N LEU B 395 23.31 19.37 0.77
CA LEU B 395 22.74 20.30 1.73
C LEU B 395 21.28 19.87 1.71
N ASP B 396 20.69 19.74 2.89
CA ASP B 396 19.30 19.34 2.99
C ASP B 396 18.28 20.39 2.60
N PHE B 397 17.17 19.90 2.07
CA PHE B 397 16.07 20.75 1.69
C PHE B 397 15.31 20.93 2.99
N GLN B 398 15.39 22.14 3.55
CA GLN B 398 14.69 22.48 4.79
C GLN B 398 14.40 23.97 4.72
N PRO B 399 13.55 24.49 5.64
CA PRO B 399 13.26 25.93 5.62
C PRO B 399 14.54 26.58 6.12
N PRO B 400 14.87 27.79 5.65
CA PRO B 400 16.11 28.44 6.12
C PRO B 400 16.23 28.61 7.63
N SER B 401 15.10 28.81 8.29
CA SER B 401 15.06 29.01 9.74
C SER B 401 15.45 27.77 10.55
N SER B 402 15.61 26.64 9.88
CA SER B 402 15.97 25.40 10.57
C SER B 402 17.43 25.29 10.99
N GLY B 403 18.34 25.88 10.21
CA GLY B 403 19.76 25.78 10.51
C GLY B 403 20.34 24.45 10.01
N SER B 404 19.48 23.56 9.54
CA SER B 404 19.91 22.25 9.04
C SER B 404 20.03 22.29 7.53
N GLY B 405 19.53 23.35 6.93
CA GLY B 405 19.61 23.47 5.49
C GLY B 405 18.76 24.61 5.01
N ASN B 406 18.37 24.54 3.75
CA ASN B 406 17.51 25.57 3.19
C ASN B 406 16.90 25.02 1.91
N TYR B 407 15.97 25.77 1.33
CA TYR B 407 15.27 25.35 0.10
C TYR B 407 16.09 25.05 -1.15
N SER B 408 17.34 25.48 -1.21
CA SER B 408 18.19 25.18 -2.37
C SER B 408 18.75 23.78 -2.19
N GLY B 409 18.59 23.24 -0.99
CA GLY B 409 19.08 21.91 -0.70
C GLY B 409 18.45 20.90 -1.63
N ARG B 410 19.20 19.83 -1.89
CA ARG B 410 18.74 18.79 -2.78
C ARG B 410 18.60 17.40 -2.16
N TYR B 411 18.53 17.34 -0.84
CA TYR B 411 18.33 16.05 -0.17
C TYR B 411 17.15 16.23 0.76
N ILE B 412 16.13 15.41 0.59
CA ILE B 412 14.93 15.51 1.43
C ILE B 412 14.82 14.42 2.47
N ARG B 413 14.50 14.81 3.70
CA ARG B 413 14.32 13.85 4.79
C ARG B 413 12.82 13.62 4.93
N TYR B 414 12.33 12.56 4.28
CA TYR B 414 10.91 12.23 4.27
C TYR B 414 10.27 11.71 5.54
N GLY B 415 11.06 11.16 6.46
CA GLY B 415 10.51 10.60 7.68
C GLY B 415 9.97 9.22 7.33
N ILE B 416 9.36 8.53 8.29
CA ILE B 416 8.81 7.21 8.01
C ILE B 416 7.45 7.47 7.34
N ARG B 417 7.49 7.80 6.05
CA ARG B 417 6.28 8.13 5.29
C ARG B 417 6.46 7.67 3.85
N GLU B 418 6.51 6.36 3.63
CA GLU B 418 6.72 5.82 2.28
C GLU B 418 5.69 6.21 1.22
N HIS B 419 4.40 6.14 1.57
CA HIS B 419 3.33 6.50 0.62
C HIS B 419 3.38 7.97 0.23
N ALA B 420 3.56 8.87 1.20
CA ALA B 420 3.64 10.30 0.90
C ALA B 420 4.89 10.60 0.07
N MET B 421 5.98 9.88 0.35
CA MET B 421 7.20 10.07 -0.44
C MET B 421 6.87 9.77 -1.90
N GLY B 422 6.20 8.64 -2.14
CA GLY B 422 5.83 8.27 -3.50
C GLY B 422 5.03 9.33 -4.23
N ALA B 423 4.07 9.96 -3.54
CA ALA B 423 3.22 11.00 -4.13
C ALA B 423 3.91 12.35 -4.28
N ILE B 424 4.77 12.67 -3.32
CA ILE B 424 5.52 13.91 -3.30
C ILE B 424 6.49 13.86 -4.47
N MET B 425 7.04 12.68 -4.73
CA MET B 425 7.95 12.51 -5.85
C MET B 425 7.19 12.69 -7.17
N ASN B 426 5.97 12.20 -7.24
CA ASN B 426 5.21 12.36 -8.48
C ASN B 426 4.96 13.84 -8.72
N GLY B 427 4.70 14.60 -7.66
CA GLY B 427 4.48 16.04 -7.81
C GLY B 427 5.73 16.81 -8.23
N ILE B 428 6.87 16.46 -7.66
CA ILE B 428 8.12 17.12 -8.02
C ILE B 428 8.40 16.83 -9.49
N SER B 429 8.16 15.59 -9.88
CA SER B 429 8.36 15.19 -11.26
C SER B 429 7.36 15.99 -12.13
N ALA B 430 6.10 16.00 -11.69
CA ALA B 430 5.01 16.69 -12.38
C ALA B 430 5.22 18.21 -12.52
N PHE B 431 6.03 18.79 -11.65
CA PHE B 431 6.27 20.24 -11.71
C PHE B 431 6.91 20.74 -12.99
N GLY B 432 7.91 20.01 -13.48
CA GLY B 432 8.62 20.38 -14.70
C GLY B 432 10.10 20.65 -14.46
N ALA B 433 10.71 21.49 -15.29
CA ALA B 433 12.13 21.83 -15.16
C ALA B 433 13.04 20.60 -15.06
N ASN B 434 12.60 19.53 -15.71
CA ASN B 434 13.35 18.27 -15.76
C ASN B 434 13.73 17.62 -14.43
N TYR B 435 13.01 17.94 -13.37
CA TYR B 435 13.27 17.37 -12.07
C TYR B 435 13.36 15.85 -12.15
N LYS B 436 14.39 15.31 -11.51
CA LYS B 436 14.63 13.87 -11.46
C LYS B 436 14.65 13.42 -10.01
N PRO B 437 13.47 13.24 -9.39
CA PRO B 437 13.42 12.81 -7.98
C PRO B 437 13.65 11.32 -7.80
N TYR B 438 14.19 10.97 -6.64
CA TYR B 438 14.40 9.58 -6.31
C TYR B 438 14.34 9.55 -4.80
N GLY B 439 13.83 8.45 -4.25
CA GLY B 439 13.72 8.32 -2.82
C GLY B 439 14.06 6.91 -2.43
N GLY B 440 14.55 6.74 -1.20
CA GLY B 440 14.91 5.40 -0.78
C GLY B 440 14.17 4.82 0.40
N THR B 441 14.01 3.51 0.37
CA THR B 441 13.38 2.77 1.46
C THR B 441 13.76 1.34 1.19
N PHE B 442 13.38 0.43 2.09
CA PHE B 442 13.69 -0.99 1.91
C PHE B 442 12.67 -1.52 0.90
N LEU B 443 13.11 -2.32 -0.05
CA LEU B 443 12.24 -2.92 -1.07
C LEU B 443 10.88 -3.42 -0.55
N ASN B 444 10.88 -4.03 0.63
CA ASN B 444 9.66 -4.57 1.23
C ASN B 444 8.65 -3.51 1.63
N PHE B 445 9.13 -2.30 1.84
CA PHE B 445 8.25 -1.24 2.26
C PHE B 445 7.79 -0.29 1.15
N VAL B 446 8.23 -0.56 -0.08
CA VAL B 446 7.79 0.22 -1.23
C VAL B 446 6.30 -0.14 -1.37
N SER B 447 5.93 -1.34 -0.86
CA SER B 447 4.55 -1.85 -0.89
C SER B 447 3.59 -0.94 -0.15
N TYR B 448 4.11 -0.27 0.87
CA TYR B 448 3.31 0.65 1.65
C TYR B 448 2.86 1.80 0.75
N ALA B 449 3.64 2.03 -0.30
CA ALA B 449 3.41 3.10 -1.26
C ALA B 449 2.79 2.69 -2.59
N ALA B 450 2.25 1.47 -2.68
CA ALA B 450 1.66 0.99 -3.94
C ALA B 450 0.56 1.86 -4.54
N GLY B 451 -0.08 2.69 -3.72
CA GLY B 451 -1.11 3.57 -4.25
C GLY B 451 -0.51 4.65 -5.13
N ALA B 452 0.62 5.19 -4.69
CA ALA B 452 1.30 6.21 -5.45
C ALA B 452 2.11 5.63 -6.60
N VAL B 453 2.78 4.50 -6.35
CA VAL B 453 3.61 3.84 -7.36
C VAL B 453 2.79 3.48 -8.62
N ARG B 454 1.59 2.96 -8.42
CA ARG B 454 0.73 2.60 -9.54
C ARG B 454 0.45 3.82 -10.43
N LEU B 455 0.33 4.98 -9.78
CA LEU B 455 0.06 6.24 -10.49
C LEU B 455 1.30 6.77 -11.22
N SER B 456 2.48 6.38 -10.75
CA SER B 456 3.73 6.79 -11.41
C SER B 456 3.72 6.07 -12.78
N ALA B 457 3.23 4.84 -12.76
CA ALA B 457 3.13 3.99 -13.95
C ALA B 457 2.00 4.43 -14.89
N LEU B 458 0.81 4.65 -14.32
CA LEU B 458 -0.37 5.08 -15.10
C LEU B 458 -0.17 6.40 -15.82
N SER B 459 0.42 7.36 -15.12
CA SER B 459 0.64 8.67 -15.71
C SER B 459 1.95 8.82 -16.45
N GLY B 460 2.92 7.97 -16.10
CA GLY B 460 4.22 8.03 -16.73
C GLY B 460 5.15 9.05 -16.09
N HIS B 461 5.18 9.12 -14.76
CA HIS B 461 6.08 10.05 -14.09
C HIS B 461 7.36 9.23 -13.94
N PRO B 462 8.47 9.61 -14.59
CA PRO B 462 9.69 8.81 -14.45
C PRO B 462 10.49 8.96 -13.14
N VAL B 463 9.83 8.67 -12.01
CA VAL B 463 10.45 8.76 -10.69
C VAL B 463 11.30 7.53 -10.39
N ILE B 464 12.25 7.66 -9.47
CA ILE B 464 13.12 6.53 -9.17
C ILE B 464 13.07 6.12 -7.71
N TRP B 465 12.88 4.83 -7.49
CA TRP B 465 12.83 4.26 -6.15
C TRP B 465 14.11 3.46 -5.93
N VAL B 466 14.88 3.85 -4.93
CA VAL B 466 16.13 3.16 -4.61
C VAL B 466 15.75 2.22 -3.47
N ALA B 467 15.29 1.04 -3.88
CA ALA B 467 14.81 0.01 -2.98
C ALA B 467 15.90 -0.93 -2.47
N THR B 468 16.48 -0.65 -1.32
CA THR B 468 17.53 -1.55 -0.84
C THR B 468 16.99 -2.74 -0.07
N HIS B 469 17.90 -3.60 0.41
CA HIS B 469 17.57 -4.80 1.16
C HIS B 469 16.52 -5.64 0.41
N ASP B 470 16.90 -6.03 -0.80
CA ASP B 470 16.03 -6.77 -1.71
C ASP B 470 15.61 -8.23 -1.46
N SER B 471 16.18 -8.90 -0.46
CA SER B 471 15.83 -10.31 -0.24
C SER B 471 16.17 -10.79 1.15
N ILE B 472 16.15 -12.11 1.27
CA ILE B 472 16.51 -12.83 2.48
C ILE B 472 18.00 -12.55 2.79
N GLY B 473 18.69 -11.86 1.87
CA GLY B 473 20.06 -11.46 2.09
C GLY B 473 20.07 -10.44 3.21
N VAL B 474 18.89 -9.92 3.52
CA VAL B 474 18.68 -8.97 4.61
C VAL B 474 19.08 -9.63 5.93
N GLY B 475 18.85 -10.94 6.02
CA GLY B 475 19.25 -11.68 7.21
C GLY B 475 18.40 -11.73 8.47
N GLU B 476 19.03 -11.37 9.59
CA GLU B 476 18.42 -11.39 10.91
C GLU B 476 17.13 -10.62 11.14
N ASP B 477 16.91 -9.56 10.38
CA ASP B 477 15.69 -8.78 10.55
C ASP B 477 14.47 -9.67 10.36
N GLY B 478 14.62 -10.72 9.55
CA GLY B 478 13.54 -11.65 9.36
C GLY B 478 12.49 -11.42 8.28
N PRO B 479 11.48 -12.30 8.25
CA PRO B 479 10.37 -12.27 7.28
C PRO B 479 9.57 -11.00 7.17
N THR B 480 9.42 -10.26 8.26
CA THR B 480 8.68 -9.01 8.21
C THR B 480 9.40 -8.00 7.30
N HIS B 481 10.69 -8.24 7.05
CA HIS B 481 11.50 -7.34 6.22
C HIS B 481 12.01 -7.85 4.91
N GLN B 482 12.04 -9.18 4.75
CA GLN B 482 12.53 -9.80 3.54
C GLN B 482 11.43 -9.92 2.50
N PRO B 483 11.64 -9.32 1.33
CA PRO B 483 10.68 -9.34 0.22
C PRO B 483 10.57 -10.73 -0.39
N ILE B 484 9.36 -11.11 -0.81
CA ILE B 484 9.10 -12.39 -1.45
C ILE B 484 8.23 -12.18 -2.71
N GLU B 485 7.18 -11.40 -2.57
CA GLU B 485 6.22 -11.14 -3.64
C GLU B 485 6.37 -9.81 -4.34
N THR B 486 7.27 -8.98 -3.84
CA THR B 486 7.45 -7.64 -4.36
C THR B 486 7.71 -7.37 -5.81
N LEU B 487 8.73 -8.01 -6.35
CA LEU B 487 9.08 -7.79 -7.75
C LEU B 487 8.04 -8.40 -8.66
N ALA B 488 7.52 -9.57 -8.28
CA ALA B 488 6.49 -10.25 -9.05
C ALA B 488 5.29 -9.28 -9.17
N HIS B 489 4.98 -8.59 -8.08
CA HIS B 489 3.92 -7.59 -8.07
C HIS B 489 4.21 -6.45 -9.08
N PHE B 490 5.31 -5.73 -8.89
CA PHE B 490 5.62 -4.62 -9.79
C PHE B 490 5.90 -4.94 -11.24
N ARG B 491 6.28 -6.18 -11.51
CA ARG B 491 6.54 -6.62 -12.88
C ARG B 491 5.21 -6.99 -13.56
N SER B 492 4.11 -6.95 -12.81
CA SER B 492 2.78 -7.24 -13.35
C SER B 492 2.02 -5.92 -13.56
N LEU B 493 2.66 -4.84 -13.14
CA LEU B 493 2.11 -3.50 -13.29
C LEU B 493 2.68 -2.91 -14.58
N PRO B 494 1.81 -2.43 -15.46
CA PRO B 494 2.28 -1.86 -16.74
C PRO B 494 3.12 -0.59 -16.57
N ASN B 495 4.11 -0.40 -17.45
CA ASN B 495 4.91 0.83 -17.42
C ASN B 495 5.76 1.15 -16.21
N ILE B 496 6.63 0.22 -15.83
CA ILE B 496 7.55 0.44 -14.73
C ILE B 496 8.71 -0.52 -14.87
N GLN B 497 9.92 0.04 -14.86
CA GLN B 497 11.13 -0.76 -14.96
C GLN B 497 11.36 -1.27 -13.55
N VAL B 498 11.75 -2.53 -13.43
CA VAL B 498 12.03 -3.07 -12.10
C VAL B 498 13.41 -3.70 -12.20
N TRP B 499 14.44 -2.86 -12.09
CA TRP B 499 15.85 -3.24 -12.17
C TRP B 499 16.37 -3.96 -10.92
N ARG B 500 17.15 -5.01 -11.12
CA ARG B 500 17.76 -5.79 -10.03
C ARG B 500 19.19 -6.11 -10.50
N PRO B 501 20.04 -5.08 -10.58
CA PRO B 501 21.43 -5.14 -11.02
C PRO B 501 22.28 -6.11 -10.18
N ALA B 502 23.18 -6.81 -10.87
CA ALA B 502 24.05 -7.81 -10.27
C ALA B 502 25.38 -7.29 -9.76
N ASP B 503 25.95 -6.34 -10.48
CA ASP B 503 27.26 -5.79 -10.13
C ASP B 503 27.37 -4.32 -10.47
N GLY B 504 28.57 -3.79 -10.38
CA GLY B 504 28.79 -2.38 -10.64
C GLY B 504 28.33 -1.88 -12.00
N ASN B 505 28.65 -2.64 -13.04
CA ASN B 505 28.28 -2.26 -14.39
C ASN B 505 26.79 -2.30 -14.64
N GLU B 506 26.11 -3.22 -13.96
CA GLU B 506 24.66 -3.30 -14.11
C GLU B 506 23.96 -2.21 -13.33
N VAL B 507 24.59 -1.69 -12.27
CA VAL B 507 23.97 -0.60 -11.52
C VAL B 507 24.03 0.68 -12.34
N SER B 508 25.12 0.84 -13.11
CA SER B 508 25.28 2.02 -13.96
C SER B 508 24.25 2.05 -15.09
N ALA B 509 23.89 0.86 -15.61
CA ALA B 509 22.89 0.73 -16.67
C ALA B 509 21.50 0.95 -16.07
N ALA B 510 21.32 0.52 -14.82
CA ALA B 510 20.07 0.70 -14.12
C ALA B 510 19.84 2.21 -14.05
N TYR B 511 20.85 2.92 -13.59
CA TYR B 511 20.74 4.38 -13.47
C TYR B 511 20.65 5.16 -14.76
N LYS B 512 21.32 4.69 -15.81
CA LYS B 512 21.30 5.36 -17.09
C LYS B 512 19.91 5.25 -17.70
N ASN B 513 19.35 4.05 -17.68
CA ASN B 513 18.03 3.84 -18.25
C ASN B 513 16.94 4.56 -17.47
N SER B 514 17.08 4.56 -16.14
CA SER B 514 16.14 5.21 -15.24
C SER B 514 16.10 6.74 -15.40
N LEU B 515 17.27 7.37 -15.43
CA LEU B 515 17.38 8.82 -15.58
C LEU B 515 17.03 9.31 -16.97
N GLU B 516 17.42 8.54 -17.97
CA GLU B 516 17.10 8.93 -19.34
C GLU B 516 15.61 8.80 -19.64
N SER B 517 14.91 7.97 -18.86
CA SER B 517 13.46 7.75 -19.04
C SER B 517 12.62 9.01 -18.83
N LYS B 518 11.70 9.26 -19.77
CA LYS B 518 10.81 10.42 -19.72
C LYS B 518 9.37 10.08 -19.35
N HIS B 519 8.97 8.81 -19.48
CA HIS B 519 7.59 8.41 -19.19
C HIS B 519 7.43 7.13 -18.37
N THR B 520 8.54 6.57 -17.91
CA THR B 520 8.47 5.32 -17.16
C THR B 520 9.23 5.37 -15.84
N PRO B 521 8.51 5.16 -14.71
CA PRO B 521 9.19 5.18 -13.41
C PRO B 521 10.08 3.96 -13.28
N SER B 522 10.80 3.91 -12.17
CA SER B 522 11.73 2.83 -11.95
C SER B 522 11.91 2.49 -10.48
N ILE B 523 12.28 1.25 -10.25
CA ILE B 523 12.56 0.68 -8.93
C ILE B 523 13.89 -0.08 -9.10
N ILE B 524 14.90 0.30 -8.34
CA ILE B 524 16.21 -0.35 -8.42
C ILE B 524 16.37 -1.12 -7.11
N ALA B 525 16.22 -2.45 -7.19
CA ALA B 525 16.34 -3.35 -6.06
C ALA B 525 17.82 -3.62 -5.82
N LEU B 526 18.32 -3.15 -4.68
CA LEU B 526 19.73 -3.25 -4.32
C LEU B 526 19.98 -4.21 -3.14
N SER B 527 21.09 -4.95 -3.17
CA SER B 527 21.39 -5.88 -2.08
C SER B 527 21.99 -5.22 -0.85
N ARG B 528 21.92 -5.93 0.28
CA ARG B 528 22.51 -5.45 1.52
C ARG B 528 23.93 -6.00 1.51
N GLN B 529 24.01 -7.30 1.20
CA GLN B 529 25.24 -8.09 1.12
C GLN B 529 26.17 -7.80 -0.09
N ASN B 530 27.44 -8.21 0.04
CA ASN B 530 28.45 -8.02 -1.00
C ASN B 530 28.27 -9.04 -2.11
N LEU B 531 28.36 -8.54 -3.33
CA LEU B 531 28.25 -9.33 -4.54
C LEU B 531 29.52 -8.95 -5.28
N PRO B 532 30.17 -9.90 -5.97
CA PRO B 532 31.40 -9.55 -6.70
C PRO B 532 31.12 -8.96 -8.08
N GLN B 533 32.20 -8.54 -8.76
CA GLN B 533 32.14 -7.98 -10.12
C GLN B 533 32.17 -9.16 -11.08
N LEU B 534 31.22 -9.18 -12.02
CA LEU B 534 31.11 -10.26 -12.98
C LEU B 534 32.01 -10.05 -14.20
N GLU B 535 32.53 -11.15 -14.74
CA GLU B 535 33.37 -11.05 -15.94
C GLU B 535 32.39 -11.24 -17.09
N GLY B 536 32.05 -10.14 -17.75
CA GLY B 536 31.14 -10.25 -18.88
C GLY B 536 30.02 -9.25 -18.86
N SER B 537 29.90 -8.51 -17.77
CA SER B 537 28.87 -7.51 -17.67
C SER B 537 29.35 -6.21 -18.27
N SER B 538 28.41 -5.30 -18.50
CA SER B 538 28.75 -4.01 -19.04
C SER B 538 27.50 -3.17 -19.07
N ILE B 539 27.72 -1.86 -19.16
CA ILE B 539 26.62 -0.92 -19.21
C ILE B 539 25.85 -1.17 -20.49
N GLU B 540 26.56 -1.22 -21.62
CA GLU B 540 25.93 -1.43 -22.92
C GLU B 540 25.00 -2.64 -22.95
N SER B 541 25.51 -3.79 -22.51
CA SER B 541 24.68 -4.99 -22.49
C SER B 541 23.59 -4.92 -21.43
N ALA B 542 23.93 -4.48 -20.22
CA ALA B 542 22.94 -4.40 -19.16
C ALA B 542 21.80 -3.47 -19.55
N SER B 543 22.13 -2.45 -20.34
CA SER B 543 21.13 -1.50 -20.78
C SER B 543 20.03 -2.13 -21.63
N LYS B 544 20.26 -3.31 -22.20
CA LYS B 544 19.22 -3.95 -23.01
C LYS B 544 18.23 -4.76 -22.17
N GLY B 545 18.38 -4.70 -20.85
CA GLY B 545 17.47 -5.40 -19.97
C GLY B 545 17.80 -6.85 -19.74
N GLY B 546 18.42 -7.48 -20.72
CA GLY B 546 18.78 -8.88 -20.60
C GLY B 546 19.87 -9.23 -21.59
N TYR B 547 20.86 -10.00 -21.18
CA TYR B 547 21.94 -10.36 -22.08
C TYR B 547 22.61 -11.67 -21.70
N VAL B 548 23.37 -12.24 -22.64
CA VAL B 548 24.09 -13.48 -22.40
C VAL B 548 25.38 -13.06 -21.69
N LEU B 549 25.46 -13.39 -20.41
CA LEU B 549 26.63 -13.04 -19.60
C LEU B 549 27.83 -13.94 -19.90
N GLN B 550 27.59 -15.25 -20.01
CA GLN B 550 28.61 -16.24 -20.32
C GLN B 550 28.00 -17.14 -21.36
N ASP B 551 28.73 -17.45 -22.41
CA ASP B 551 28.20 -18.28 -23.48
C ASP B 551 29.01 -19.54 -23.73
N VAL B 552 28.37 -20.54 -24.32
CA VAL B 552 29.03 -21.79 -24.66
C VAL B 552 28.39 -22.26 -25.94
N ALA B 553 29.09 -23.12 -26.65
CA ALA B 553 28.55 -23.67 -27.87
C ALA B 553 27.70 -24.86 -27.46
N ASN B 554 26.46 -24.90 -27.95
CA ASN B 554 25.52 -25.96 -27.67
C ASN B 554 25.31 -26.17 -26.18
N PRO B 555 24.74 -25.16 -25.49
CA PRO B 555 24.53 -25.31 -24.07
C PRO B 555 23.55 -26.45 -23.84
N ASP B 556 23.68 -27.11 -22.69
CA ASP B 556 22.78 -28.19 -22.31
C ASP B 556 21.63 -27.56 -21.55
N ILE B 557 21.83 -26.32 -21.11
CA ILE B 557 20.82 -25.62 -20.36
C ILE B 557 21.19 -24.14 -20.32
N ILE B 558 20.18 -23.29 -20.19
CA ILE B 558 20.39 -21.85 -20.07
C ILE B 558 19.98 -21.49 -18.63
N LEU B 559 20.85 -20.84 -17.89
CA LEU B 559 20.51 -20.43 -16.54
C LEU B 559 20.20 -18.94 -16.58
N VAL B 560 18.96 -18.56 -16.26
CA VAL B 560 18.58 -17.15 -16.23
C VAL B 560 18.48 -16.69 -14.79
N ALA B 561 19.19 -15.62 -14.45
CA ALA B 561 19.20 -15.11 -13.09
C ALA B 561 19.13 -13.59 -13.05
N THR B 562 18.91 -13.05 -11.87
CA THR B 562 18.87 -11.60 -11.68
C THR B 562 19.59 -11.31 -10.37
N GLY B 563 19.95 -10.05 -10.16
CA GLY B 563 20.61 -9.62 -8.94
C GLY B 563 21.66 -10.54 -8.32
N SER B 564 21.53 -10.81 -7.04
CA SER B 564 22.49 -11.65 -6.33
C SER B 564 22.64 -13.10 -6.82
N GLU B 565 21.70 -13.58 -7.62
CA GLU B 565 21.73 -14.95 -8.11
C GLU B 565 22.53 -15.18 -9.39
N VAL B 566 22.94 -14.11 -10.04
CA VAL B 566 23.72 -14.25 -11.27
C VAL B 566 25.05 -14.87 -10.90
N SER B 567 25.71 -14.31 -9.88
CA SER B 567 26.99 -14.85 -9.45
C SER B 567 26.86 -16.31 -9.04
N LEU B 568 25.87 -16.64 -8.22
CA LEU B 568 25.61 -18.01 -7.79
C LEU B 568 25.48 -18.90 -9.03
N SER B 569 24.72 -18.44 -10.02
CA SER B 569 24.51 -19.19 -11.27
C SER B 569 25.83 -19.39 -12.00
N VAL B 570 26.65 -18.35 -11.95
CA VAL B 570 27.96 -18.37 -12.56
C VAL B 570 28.76 -19.48 -11.88
N GLU B 571 28.61 -19.60 -10.57
CA GLU B 571 29.29 -20.63 -9.81
C GLU B 571 28.69 -22.01 -10.09
N ALA B 572 27.37 -22.08 -10.23
CA ALA B 572 26.74 -23.37 -10.51
C ALA B 572 27.20 -23.91 -11.85
N ALA B 573 27.43 -23.00 -12.80
CA ALA B 573 27.88 -23.36 -14.14
C ALA B 573 29.28 -23.93 -14.10
N LYS B 574 30.10 -23.44 -13.18
CA LYS B 574 31.48 -23.91 -13.01
C LYS B 574 31.42 -25.36 -12.51
N THR B 575 30.51 -25.60 -11.58
CA THR B 575 30.33 -26.92 -11.04
C THR B 575 29.79 -27.84 -12.13
N LEU B 576 28.91 -27.32 -12.99
CA LEU B 576 28.35 -28.13 -14.07
C LEU B 576 29.39 -28.45 -15.14
N ALA B 577 30.30 -27.51 -15.40
CA ALA B 577 31.35 -27.70 -16.41
C ALA B 577 32.20 -28.89 -16.02
N ALA B 578 32.46 -29.00 -14.72
CA ALA B 578 33.25 -30.09 -14.19
C ALA B 578 32.65 -31.45 -14.53
N LYS B 579 31.33 -31.52 -14.64
CA LYS B 579 30.65 -32.78 -14.99
C LYS B 579 30.33 -32.79 -16.48
N ASN B 580 31.03 -31.92 -17.20
CA ASN B 580 30.89 -31.72 -18.64
C ASN B 580 29.50 -31.38 -19.18
N ILE B 581 28.81 -30.52 -18.43
CA ILE B 581 27.51 -30.03 -18.83
C ILE B 581 27.74 -28.55 -19.14
N LYS B 582 27.37 -28.15 -20.36
CA LYS B 582 27.55 -26.76 -20.77
C LYS B 582 26.34 -25.90 -20.47
N ALA B 583 26.55 -24.89 -19.63
CA ALA B 583 25.50 -23.96 -19.25
C ALA B 583 25.80 -22.55 -19.72
N ARG B 584 24.87 -21.95 -20.44
CA ARG B 584 25.05 -20.56 -20.83
C ARG B 584 24.38 -19.84 -19.66
N VAL B 585 24.94 -18.71 -19.23
CA VAL B 585 24.35 -17.97 -18.13
C VAL B 585 23.91 -16.60 -18.60
N VAL B 586 22.61 -16.36 -18.49
CA VAL B 586 21.98 -15.12 -18.92
C VAL B 586 21.59 -14.26 -17.74
N SER B 587 21.79 -12.96 -17.89
CA SER B 587 21.43 -12.02 -16.85
C SER B 587 20.24 -11.19 -17.31
N LEU B 588 19.27 -11.00 -16.42
CA LEU B 588 18.06 -10.24 -16.74
C LEU B 588 17.81 -9.11 -15.75
N PRO B 589 18.65 -8.05 -15.75
CA PRO B 589 18.39 -6.98 -14.76
C PRO B 589 17.06 -6.24 -14.84
N ASP B 590 16.36 -6.31 -15.98
CA ASP B 590 15.04 -5.66 -16.09
C ASP B 590 14.08 -6.30 -17.13
N PHE B 591 12.98 -6.87 -16.63
CA PHE B 591 11.97 -7.50 -17.49
C PHE B 591 11.50 -6.48 -18.52
N PHE B 592 11.06 -5.33 -18.00
CA PHE B 592 10.58 -4.23 -18.82
C PHE B 592 11.45 -3.87 -20.01
N THR B 593 12.69 -3.51 -19.71
CA THR B 593 13.65 -3.10 -20.72
C THR B 593 13.90 -4.19 -21.74
N PHE B 594 14.06 -5.41 -21.25
CA PHE B 594 14.30 -6.55 -22.11
C PHE B 594 13.11 -6.78 -23.05
N ASP B 595 11.90 -6.75 -22.51
CA ASP B 595 10.71 -6.94 -23.30
C ASP B 595 10.53 -5.92 -24.41
N LYS B 596 11.12 -4.75 -24.20
CA LYS B 596 11.01 -3.71 -25.20
C LYS B 596 11.96 -3.94 -26.37
N GLN B 597 12.88 -4.89 -26.22
CA GLN B 597 13.82 -5.18 -27.30
C GLN B 597 13.10 -5.93 -28.41
N PRO B 598 13.67 -5.89 -29.62
CA PRO B 598 13.14 -6.55 -30.82
C PRO B 598 13.15 -8.07 -30.63
N LEU B 599 12.08 -8.74 -31.09
CA LEU B 599 11.96 -10.19 -30.93
C LEU B 599 13.27 -10.94 -31.19
N GLU B 600 13.89 -10.66 -32.33
CA GLU B 600 15.15 -11.31 -32.73
C GLU B 600 16.23 -11.29 -31.67
N TYR B 601 16.30 -10.20 -30.92
CA TYR B 601 17.30 -10.11 -29.87
C TYR B 601 16.86 -11.01 -28.73
N ARG B 602 15.63 -10.82 -28.28
CA ARG B 602 15.13 -11.61 -27.17
C ARG B 602 15.22 -13.10 -27.44
N LEU B 603 14.93 -13.51 -28.68
CA LEU B 603 15.03 -14.92 -29.04
C LEU B 603 16.46 -15.36 -29.21
N SER B 604 17.38 -14.40 -29.24
CA SER B 604 18.76 -14.82 -29.36
C SER B 604 19.26 -15.03 -27.93
N VAL B 605 18.62 -14.38 -26.97
CA VAL B 605 19.02 -14.56 -25.57
C VAL B 605 18.32 -15.80 -25.00
N LEU B 606 17.05 -16.00 -25.37
CA LEU B 606 16.28 -17.14 -24.88
C LEU B 606 15.74 -17.93 -26.05
N PRO B 607 16.56 -18.80 -26.61
CA PRO B 607 16.14 -19.59 -27.76
C PRO B 607 15.33 -20.87 -27.54
N ASP B 608 15.02 -21.48 -28.68
CA ASP B 608 14.31 -22.75 -28.73
C ASP B 608 15.31 -23.87 -28.58
N ASN B 609 14.77 -25.05 -28.28
CA ASN B 609 15.53 -26.27 -28.14
C ASN B 609 16.54 -26.33 -27.00
N VAL B 610 16.36 -25.54 -25.94
CA VAL B 610 17.29 -25.58 -24.81
C VAL B 610 16.47 -25.36 -23.55
N PRO B 611 16.59 -26.24 -22.53
CA PRO B 611 15.80 -26.04 -21.31
C PRO B 611 16.31 -24.76 -20.68
N ILE B 612 15.40 -23.94 -20.15
CA ILE B 612 15.80 -22.70 -19.51
C ILE B 612 15.29 -22.76 -18.08
N MET B 613 16.18 -22.57 -17.12
CA MET B 613 15.79 -22.60 -15.72
C MET B 613 16.19 -21.27 -15.07
N SER B 614 15.24 -20.61 -14.41
CA SER B 614 15.53 -19.32 -13.76
C SER B 614 16.00 -19.49 -12.31
N VAL B 615 16.70 -18.49 -11.79
CA VAL B 615 17.26 -18.51 -10.44
C VAL B 615 17.13 -17.14 -9.76
N GLU B 616 16.25 -17.07 -8.77
CA GLU B 616 16.00 -15.83 -8.04
C GLU B 616 15.32 -16.14 -6.69
N VAL B 617 15.91 -15.67 -5.61
CA VAL B 617 15.41 -15.90 -4.24
C VAL B 617 14.10 -15.18 -3.85
N LEU B 618 13.15 -15.11 -4.78
CA LEU B 618 11.85 -14.49 -4.51
C LEU B 618 10.79 -15.32 -5.24
N ALA B 619 9.55 -14.81 -5.29
CA ALA B 619 8.42 -15.46 -5.95
C ALA B 619 8.74 -16.02 -7.34
N THR B 620 8.28 -17.23 -7.64
CA THR B 620 8.53 -17.85 -8.95
C THR B 620 7.37 -17.58 -9.91
N THR B 621 6.27 -17.08 -9.36
CA THR B 621 5.05 -16.83 -10.10
C THR B 621 5.13 -16.00 -11.39
N CYS B 622 6.20 -15.23 -11.58
CA CYS B 622 6.29 -14.40 -12.77
C CYS B 622 7.27 -14.91 -13.84
N TRP B 623 8.03 -15.93 -13.47
CA TRP B 623 9.06 -16.50 -14.34
C TRP B 623 8.69 -17.36 -15.52
N GLY B 624 7.46 -17.84 -15.56
CA GLY B 624 7.03 -18.66 -16.67
C GLY B 624 7.10 -17.98 -18.03
N LYS B 625 7.38 -16.68 -18.11
CA LYS B 625 7.47 -16.05 -19.42
C LYS B 625 8.85 -16.14 -20.06
N TYR B 626 9.84 -16.53 -19.28
CA TYR B 626 11.19 -16.65 -19.82
C TYR B 626 11.80 -18.01 -19.57
N ALA B 627 11.30 -18.71 -18.57
CA ALA B 627 11.87 -19.99 -18.19
C ALA B 627 10.94 -21.20 -18.23
N HIS B 628 11.54 -22.38 -18.40
CA HIS B 628 10.83 -23.66 -18.45
C HIS B 628 10.59 -24.16 -17.01
N GLN B 629 11.62 -24.04 -16.18
CA GLN B 629 11.57 -24.45 -14.78
C GLN B 629 12.14 -23.29 -13.96
N SER B 630 11.70 -23.17 -12.71
CA SER B 630 12.16 -22.06 -11.89
C SER B 630 12.61 -22.44 -10.49
N PHE B 631 13.75 -21.93 -10.08
CA PHE B 631 14.24 -22.19 -8.74
C PHE B 631 14.08 -20.84 -8.00
N GLY B 632 13.06 -20.74 -7.14
CA GLY B 632 12.80 -19.52 -6.40
C GLY B 632 12.29 -19.78 -4.99
N ILE B 633 11.72 -18.78 -4.32
CA ILE B 633 11.19 -18.98 -2.97
C ILE B 633 9.71 -18.59 -2.91
N ASP B 634 8.82 -19.58 -2.83
CA ASP B 634 7.40 -19.26 -2.73
C ASP B 634 6.85 -19.41 -1.31
N ARG B 635 7.56 -18.85 -0.34
CA ARG B 635 7.14 -18.89 1.07
C ARG B 635 7.92 -17.80 1.77
N PHE B 636 7.45 -17.33 2.93
CA PHE B 636 8.15 -16.26 3.63
C PHE B 636 9.55 -16.66 4.09
N GLY B 637 10.37 -15.68 4.41
CA GLY B 637 11.74 -15.96 4.85
C GLY B 637 12.00 -16.47 6.24
N ALA B 638 13.20 -16.14 6.73
CA ALA B 638 13.64 -16.57 8.05
C ALA B 638 14.63 -15.60 8.69
N SER B 639 14.62 -15.57 10.01
CA SER B 639 15.52 -14.72 10.77
C SER B 639 16.76 -15.56 11.05
N GLY B 640 17.85 -15.22 10.40
CA GLY B 640 19.09 -15.95 10.58
C GLY B 640 20.16 -15.19 9.83
N LYS B 641 21.41 -15.61 9.98
CA LYS B 641 22.48 -14.94 9.27
C LYS B 641 22.23 -15.22 7.79
N ALA B 642 22.32 -14.18 6.97
CA ALA B 642 22.07 -14.31 5.54
C ALA B 642 22.67 -15.53 4.85
N PRO B 643 23.97 -15.82 5.08
CA PRO B 643 24.54 -17.00 4.41
C PRO B 643 23.78 -18.27 4.77
N GLU B 644 23.37 -18.36 6.02
CA GLU B 644 22.63 -19.52 6.51
C GLU B 644 21.21 -19.58 5.96
N VAL B 645 20.57 -18.43 5.79
CA VAL B 645 19.22 -18.43 5.25
C VAL B 645 19.24 -18.88 3.79
N PHE B 646 20.28 -18.50 3.04
CA PHE B 646 20.41 -18.91 1.64
C PHE B 646 20.61 -20.41 1.52
N LYS B 647 21.48 -20.96 2.37
CA LYS B 647 21.77 -22.39 2.43
C LYS B 647 20.50 -23.17 2.76
N PHE B 648 19.79 -22.67 3.75
CA PHE B 648 18.53 -23.24 4.21
C PHE B 648 17.51 -23.33 3.09
N PHE B 649 17.53 -22.36 2.18
CA PHE B 649 16.59 -22.34 1.07
C PHE B 649 17.13 -23.08 -0.15
N GLY B 650 18.33 -23.63 -0.04
CA GLY B 650 18.95 -24.38 -1.13
C GLY B 650 19.75 -23.58 -2.11
N PHE B 651 19.86 -22.27 -1.89
CA PHE B 651 20.61 -21.43 -2.79
C PHE B 651 22.10 -21.45 -2.61
N THR B 652 22.67 -22.60 -2.95
CA THR B 652 24.12 -22.83 -2.91
C THR B 652 24.47 -23.21 -4.34
N PRO B 653 25.74 -23.04 -4.76
CA PRO B 653 26.17 -23.38 -6.12
C PRO B 653 25.74 -24.78 -6.53
N GLU B 654 26.16 -25.77 -5.75
CA GLU B 654 25.81 -27.16 -6.01
C GLU B 654 24.31 -27.41 -5.92
N GLY B 655 23.61 -26.60 -5.11
CA GLY B 655 22.17 -26.72 -4.98
C GLY B 655 21.52 -26.33 -6.30
N VAL B 656 22.04 -25.28 -6.93
CA VAL B 656 21.53 -24.81 -8.22
C VAL B 656 21.93 -25.81 -9.32
N ALA B 657 23.17 -26.28 -9.27
CA ALA B 657 23.70 -27.23 -10.25
C ALA B 657 22.85 -28.51 -10.30
N GLU B 658 22.49 -29.00 -9.13
CA GLU B 658 21.69 -30.20 -8.99
C GLU B 658 20.36 -30.02 -9.73
N ARG B 659 19.74 -28.87 -9.51
CA ARG B 659 18.48 -28.55 -10.14
C ARG B 659 18.59 -28.41 -11.65
N ALA B 660 19.73 -27.93 -12.13
CA ALA B 660 19.93 -27.80 -13.57
C ALA B 660 20.02 -29.23 -14.14
N GLN B 661 20.76 -30.09 -13.43
CA GLN B 661 20.91 -31.50 -13.82
C GLN B 661 19.57 -32.21 -13.91
N LYS B 662 18.68 -31.91 -12.96
CA LYS B 662 17.35 -32.51 -12.92
C LYS B 662 16.48 -31.99 -14.10
N THR B 663 16.65 -30.72 -14.47
CA THR B 663 15.91 -30.10 -15.57
C THR B 663 16.33 -30.72 -16.91
N ILE B 664 17.62 -30.99 -17.04
CA ILE B 664 18.17 -31.58 -18.24
C ILE B 664 17.60 -33.00 -18.39
N ALA B 665 17.68 -33.79 -17.33
CA ALA B 665 17.17 -35.15 -17.36
C ALA B 665 15.68 -35.17 -17.70
N PHE B 666 14.93 -34.30 -17.04
CA PHE B 666 13.48 -34.19 -17.21
C PHE B 666 13.08 -33.94 -18.66
N TYR B 667 13.84 -33.08 -19.33
CA TYR B 667 13.56 -32.73 -20.69
C TYR B 667 14.31 -33.52 -21.75
N LYS B 668 15.32 -34.30 -21.33
CA LYS B 668 16.13 -35.08 -22.25
C LYS B 668 15.27 -35.88 -23.22
N GLY B 669 15.33 -35.50 -24.49
CA GLY B 669 14.55 -36.20 -25.49
C GLY B 669 13.40 -35.40 -26.07
N ASP B 670 12.96 -34.36 -25.36
CA ASP B 670 11.86 -33.52 -25.82
C ASP B 670 12.39 -32.36 -26.65
N LYS B 671 11.57 -31.88 -27.58
CA LYS B 671 11.99 -30.74 -28.36
C LYS B 671 11.39 -29.57 -27.59
N LEU B 672 12.19 -28.55 -27.32
CA LEU B 672 11.73 -27.40 -26.53
C LEU B 672 11.61 -26.11 -27.29
N ILE B 673 10.59 -25.34 -26.93
CA ILE B 673 10.27 -24.04 -27.52
C ILE B 673 10.55 -22.95 -26.51
N SER B 674 11.17 -21.87 -26.95
CA SER B 674 11.47 -20.78 -26.05
C SER B 674 10.13 -20.20 -25.53
N PRO B 675 10.08 -19.93 -24.22
CA PRO B 675 8.88 -19.37 -23.58
C PRO B 675 8.40 -18.05 -24.22
N LEU B 676 9.29 -17.34 -24.89
CA LEU B 676 8.95 -16.06 -25.53
C LEU B 676 7.93 -16.15 -26.65
N LYS B 677 7.89 -17.30 -27.31
CA LYS B 677 6.99 -17.51 -28.43
C LYS B 677 5.52 -17.60 -28.04
N LYS B 678 4.75 -16.73 -28.68
CA LYS B 678 3.34 -16.61 -28.45
C LYS B 678 2.57 -17.01 -29.72
N ALA B 679 1.41 -17.62 -29.53
CA ALA B 679 0.54 -18.10 -30.61
C ALA B 679 -0.32 -17.02 -31.24
N PHE B 680 -0.71 -16.02 -30.45
CA PHE B 680 -1.53 -14.93 -30.94
C PHE B 680 -1.00 -13.51 -30.83
#